data_8VCS
#
_entry.id   8VCS
#
_cell.length_a   63.908
_cell.length_b   77.871
_cell.length_c   155.796
_cell.angle_alpha   90.000
_cell.angle_beta   90.050
_cell.angle_gamma   90.000
#
_symmetry.space_group_name_H-M   'P 1 21 1'
#
loop_
_entity.id
_entity.type
_entity.pdbx_description
1 polymer 'Galactose-binding lectin'
2 branched beta-D-galactopyranose-(1-4)-alpha-D-glucopyranose
3 non-polymer beta-D-galactopyranose
4 non-polymer 'CALCIUM ION'
5 water water
#
_entity_poly.entity_id   1
_entity_poly.type   'polypeptide(L)'
_entity_poly.pdbx_seq_one_letter_code
;GHMTTFLIKHKASGKFLHPKGGSSNPANDTNLVLHSDIHERMYFQFDVVDERWGYIKHAASGKIVHPLGGKADPPNETKL
VLHQDRHDRALFAMDFFNDNIIHKAGKYIHPKGGSTNPPNETLTVMHGDKHKAMEFIFVSPKDKDKRVLVYV
;
_entity_poly.pdbx_strand_id   A,B,C,D,E,F,G,H
#
loop_
_chem_comp.id
_chem_comp.type
_chem_comp.name
_chem_comp.formula
CA non-polymer 'CALCIUM ION' 'Ca 2'
GAL D-saccharide, beta linking beta-D-galactopyranose 'C6 H12 O6'
GLC D-saccharide, alpha linking alpha-D-glucopyranose 'C6 H12 O6'
#
# COMPACT_ATOMS: atom_id res chain seq x y z
N MET A 3 -4.19 42.26 -14.66
CA MET A 3 -3.14 41.33 -15.12
C MET A 3 -2.61 41.76 -16.51
N THR A 4 -1.31 41.97 -16.59
CA THR A 4 -0.66 42.30 -17.86
C THR A 4 -1.08 41.39 -19.00
N THR A 5 -1.50 42.00 -20.09
CA THR A 5 -1.76 41.32 -21.35
C THR A 5 -0.61 41.63 -22.30
N PHE A 6 -0.23 40.66 -23.11
CA PHE A 6 0.95 40.84 -23.94
C PHE A 6 0.82 39.99 -25.19
N LEU A 7 1.68 40.27 -26.16
CA LEU A 7 1.86 39.48 -27.35
C LEU A 7 3.15 38.67 -27.21
N ILE A 8 3.13 37.43 -27.69
CA ILE A 8 4.31 36.58 -27.69
C ILE A 8 4.92 36.68 -29.09
N LYS A 9 6.01 37.43 -29.21
CA LYS A 9 6.60 37.74 -30.51
C LYS A 9 7.85 36.90 -30.74
N HIS A 10 7.86 36.19 -31.88
CA HIS A 10 9.05 35.48 -32.32
C HIS A 10 10.10 36.52 -32.68
N LYS A 11 11.21 36.53 -31.94
CA LYS A 11 12.11 37.68 -32.01
C LYS A 11 12.68 37.86 -33.43
N ALA A 12 13.10 36.76 -34.07
CA ALA A 12 13.81 36.84 -35.34
C ALA A 12 12.89 37.28 -36.48
N SER A 13 11.63 36.90 -36.45
CA SER A 13 10.74 37.16 -37.58
C SER A 13 9.74 38.26 -37.32
N GLY A 14 9.44 38.56 -36.05
CA GLY A 14 8.38 39.47 -35.72
C GLY A 14 6.99 38.91 -35.85
N LYS A 15 6.85 37.64 -36.22
CA LYS A 15 5.54 37.03 -36.14
C LYS A 15 5.20 36.77 -34.68
N PHE A 16 3.96 36.38 -34.45
CA PHE A 16 3.42 36.23 -33.11
C PHE A 16 2.82 34.84 -32.98
N LEU A 17 2.77 34.33 -31.76
CA LEU A 17 2.06 33.08 -31.50
C LEU A 17 0.56 33.31 -31.57
N HIS A 18 -0.15 32.42 -32.28
CA HIS A 18 -1.60 32.49 -32.45
C HIS A 18 -2.16 31.10 -32.17
N PRO A 19 -3.45 30.99 -31.81
CA PRO A 19 -4.14 29.71 -31.83
C PRO A 19 -4.48 29.50 -33.32
N LYS A 20 -4.13 28.35 -33.88
CA LYS A 20 -4.33 28.05 -35.32
C LYS A 20 -5.81 28.22 -35.67
N GLY A 21 -6.15 29.26 -36.42
CA GLY A 21 -7.52 29.57 -36.78
C GLY A 21 -8.03 30.88 -36.22
N GLY A 22 -7.39 31.40 -35.18
CA GLY A 22 -7.79 32.70 -34.68
C GLY A 22 -9.10 32.76 -33.93
N SER A 23 -9.58 31.65 -33.39
CA SER A 23 -10.88 31.69 -32.73
C SER A 23 -10.74 32.31 -31.34
N SER A 24 -11.88 32.75 -30.80
CA SER A 24 -11.93 33.33 -29.46
C SER A 24 -12.13 32.29 -28.38
N ASN A 25 -12.50 31.08 -28.76
CA ASN A 25 -12.74 29.92 -27.90
C ASN A 25 -12.26 28.67 -28.62
N PRO A 26 -10.97 28.58 -28.94
CA PRO A 26 -10.48 27.38 -29.62
C PRO A 26 -10.74 26.14 -28.78
N ALA A 27 -11.09 25.06 -29.47
CA ALA A 27 -11.30 23.80 -28.79
C ALA A 27 -10.01 23.30 -28.19
N ASN A 28 -10.16 22.44 -27.20
CA ASN A 28 -9.02 21.74 -26.64
C ASN A 28 -8.19 21.12 -27.74
N ASP A 29 -6.87 21.23 -27.57
CA ASP A 29 -5.87 20.66 -28.45
C ASP A 29 -5.69 21.40 -29.78
N THR A 30 -6.20 22.64 -29.88
CA THR A 30 -5.89 23.50 -31.02
C THR A 30 -4.41 23.83 -31.04
N ASN A 31 -3.79 23.69 -32.21
CA ASN A 31 -2.37 23.97 -32.35
C ASN A 31 -2.05 25.45 -32.18
N LEU A 32 -0.90 25.71 -31.58
CA LEU A 32 -0.34 27.05 -31.55
C LEU A 32 0.59 27.24 -32.74
N VAL A 33 0.38 28.31 -33.50
CA VAL A 33 1.14 28.59 -34.71
C VAL A 33 1.66 30.03 -34.66
N LEU A 34 2.54 30.33 -35.62
CA LEU A 34 3.06 31.67 -35.82
C LEU A 34 2.29 32.35 -36.94
N HIS A 35 1.83 33.57 -36.70
CA HIS A 35 1.22 34.40 -37.72
C HIS A 35 1.61 35.85 -37.44
N SER A 36 1.77 36.63 -38.50
CA SER A 36 2.21 38.04 -38.41
C SER A 36 1.13 39.00 -37.88
N ASP A 37 -0.14 38.64 -37.98
CA ASP A 37 -1.23 39.57 -37.60
C ASP A 37 -1.35 39.82 -36.10
N ILE A 38 -1.89 40.97 -35.76
CA ILE A 38 -2.15 41.34 -34.35
C ILE A 38 -3.66 41.56 -34.17
N HIS A 39 -4.22 40.90 -33.19
CA HIS A 39 -5.66 41.02 -32.86
C HIS A 39 -5.91 40.43 -31.47
N GLU A 40 -7.09 40.69 -30.92
CA GLU A 40 -7.42 40.30 -29.53
C GLU A 40 -7.41 38.79 -29.34
N ARG A 41 -7.50 38.02 -30.41
CA ARG A 41 -7.50 36.58 -30.22
C ARG A 41 -6.11 35.96 -30.26
N MET A 42 -5.08 36.79 -30.25
CA MET A 42 -3.72 36.31 -30.02
C MET A 42 -3.08 36.99 -28.81
N TYR A 43 -3.88 37.67 -27.98
CA TYR A 43 -3.38 38.21 -26.73
C TYR A 43 -3.21 37.08 -25.73
N PHE A 44 -2.15 37.15 -24.94
CA PHE A 44 -1.90 36.18 -23.88
C PHE A 44 -1.75 36.85 -22.52
N GLN A 45 -1.92 36.05 -21.49
CA GLN A 45 -1.66 36.46 -20.12
C GLN A 45 -0.81 35.36 -19.47
N PHE A 46 -0.22 35.66 -18.31
CA PHE A 46 0.59 34.68 -17.60
C PHE A 46 0.14 34.64 -16.14
N ASP A 47 -0.28 33.46 -15.68
CA ASP A 47 -0.70 33.29 -14.29
C ASP A 47 0.40 32.55 -13.54
N VAL A 48 1.11 33.28 -12.68
CA VAL A 48 2.16 32.69 -11.87
C VAL A 48 1.58 31.66 -10.93
N VAL A 49 2.26 30.52 -10.85
CA VAL A 49 1.86 29.41 -9.98
C VAL A 49 2.86 29.21 -8.86
N ASP A 50 4.15 29.16 -9.22
CA ASP A 50 5.19 28.87 -8.20
C ASP A 50 6.50 29.55 -8.64
N GLU A 51 6.72 30.75 -8.11
CA GLU A 51 7.94 31.54 -8.44
C GLU A 51 7.97 31.75 -9.98
N ARG A 52 8.97 31.22 -10.66
CA ARG A 52 9.03 31.40 -12.15
C ARG A 52 7.95 30.63 -12.93
N TRP A 53 7.36 29.59 -12.35
CA TRP A 53 6.46 28.70 -13.13
C TRP A 53 5.02 29.15 -13.17
N GLY A 54 4.42 29.03 -14.34
CA GLY A 54 2.99 29.32 -14.43
C GLY A 54 2.38 28.86 -15.72
N TYR A 55 1.15 29.32 -15.95
CA TYR A 55 0.36 28.97 -17.12
C TYR A 55 0.35 30.12 -18.11
N ILE A 56 0.58 29.81 -19.37
CA ILE A 56 0.48 30.78 -20.44
C ILE A 56 -0.95 30.71 -20.94
N LYS A 57 -1.68 31.81 -20.83
CA LYS A 57 -3.12 31.76 -20.97
C LYS A 57 -3.55 32.57 -22.17
N HIS A 58 -4.35 31.94 -23.02
CA HIS A 58 -4.98 32.63 -24.13
C HIS A 58 -6.05 33.54 -23.57
N ALA A 59 -5.88 34.86 -23.78
CA ALA A 59 -6.70 35.82 -23.06
C ALA A 59 -8.18 35.67 -23.41
N ALA A 60 -8.49 35.46 -24.69
CA ALA A 60 -9.88 35.49 -25.13
C ALA A 60 -10.68 34.29 -24.65
N SER A 61 -10.04 33.12 -24.47
CA SER A 61 -10.76 31.91 -24.14
C SER A 61 -10.51 31.37 -22.74
N GLY A 62 -9.44 31.80 -22.08
CA GLY A 62 -9.00 31.27 -20.81
C GLY A 62 -8.28 29.93 -20.86
N LYS A 63 -8.15 29.33 -22.03
CA LYS A 63 -7.40 28.09 -22.21
C LYS A 63 -5.90 28.36 -22.14
N ILE A 64 -5.14 27.37 -21.67
CA ILE A 64 -3.70 27.54 -21.50
C ILE A 64 -2.91 26.63 -22.44
N VAL A 65 -1.63 26.95 -22.60
CA VAL A 65 -0.70 26.23 -23.51
C VAL A 65 -0.31 24.91 -22.85
N HIS A 66 -0.34 23.82 -23.60
CA HIS A 66 0.07 22.50 -23.08
C HIS A 66 0.91 21.74 -24.09
N PRO A 67 1.87 20.92 -23.68
CA PRO A 67 2.52 20.00 -24.58
C PRO A 67 1.41 18.98 -24.91
N LEU A 68 1.22 18.70 -26.18
CA LEU A 68 0.20 17.78 -26.65
C LEU A 68 0.40 16.41 -26.01
N GLY A 69 -0.63 15.86 -25.38
CA GLY A 69 -0.47 14.57 -24.70
C GLY A 69 -0.34 14.72 -23.20
N GLY A 70 0.04 15.90 -22.73
CA GLY A 70 0.11 16.20 -21.29
C GLY A 70 1.14 15.38 -20.52
N LYS A 71 2.15 14.86 -21.19
CA LYS A 71 3.13 14.07 -20.47
C LYS A 71 4.01 15.02 -19.70
N ALA A 72 4.57 14.53 -18.60
CA ALA A 72 5.38 15.38 -17.74
C ALA A 72 6.67 15.78 -18.43
N ASP A 73 7.22 14.89 -19.25
CA ASP A 73 8.55 15.05 -19.86
C ASP A 73 8.49 14.79 -21.37
N PRO A 74 7.84 15.68 -22.12
CA PRO A 74 7.59 15.47 -23.57
C PRO A 74 8.84 15.49 -24.44
N PRO A 75 8.89 14.63 -25.46
CA PRO A 75 10.04 14.58 -26.39
C PRO A 75 10.07 15.76 -27.36
N ASN A 76 11.23 15.94 -28.00
CA ASN A 76 11.37 16.92 -29.07
C ASN A 76 10.30 16.73 -30.13
N GLU A 77 9.79 17.84 -30.66
CA GLU A 77 8.77 17.94 -31.70
C GLU A 77 7.37 17.73 -31.16
N THR A 78 7.18 17.59 -29.86
CA THR A 78 5.83 17.54 -29.33
C THR A 78 5.18 18.88 -29.63
N LYS A 79 4.02 18.85 -30.25
CA LYS A 79 3.30 20.05 -30.62
C LYS A 79 2.75 20.77 -29.40
N LEU A 80 2.68 22.09 -29.49
CA LEU A 80 2.04 22.92 -28.49
C LEU A 80 0.61 23.24 -28.89
N VAL A 81 -0.30 23.11 -27.93
CA VAL A 81 -1.72 23.29 -28.17
C VAL A 81 -2.33 24.10 -27.03
N LEU A 82 -3.57 24.52 -27.21
CA LEU A 82 -4.37 25.09 -26.13
C LEU A 82 -5.34 24.06 -25.58
N HIS A 83 -5.52 24.05 -24.26
CA HIS A 83 -6.33 23.06 -23.56
C HIS A 83 -6.84 23.65 -22.26
N GLN A 84 -8.05 23.25 -21.85
CA GLN A 84 -8.61 23.82 -20.63
C GLN A 84 -7.99 23.30 -19.33
N ASP A 85 -7.42 22.10 -19.30
CA ASP A 85 -6.95 21.57 -18.02
C ASP A 85 -5.79 22.40 -17.48
N ARG A 86 -5.74 22.53 -16.16
CA ARG A 86 -4.59 23.12 -15.46
C ARG A 86 -3.93 22.00 -14.68
N HIS A 87 -2.65 21.77 -14.94
CA HIS A 87 -1.87 20.79 -14.16
C HIS A 87 -0.38 21.04 -14.32
N ASP A 88 0.42 20.30 -13.56
CA ASP A 88 1.86 20.55 -13.51
C ASP A 88 2.50 20.44 -14.88
N ARG A 89 1.94 19.61 -15.75
CA ARG A 89 2.59 19.38 -17.03
C ARG A 89 2.36 20.54 -18.00
N ALA A 90 1.56 21.53 -17.61
CA ALA A 90 1.37 22.73 -18.41
C ALA A 90 2.10 23.93 -17.80
N LEU A 91 3.12 23.69 -16.98
CA LEU A 91 3.89 24.77 -16.37
C LEU A 91 5.05 25.20 -17.26
N PHE A 92 5.16 26.51 -17.47
CA PHE A 92 6.23 27.13 -18.24
C PHE A 92 6.78 28.29 -17.42
N ALA A 93 7.98 28.71 -17.78
CA ALA A 93 8.55 29.96 -17.31
C ALA A 93 8.80 30.87 -18.51
N MET A 94 8.62 32.16 -18.30
CA MET A 94 8.76 33.16 -19.34
C MET A 94 10.08 33.89 -19.10
N ASP A 95 11.10 33.49 -19.83
CA ASP A 95 12.45 33.93 -19.53
C ASP A 95 12.69 35.20 -20.33
N PHE A 96 12.44 36.35 -19.71
CA PHE A 96 12.57 37.62 -20.41
C PHE A 96 13.99 38.17 -20.34
N PHE A 97 14.93 37.41 -19.77
CA PHE A 97 16.33 37.78 -19.82
C PHE A 97 17.09 37.09 -20.94
N ASN A 98 16.88 35.80 -21.14
CA ASN A 98 17.45 35.13 -22.29
C ASN A 98 16.48 35.08 -23.46
N ASP A 99 15.24 35.55 -23.26
CA ASP A 99 14.23 35.65 -24.29
C ASP A 99 13.78 34.30 -24.85
N ASN A 100 13.28 33.43 -23.97
CA ASN A 100 12.71 32.17 -24.44
C ASN A 100 11.61 31.73 -23.48
N ILE A 101 10.91 30.66 -23.87
CA ILE A 101 9.83 30.08 -23.09
C ILE A 101 10.22 28.63 -22.82
N ILE A 102 10.40 28.29 -21.54
CA ILE A 102 10.93 26.99 -21.13
C ILE A 102 9.85 26.21 -20.40
N HIS A 103 9.72 24.93 -20.74
CA HIS A 103 8.79 24.05 -20.07
C HIS A 103 9.43 23.52 -18.78
N LYS A 104 8.56 23.10 -17.84
CA LYS A 104 9.02 22.61 -16.53
C LYS A 104 10.09 21.52 -16.64
N ALA A 105 10.01 20.69 -17.68
CA ALA A 105 10.96 19.60 -17.90
C ALA A 105 12.18 20.01 -18.71
N GLY A 106 12.33 21.28 -19.07
CA GLY A 106 13.57 21.82 -19.58
C GLY A 106 13.64 22.09 -21.07
N LYS A 107 12.65 21.70 -21.86
CA LYS A 107 12.62 22.05 -23.26
C LYS A 107 11.92 23.38 -23.48
N TYR A 108 12.10 23.91 -24.69
CA TYR A 108 11.65 25.23 -25.08
C TYR A 108 10.62 25.18 -26.19
N ILE A 109 9.86 26.28 -26.34
CA ILE A 109 8.96 26.43 -27.48
C ILE A 109 9.80 26.85 -28.69
N HIS A 110 9.64 26.13 -29.81
CA HIS A 110 10.33 26.42 -31.07
C HIS A 110 9.30 26.55 -32.18
N PRO A 111 9.60 27.28 -33.25
CA PRO A 111 8.90 27.05 -34.51
C PRO A 111 9.29 25.69 -35.07
N LYS A 112 8.32 24.94 -35.57
CA LYS A 112 8.63 23.65 -36.16
C LYS A 112 9.53 23.84 -37.36
N GLY A 113 10.70 23.20 -37.33
CA GLY A 113 11.68 23.35 -38.39
C GLY A 113 12.80 24.32 -38.09
N GLY A 114 12.64 25.17 -37.08
CA GLY A 114 13.77 25.96 -36.64
C GLY A 114 14.18 27.12 -37.52
N SER A 115 13.28 27.66 -38.33
CA SER A 115 13.65 28.74 -39.24
C SER A 115 13.68 30.08 -38.51
N THR A 116 14.65 30.92 -38.85
CA THR A 116 14.56 32.31 -38.39
C THR A 116 13.45 33.11 -39.07
N ASN A 117 12.89 32.65 -40.19
CA ASN A 117 11.79 33.38 -40.83
C ASN A 117 10.66 32.42 -41.20
N PRO A 118 9.98 31.83 -40.22
CA PRO A 118 8.90 30.86 -40.52
C PRO A 118 7.69 31.53 -41.14
N PRO A 119 7.06 30.88 -42.13
CA PRO A 119 5.84 31.43 -42.72
C PRO A 119 4.64 31.36 -41.78
N ASN A 120 3.65 32.18 -42.09
CA ASN A 120 2.38 32.15 -41.37
C ASN A 120 1.86 30.72 -41.31
N GLU A 121 1.27 30.38 -40.16
CA GLU A 121 0.70 29.03 -39.88
C GLU A 121 1.78 28.01 -39.45
N THR A 122 3.05 28.40 -39.38
CA THR A 122 4.06 27.45 -38.93
C THR A 122 3.71 26.96 -37.52
N LEU A 123 3.76 25.64 -37.33
CA LEU A 123 3.49 25.10 -36.01
C LEU A 123 4.62 25.41 -35.05
N THR A 124 4.30 25.33 -33.75
CA THR A 124 5.33 25.37 -32.74
C THR A 124 5.45 24.01 -32.08
N VAL A 125 6.65 23.68 -31.63
CA VAL A 125 6.95 22.38 -31.06
C VAL A 125 7.95 22.58 -29.93
N MET A 126 8.07 21.57 -29.09
CA MET A 126 9.06 21.57 -28.02
CA MET A 126 9.06 21.58 -28.02
C MET A 126 10.40 21.10 -28.55
N HIS A 127 11.48 21.73 -28.09
CA HIS A 127 12.77 21.21 -28.48
C HIS A 127 13.79 21.64 -27.43
N GLY A 128 14.75 20.76 -27.14
CA GLY A 128 15.69 21.05 -26.08
C GLY A 128 16.80 22.00 -26.46
N ASP A 129 17.04 22.20 -27.75
CA ASP A 129 18.16 23.03 -28.18
C ASP A 129 17.88 24.50 -27.96
N LYS A 130 18.95 25.27 -27.81
CA LYS A 130 18.90 26.72 -27.68
C LYS A 130 19.66 27.37 -28.82
N HIS A 131 18.98 28.28 -29.50
CA HIS A 131 19.55 29.03 -30.65
C HIS A 131 18.68 30.24 -30.93
N LYS A 132 19.06 31.02 -31.92
CA LYS A 132 18.38 32.29 -32.11
C LYS A 132 16.97 32.14 -32.65
N ALA A 133 16.63 31.01 -33.26
CA ALA A 133 15.31 30.84 -33.87
C ALA A 133 14.24 30.41 -32.89
N MET A 134 14.57 30.14 -31.63
CA MET A 134 13.58 29.82 -30.61
C MET A 134 13.42 30.96 -29.60
N GLU A 135 13.90 32.15 -29.93
CA GLU A 135 13.79 33.30 -29.04
C GLU A 135 12.46 34.03 -29.20
N PHE A 136 11.88 34.41 -28.05
CA PHE A 136 10.62 35.15 -27.98
C PHE A 136 10.72 36.31 -26.99
N ILE A 137 10.02 37.39 -27.31
CA ILE A 137 9.92 38.53 -26.41
C ILE A 137 8.43 38.80 -26.19
N PHE A 138 8.13 39.50 -25.09
CA PHE A 138 6.75 39.64 -24.62
C PHE A 138 6.46 41.14 -24.62
N VAL A 139 5.52 41.56 -25.48
CA VAL A 139 5.36 42.96 -25.83
C VAL A 139 3.92 43.41 -25.65
N SER A 140 3.76 44.73 -25.62
CA SER A 140 2.44 45.31 -25.41
C SER A 140 1.56 45.08 -26.63
N PRO A 141 0.29 44.73 -26.44
CA PRO A 141 -0.63 44.62 -27.58
C PRO A 141 -0.76 45.91 -28.37
N LYS A 142 -0.59 47.07 -27.74
CA LYS A 142 -0.71 48.36 -28.40
C LYS A 142 0.62 48.90 -28.91
N ASP A 143 1.73 48.21 -28.61
CA ASP A 143 3.04 48.64 -29.09
C ASP A 143 3.91 47.39 -29.13
N LYS A 144 3.94 46.72 -30.29
CA LYS A 144 4.61 45.44 -30.47
C LYS A 144 6.11 45.52 -30.28
N ASP A 145 6.67 46.70 -30.02
CA ASP A 145 8.12 46.80 -29.74
C ASP A 145 8.42 47.11 -28.27
N LYS A 146 7.40 47.32 -27.46
CA LYS A 146 7.65 47.66 -26.06
C LYS A 146 7.50 46.41 -25.22
N ARG A 147 8.58 45.97 -24.61
CA ARG A 147 8.51 44.79 -23.75
C ARG A 147 7.70 45.12 -22.52
N VAL A 148 6.93 44.15 -22.04
CA VAL A 148 6.18 44.32 -20.81
C VAL A 148 6.48 43.17 -19.86
N LEU A 149 6.34 43.45 -18.57
CA LEU A 149 6.55 42.45 -17.52
C LEU A 149 5.35 41.52 -17.43
N VAL A 150 5.58 40.24 -17.68
CA VAL A 150 4.50 39.25 -17.69
C VAL A 150 4.22 38.65 -16.31
N TYR A 151 5.11 38.86 -15.33
CA TYR A 151 4.96 38.34 -13.99
C TYR A 151 4.15 39.17 -13.00
N VAL A 152 3.18 39.97 -13.46
CA VAL A 152 2.49 41.04 -12.69
C VAL A 152 1.34 41.50 -13.58
N MET B 3 7.54 44.47 -3.57
CA MET B 3 6.83 44.29 -2.30
C MET B 3 7.18 42.96 -1.62
N THR B 4 7.31 41.88 -2.39
CA THR B 4 7.77 40.62 -1.82
C THR B 4 9.13 40.87 -1.18
N THR B 5 9.26 40.47 0.09
CA THR B 5 10.48 40.65 0.85
C THR B 5 11.36 39.41 0.69
N PHE B 6 12.64 39.62 0.47
CA PHE B 6 13.52 38.51 0.14
C PHE B 6 14.92 38.76 0.67
N LEU B 7 15.71 37.70 0.67
CA LEU B 7 17.13 37.76 0.93
C LEU B 7 17.90 37.67 -0.38
N ILE B 8 19.00 38.41 -0.49
CA ILE B 8 19.87 38.30 -1.65
C ILE B 8 21.03 37.38 -1.26
N LYS B 9 21.00 36.17 -1.78
CA LYS B 9 21.92 35.11 -1.40
C LYS B 9 22.97 34.93 -2.48
N HIS B 10 24.23 35.02 -2.10
CA HIS B 10 25.34 34.67 -2.99
C HIS B 10 25.32 33.17 -3.26
N LYS B 11 25.12 32.78 -4.51
CA LYS B 11 24.83 31.38 -4.79
C LYS B 11 26.02 30.50 -4.42
N ALA B 12 27.24 30.94 -4.73
CA ALA B 12 28.39 30.05 -4.54
C ALA B 12 28.73 29.84 -3.07
N SER B 13 28.52 30.84 -2.20
CA SER B 13 28.94 30.73 -0.81
C SER B 13 27.81 30.53 0.17
N GLY B 14 26.58 30.90 -0.20
CA GLY B 14 25.47 30.89 0.73
C GLY B 14 25.41 32.08 1.65
N LYS B 15 26.30 33.05 1.51
CA LYS B 15 26.21 34.25 2.33
C LYS B 15 25.21 35.22 1.71
N PHE B 16 24.90 36.30 2.43
CA PHE B 16 23.85 37.22 2.01
C PHE B 16 24.36 38.65 1.90
N LEU B 17 23.61 39.46 1.15
CA LEU B 17 23.92 40.88 0.99
C LEU B 17 23.45 41.68 2.21
N HIS B 18 24.31 42.52 2.76
CA HIS B 18 24.03 43.28 3.98
C HIS B 18 24.46 44.72 3.79
N PRO B 19 23.86 45.67 4.50
CA PRO B 19 24.56 46.94 4.72
C PRO B 19 25.70 46.72 5.68
N LYS B 20 26.83 47.37 5.41
CA LYS B 20 27.94 47.33 6.35
C LYS B 20 27.45 47.80 7.71
N GLY B 21 27.81 47.04 8.74
CA GLY B 21 27.44 47.38 10.09
C GLY B 21 26.04 46.99 10.51
N GLY B 22 25.17 46.60 9.58
CA GLY B 22 23.93 45.98 9.99
C GLY B 22 22.95 46.95 10.60
N SER B 23 23.04 48.23 10.27
CA SER B 23 22.19 49.23 10.89
C SER B 23 20.78 49.18 10.35
N SER B 24 19.83 49.57 11.19
CA SER B 24 18.42 49.63 10.78
C SER B 24 18.25 50.88 9.90
N ASN B 25 19.18 51.82 9.96
CA ASN B 25 19.13 52.99 9.10
C ASN B 25 20.53 53.34 8.63
N PRO B 26 21.05 52.62 7.65
CA PRO B 26 22.41 52.93 7.20
C PRO B 26 22.47 54.34 6.64
N ALA B 27 23.58 55.02 6.89
CA ALA B 27 23.87 56.33 6.32
C ALA B 27 23.99 56.24 4.81
N ASN B 28 23.73 57.36 4.13
CA ASN B 28 24.00 57.38 2.69
C ASN B 28 25.43 56.99 2.39
N ASP B 29 25.61 56.19 1.35
CA ASP B 29 26.88 55.68 0.86
C ASP B 29 27.47 54.60 1.75
N THR B 30 26.69 54.04 2.66
CA THR B 30 27.15 52.86 3.38
C THR B 30 27.33 51.72 2.40
N ASN B 31 28.46 51.00 2.50
CA ASN B 31 28.73 49.94 1.56
C ASN B 31 27.76 48.79 1.78
N LEU B 32 27.63 47.97 0.74
CA LEU B 32 26.94 46.70 0.81
C LEU B 32 27.97 45.59 0.80
N VAL B 33 27.77 44.58 1.65
CA VAL B 33 28.77 43.55 1.91
C VAL B 33 28.09 42.20 1.92
N LEU B 34 28.91 41.16 1.97
CA LEU B 34 28.44 39.80 2.15
C LEU B 34 28.69 39.39 3.58
N HIS B 35 27.68 38.81 4.21
CA HIS B 35 27.77 38.25 5.55
C HIS B 35 26.81 37.08 5.61
N SER B 36 27.15 36.08 6.41
CA SER B 36 26.35 34.87 6.50
C SER B 36 25.10 34.99 7.38
N ASP B 37 25.09 35.97 8.27
CA ASP B 37 23.95 36.11 9.20
C ASP B 37 22.64 36.45 8.49
N ILE B 38 21.53 36.09 9.13
CA ILE B 38 20.20 36.46 8.69
C ILE B 38 19.50 37.24 9.78
N HIS B 39 18.95 38.40 9.42
CA HIS B 39 18.16 39.22 10.33
C HIS B 39 17.43 40.27 9.50
N GLU B 40 16.51 40.99 10.15
CA GLU B 40 15.60 41.87 9.44
C GLU B 40 16.31 43.02 8.75
N ARG B 41 17.53 43.33 9.17
CA ARG B 41 18.25 44.45 8.60
C ARG B 41 19.04 44.05 7.38
N MET B 42 18.85 42.83 6.88
CA MET B 42 19.36 42.41 5.58
C MET B 42 18.23 41.92 4.64
N TYR B 43 16.97 42.18 4.99
CA TYR B 43 15.85 41.91 4.07
C TYR B 43 15.81 42.95 2.96
N PHE B 44 15.42 42.52 1.76
CA PHE B 44 15.31 43.44 0.64
C PHE B 44 13.94 43.34 -0.03
N GLN B 45 13.60 44.37 -0.80
CA GLN B 45 12.42 44.39 -1.66
C GLN B 45 12.82 44.93 -3.02
N PHE B 46 11.99 44.68 -4.03
CA PHE B 46 12.24 45.20 -5.37
C PHE B 46 11.05 46.02 -5.79
N ASP B 47 11.25 47.30 -6.11
CA ASP B 47 10.19 48.16 -6.61
C ASP B 47 10.32 48.27 -8.12
N VAL B 48 9.39 47.67 -8.85
CA VAL B 48 9.45 47.67 -10.30
C VAL B 48 9.18 49.08 -10.81
N VAL B 49 10.06 49.55 -11.71
CA VAL B 49 9.93 50.91 -12.29
C VAL B 49 9.52 50.79 -13.77
N ASP B 50 10.23 49.98 -14.55
CA ASP B 50 9.97 49.86 -16.00
C ASP B 50 10.35 48.45 -16.48
N GLU B 51 9.35 47.58 -16.57
CA GLU B 51 9.56 46.18 -17.03
C GLU B 51 10.55 45.51 -16.04
N ARG B 52 11.72 45.15 -16.53
CA ARG B 52 12.73 44.45 -15.71
C ARG B 52 13.42 45.40 -14.75
N TRP B 53 13.40 46.70 -15.02
CA TRP B 53 14.20 47.69 -14.26
C TRP B 53 13.49 48.20 -13.00
N GLY B 54 14.25 48.24 -11.91
CA GLY B 54 13.64 48.67 -10.66
C GLY B 54 14.73 49.03 -9.67
N TYR B 55 14.30 49.38 -8.47
CA TYR B 55 15.21 49.77 -7.39
C TYR B 55 15.30 48.62 -6.41
N ILE B 56 16.51 48.28 -6.00
CA ILE B 56 16.75 47.27 -4.99
C ILE B 56 16.69 47.98 -3.64
N LYS B 57 15.65 47.73 -2.84
CA LYS B 57 15.39 48.57 -1.68
C LYS B 57 15.71 47.82 -0.41
N HIS B 58 16.53 48.44 0.45
CA HIS B 58 16.77 47.91 1.78
C HIS B 58 15.51 48.04 2.60
N ALA B 59 14.97 46.92 3.08
CA ALA B 59 13.62 46.97 3.66
C ALA B 59 13.57 47.82 4.94
N ALA B 60 14.59 47.72 5.80
CA ALA B 60 14.52 48.36 7.11
C ALA B 60 14.58 49.88 7.00
N SER B 61 15.33 50.41 6.03
CA SER B 61 15.60 51.83 5.93
C SER B 61 14.88 52.48 4.77
N GLY B 62 14.49 51.72 3.76
CA GLY B 62 13.94 52.29 2.55
C GLY B 62 14.94 52.84 1.57
N LYS B 63 16.20 52.89 1.93
CA LYS B 63 17.29 53.21 1.01
C LYS B 63 17.43 52.12 -0.04
N ILE B 64 18.03 52.49 -1.17
CA ILE B 64 18.12 51.60 -2.31
C ILE B 64 19.57 51.45 -2.73
N VAL B 65 19.82 50.43 -3.56
CA VAL B 65 21.18 50.11 -3.99
C VAL B 65 21.59 51.06 -5.11
N HIS B 66 22.78 51.64 -4.98
CA HIS B 66 23.45 52.52 -5.93
C HIS B 66 24.88 52.09 -6.17
N PRO B 67 25.37 52.22 -7.40
CA PRO B 67 26.82 52.29 -7.61
C PRO B 67 27.32 53.60 -7.02
N LEU B 68 28.39 53.58 -6.23
CA LEU B 68 28.90 54.81 -5.55
C LEU B 68 29.17 55.93 -6.58
N GLY B 69 28.63 57.12 -6.34
CA GLY B 69 28.82 58.28 -7.24
C GLY B 69 27.56 58.52 -8.05
N GLY B 70 26.75 57.50 -8.25
CA GLY B 70 25.47 57.63 -8.96
C GLY B 70 25.63 57.87 -10.45
N LYS B 71 26.74 57.41 -11.02
CA LYS B 71 27.00 57.66 -12.45
C LYS B 71 26.22 56.65 -13.29
N ALA B 72 25.79 57.07 -14.48
CA ALA B 72 25.02 56.22 -15.37
C ALA B 72 25.82 55.02 -15.84
N ASP B 73 27.13 55.18 -16.04
CA ASP B 73 27.94 54.07 -16.57
C ASP B 73 29.12 53.83 -15.65
N PRO B 74 28.88 53.18 -14.52
CA PRO B 74 29.95 52.92 -13.53
C PRO B 74 31.02 52.00 -14.07
N PRO B 75 32.29 52.28 -13.80
CA PRO B 75 33.37 51.41 -14.27
C PRO B 75 33.48 50.15 -13.40
N ASN B 76 34.20 49.16 -13.91
CA ASN B 76 34.57 48.02 -13.07
C ASN B 76 35.16 48.50 -11.76
N GLU B 77 34.82 47.80 -10.68
CA GLU B 77 35.26 48.02 -9.31
C GLU B 77 34.51 49.16 -8.60
N THR B 78 33.51 49.77 -9.20
CA THR B 78 32.68 50.74 -8.50
C THR B 78 31.93 50.07 -7.37
N LYS B 79 32.05 50.62 -6.17
CA LYS B 79 31.44 50.02 -5.00
C LYS B 79 29.93 50.19 -5.05
N LEU B 80 29.23 49.22 -4.47
CA LEU B 80 27.80 49.32 -4.29
C LEU B 80 27.51 49.76 -2.87
N VAL B 81 26.59 50.70 -2.75
CA VAL B 81 26.23 51.31 -1.49
C VAL B 81 24.72 51.46 -1.44
N LEU B 82 24.21 51.86 -0.28
CA LEU B 82 22.84 52.31 -0.13
C LEU B 82 22.78 53.84 -0.18
N HIS B 83 21.70 54.36 -0.75
CA HIS B 83 21.44 55.79 -0.73
C HIS B 83 19.94 55.98 -0.85
N GLN B 84 19.43 57.07 -0.24
CA GLN B 84 17.99 57.32 -0.29
C GLN B 84 17.54 57.83 -1.65
N ASP B 85 18.42 58.43 -2.44
CA ASP B 85 18.04 59.00 -3.73
C ASP B 85 17.45 57.92 -4.62
N ARG B 86 16.43 58.29 -5.39
CA ARG B 86 15.78 57.39 -6.33
C ARG B 86 15.93 58.07 -7.68
N HIS B 87 16.66 57.42 -8.58
CA HIS B 87 16.85 57.97 -9.94
C HIS B 87 17.34 56.88 -10.90
N ASP B 88 17.29 57.17 -12.19
CA ASP B 88 17.56 56.13 -13.24
C ASP B 88 18.92 55.42 -13.08
N ARG B 89 19.91 56.10 -12.53
CA ARG B 89 21.25 55.49 -12.41
C ARG B 89 21.25 54.41 -11.30
N ALA B 90 20.17 54.28 -10.54
CA ALA B 90 20.04 53.21 -9.57
C ALA B 90 19.14 52.08 -10.05
N LEU B 91 18.90 51.99 -11.36
CA LEU B 91 18.04 50.94 -11.89
C LEU B 91 18.83 49.66 -12.09
N PHE B 92 18.29 48.56 -11.56
CA PHE B 92 18.83 47.22 -11.74
C PHE B 92 17.69 46.31 -12.18
N ALA B 93 18.07 45.12 -12.65
CA ALA B 93 17.14 44.04 -12.91
C ALA B 93 17.63 42.81 -12.16
N MET B 94 16.68 42.00 -11.73
CA MET B 94 16.93 40.84 -10.89
C MET B 94 16.74 39.61 -11.77
N ASP B 95 17.84 39.14 -12.35
CA ASP B 95 17.76 38.07 -13.34
C ASP B 95 17.67 36.75 -12.61
N PHE B 96 16.45 36.27 -12.42
CA PHE B 96 16.28 35.01 -11.71
C PHE B 96 16.38 33.80 -12.62
N PHE B 97 16.69 34.00 -13.89
CA PHE B 97 16.97 32.90 -14.82
C PHE B 97 18.45 32.62 -14.96
N ASN B 98 19.28 33.65 -15.03
CA ASN B 98 20.72 33.45 -15.04
C ASN B 98 21.30 33.59 -13.65
N ASP B 99 20.47 34.01 -12.69
CA ASP B 99 20.82 34.16 -11.27
C ASP B 99 21.89 35.22 -11.09
N ASN B 100 21.57 36.45 -11.48
CA ASN B 100 22.48 37.56 -11.25
C ASN B 100 21.69 38.85 -11.13
N ILE B 101 22.40 39.93 -10.77
CA ILE B 101 21.83 41.27 -10.64
C ILE B 101 22.57 42.20 -11.57
N ILE B 102 21.86 42.76 -12.55
CA ILE B 102 22.47 43.57 -13.59
C ILE B 102 22.04 45.02 -13.46
N HIS B 103 22.99 45.93 -13.64
CA HIS B 103 22.72 47.36 -13.65
C HIS B 103 22.31 47.78 -15.05
N LYS B 104 21.57 48.89 -15.13
CA LYS B 104 21.01 49.29 -16.42
C LYS B 104 22.06 49.52 -17.49
N ALA B 105 23.28 49.90 -17.11
CA ALA B 105 24.33 50.09 -18.11
C ALA B 105 25.05 48.79 -18.46
N GLY B 106 24.66 47.66 -17.86
CA GLY B 106 25.03 46.34 -18.32
C GLY B 106 26.00 45.56 -17.47
N LYS B 107 26.59 46.15 -16.44
CA LYS B 107 27.45 45.39 -15.54
C LYS B 107 26.66 44.74 -14.40
N TYR B 108 27.32 43.80 -13.70
CA TYR B 108 26.70 43.00 -12.66
C TYR B 108 27.26 43.31 -11.27
N ILE B 109 26.49 42.97 -10.25
CA ILE B 109 26.99 43.01 -8.88
C ILE B 109 27.87 41.81 -8.60
N HIS B 110 29.07 42.05 -8.08
CA HIS B 110 30.06 41.03 -7.76
C HIS B 110 30.53 41.19 -6.32
N PRO B 111 30.98 40.12 -5.70
CA PRO B 111 31.88 40.25 -4.55
C PRO B 111 33.19 40.85 -5.06
N LYS B 112 33.74 41.80 -4.29
CA LYS B 112 35.05 42.34 -4.64
C LYS B 112 36.08 41.21 -4.65
N GLY B 113 36.77 41.06 -5.77
CA GLY B 113 37.69 39.95 -5.96
C GLY B 113 37.13 38.74 -6.68
N GLY B 114 35.80 38.63 -6.79
CA GLY B 114 35.27 37.56 -7.60
C GLY B 114 35.39 36.17 -7.00
N SER B 115 35.54 36.08 -5.69
CA SER B 115 35.70 34.78 -5.03
C SER B 115 34.39 33.99 -4.97
N THR B 116 34.49 32.66 -5.15
CA THR B 116 33.36 31.77 -4.91
C THR B 116 33.00 31.65 -3.43
N ASN B 117 33.94 31.93 -2.54
CA ASN B 117 33.65 31.79 -1.10
C ASN B 117 34.25 32.97 -0.35
N PRO B 118 33.65 34.15 -0.44
CA PRO B 118 34.28 35.32 0.17
C PRO B 118 34.06 35.31 1.67
N PRO B 119 34.97 35.93 2.42
CA PRO B 119 34.77 36.08 3.87
C PRO B 119 33.66 37.05 4.20
N ASN B 120 33.15 36.92 5.42
CA ASN B 120 32.20 37.89 5.94
C ASN B 120 32.82 39.28 5.88
N GLU B 121 31.99 40.28 5.59
CA GLU B 121 32.31 41.70 5.45
C GLU B 121 32.98 42.01 4.12
N THR B 122 33.05 41.05 3.18
CA THR B 122 33.57 41.34 1.84
C THR B 122 32.69 42.36 1.12
N LEU B 123 33.32 43.37 0.53
CA LEU B 123 32.61 44.41 -0.21
C LEU B 123 32.02 43.87 -1.50
N THR B 124 31.02 44.58 -2.02
CA THR B 124 30.52 44.25 -3.35
C THR B 124 30.83 45.43 -4.27
N VAL B 125 31.06 45.09 -5.55
CA VAL B 125 31.44 46.06 -6.58
C VAL B 125 30.71 45.71 -7.87
N MET B 126 30.61 46.68 -8.76
CA MET B 126 30.18 46.40 -10.13
C MET B 126 31.31 45.75 -10.92
N HIS B 127 30.94 44.85 -11.83
CA HIS B 127 31.93 44.30 -12.74
C HIS B 127 31.23 43.64 -13.91
N GLY B 128 31.81 43.76 -15.10
CA GLY B 128 31.20 43.21 -16.30
C GLY B 128 31.30 41.70 -16.45
N ASP B 129 32.16 41.03 -15.71
CA ASP B 129 32.37 39.61 -15.95
C ASP B 129 31.16 38.80 -15.49
N LYS B 130 30.95 37.66 -16.15
CA LYS B 130 29.91 36.72 -15.75
C LYS B 130 30.61 35.40 -15.43
N HIS B 131 30.35 34.87 -14.25
CA HIS B 131 30.93 33.61 -13.78
C HIS B 131 30.20 33.18 -12.51
N LYS B 132 30.58 32.03 -11.96
CA LYS B 132 29.80 31.44 -10.89
C LYS B 132 29.76 32.31 -9.64
N ALA B 133 30.84 33.08 -9.40
CA ALA B 133 30.99 33.86 -8.19
C ALA B 133 30.23 35.18 -8.20
N MET B 134 29.54 35.54 -9.28
CA MET B 134 28.69 36.71 -9.26
C MET B 134 27.22 36.33 -9.33
N GLU B 135 26.90 35.06 -9.09
CA GLU B 135 25.53 34.59 -9.15
C GLU B 135 24.85 34.81 -7.79
N PHE B 136 23.60 35.25 -7.85
CA PHE B 136 22.78 35.47 -6.67
C PHE B 136 21.42 34.87 -6.91
N ILE B 137 20.82 34.34 -5.86
CA ILE B 137 19.42 33.93 -5.89
C ILE B 137 18.65 34.67 -4.79
N PHE B 138 17.33 34.65 -4.90
CA PHE B 138 16.48 35.54 -4.12
C PHE B 138 15.49 34.63 -3.41
N VAL B 139 15.59 34.55 -2.09
CA VAL B 139 14.99 33.45 -1.34
C VAL B 139 14.12 33.99 -0.21
N SER B 140 13.27 33.12 0.29
CA SER B 140 12.35 33.51 1.35
C SER B 140 13.10 33.81 2.65
N PRO B 141 12.73 34.89 3.35
CA PRO B 141 13.35 35.13 4.65
C PRO B 141 13.10 34.01 5.64
N LYS B 142 12.03 33.21 5.48
CA LYS B 142 11.74 32.09 6.37
C LYS B 142 12.30 30.76 5.93
N ASP B 143 12.73 30.64 4.67
CA ASP B 143 13.37 29.42 4.19
C ASP B 143 14.39 29.83 3.15
N LYS B 144 15.66 29.88 3.54
CA LYS B 144 16.71 30.43 2.69
C LYS B 144 16.97 29.61 1.44
N ASP B 145 16.35 28.46 1.26
CA ASP B 145 16.52 27.72 0.03
C ASP B 145 15.34 27.89 -0.92
N LYS B 146 14.32 28.63 -0.51
CA LYS B 146 13.11 28.75 -1.31
C LYS B 146 13.16 30.06 -2.07
N ARG B 147 13.28 29.95 -3.39
CA ARG B 147 13.24 31.12 -4.26
C ARG B 147 11.85 31.73 -4.25
N VAL B 148 11.80 33.07 -4.24
CA VAL B 148 10.56 33.82 -4.29
C VAL B 148 10.65 34.77 -5.48
N LEU B 149 9.50 35.12 -6.03
CA LEU B 149 9.41 35.98 -7.20
C LEU B 149 9.49 37.42 -6.70
N VAL B 150 10.57 38.13 -7.04
CA VAL B 150 10.79 39.47 -6.49
C VAL B 150 10.01 40.52 -7.25
N TYR B 151 9.45 40.17 -8.39
CA TYR B 151 8.77 41.12 -9.27
C TYR B 151 7.33 41.35 -8.84
N VAL B 152 6.90 40.74 -7.76
CA VAL B 152 5.57 40.96 -7.20
C VAL B 152 5.70 41.38 -5.72
N MET C 3 -10.55 16.62 -18.22
CA MET C 3 -11.04 16.46 -16.85
C MET C 3 -12.48 16.91 -16.67
N THR C 4 -13.34 16.12 -16.16
CA THR C 4 -14.72 16.49 -15.86
C THR C 4 -14.77 17.56 -14.77
N THR C 5 -15.58 18.46 -14.99
CA THR C 5 -15.72 19.61 -14.12
C THR C 5 -17.06 19.52 -13.40
N PHE C 6 -17.08 19.86 -12.11
CA PHE C 6 -18.29 19.79 -11.32
C PHE C 6 -18.31 20.93 -10.31
N LEU C 7 -19.49 21.17 -9.73
CA LEU C 7 -19.68 22.07 -8.61
C LEU C 7 -19.85 21.25 -7.34
N ILE C 8 -19.30 21.72 -6.23
CA ILE C 8 -19.49 21.06 -4.95
C ILE C 8 -20.59 21.83 -4.24
N LYS C 9 -21.78 21.24 -4.22
CA LYS C 9 -22.99 21.86 -3.72
C LYS C 9 -23.34 21.36 -2.33
N HIS C 10 -23.51 22.27 -1.39
CA HIS C 10 -24.00 21.95 -0.05
C HIS C 10 -25.45 21.50 -0.17
N LYS C 11 -25.71 20.23 0.18
CA LYS C 11 -26.97 19.62 -0.18
C LYS C 11 -28.17 20.34 0.45
N ALA C 12 -28.08 20.69 1.73
CA ALA C 12 -29.25 21.22 2.42
C ALA C 12 -29.64 22.62 1.94
N SER C 13 -28.65 23.43 1.55
CA SER C 13 -28.92 24.83 1.21
C SER C 13 -28.84 25.12 -0.28
N GLY C 14 -28.15 24.31 -1.07
CA GLY C 14 -27.89 24.66 -2.45
C GLY C 14 -26.81 25.68 -2.70
N LYS C 15 -26.13 26.17 -1.66
CA LYS C 15 -24.94 26.98 -1.88
C LYS C 15 -23.79 26.09 -2.34
N PHE C 16 -22.69 26.73 -2.75
CA PHE C 16 -21.56 26.05 -3.35
C PHE C 16 -20.26 26.40 -2.65
N LEU C 17 -19.30 25.50 -2.72
CA LEU C 17 -17.97 25.79 -2.21
C LEU C 17 -17.23 26.71 -3.17
N HIS C 18 -16.49 27.66 -2.62
CA HIS C 18 -15.79 28.70 -3.36
C HIS C 18 -14.40 28.91 -2.78
N PRO C 19 -13.44 29.36 -3.59
CA PRO C 19 -12.28 30.05 -3.01
C PRO C 19 -12.75 31.41 -2.51
N LYS C 20 -12.23 31.84 -1.38
CA LYS C 20 -12.63 33.15 -0.82
C LYS C 20 -12.25 34.27 -1.76
N GLY C 21 -13.22 35.10 -2.16
CA GLY C 21 -12.92 36.19 -3.05
C GLY C 21 -13.24 35.95 -4.52
N GLY C 22 -13.38 34.69 -4.93
CA GLY C 22 -13.75 34.43 -6.31
C GLY C 22 -12.65 34.63 -7.33
N SER C 23 -11.39 34.58 -6.91
CA SER C 23 -10.27 34.84 -7.80
C SER C 23 -9.98 33.64 -8.69
N SER C 24 -9.68 33.91 -9.96
CA SER C 24 -9.27 32.87 -10.88
C SER C 24 -7.93 32.27 -10.50
N ASN C 25 -7.13 33.04 -9.79
CA ASN C 25 -5.78 32.62 -9.35
C ASN C 25 -5.66 32.95 -7.88
N PRO C 26 -6.53 32.38 -7.04
CA PRO C 26 -6.47 32.69 -5.62
C PRO C 26 -5.10 32.36 -5.05
N ALA C 27 -4.64 33.23 -4.15
CA ALA C 27 -3.37 32.97 -3.50
C ALA C 27 -3.47 31.73 -2.62
N ASN C 28 -2.31 31.15 -2.38
CA ASN C 28 -2.18 30.09 -1.41
C ASN C 28 -2.81 30.48 -0.08
N ASP C 29 -3.51 29.52 0.53
CA ASP C 29 -4.16 29.63 1.84
C ASP C 29 -5.42 30.47 1.82
N THR C 30 -5.97 30.73 0.63
CA THR C 30 -7.29 31.33 0.51
C THR C 30 -8.33 30.39 1.09
N ASN C 31 -9.23 30.92 1.91
CA ASN C 31 -10.26 30.09 2.50
C ASN C 31 -11.24 29.54 1.47
N LEU C 32 -11.70 28.33 1.75
CA LEU C 32 -12.87 27.77 1.07
C LEU C 32 -14.10 28.09 1.90
N VAL C 33 -15.10 28.68 1.24
CA VAL C 33 -16.30 29.16 1.91
C VAL C 33 -17.50 28.75 1.07
N LEU C 34 -18.66 28.72 1.72
CA LEU C 34 -19.92 28.49 1.02
C LEU C 34 -20.45 29.82 0.52
N HIS C 35 -20.76 29.86 -0.77
CA HIS C 35 -21.36 31.03 -1.44
C HIS C 35 -22.37 30.54 -2.48
N SER C 36 -23.47 31.26 -2.62
CA SER C 36 -24.57 30.86 -3.52
C SER C 36 -24.26 31.12 -5.00
N ASP C 37 -23.28 31.95 -5.28
CA ASP C 37 -23.00 32.32 -6.68
C ASP C 37 -22.47 31.14 -7.48
N ILE C 38 -22.75 31.16 -8.77
CA ILE C 38 -22.19 30.15 -9.65
C ILE C 38 -21.46 30.89 -10.76
N HIS C 39 -20.22 30.48 -11.05
CA HIS C 39 -19.44 31.05 -12.14
C HIS C 39 -18.17 30.22 -12.28
N GLU C 40 -17.40 30.53 -13.31
CA GLU C 40 -16.25 29.71 -13.69
C GLU C 40 -15.26 29.51 -12.55
N ARG C 41 -15.20 30.43 -11.60
CA ARG C 41 -14.12 30.44 -10.62
C ARG C 41 -14.43 29.59 -9.40
N MET C 42 -15.61 28.97 -9.34
CA MET C 42 -15.97 28.01 -8.31
C MET C 42 -16.18 26.61 -8.86
N TYR C 43 -15.74 26.37 -10.10
CA TYR C 43 -15.76 25.05 -10.69
C TYR C 43 -14.63 24.20 -10.10
N PHE C 44 -14.89 22.91 -9.89
CA PHE C 44 -13.87 22.01 -9.38
C PHE C 44 -13.68 20.82 -10.31
N GLN C 45 -12.53 20.15 -10.15
CA GLN C 45 -12.16 18.89 -10.81
C GLN C 45 -11.61 17.95 -9.73
N PHE C 46 -11.45 16.65 -10.04
CA PHE C 46 -10.88 15.71 -9.07
C PHE C 46 -9.78 14.87 -9.69
N ASP C 47 -8.59 14.90 -9.06
CA ASP C 47 -7.40 14.15 -9.49
C ASP C 47 -7.31 12.83 -8.75
N VAL C 48 -7.59 11.69 -9.41
CA VAL C 48 -7.47 10.43 -8.70
C VAL C 48 -6.00 10.11 -8.48
N VAL C 49 -5.66 9.69 -7.26
CA VAL C 49 -4.30 9.33 -6.88
C VAL C 49 -4.19 7.84 -6.58
N ASP C 50 -5.11 7.31 -5.77
CA ASP C 50 -5.00 5.92 -5.31
C ASP C 50 -6.41 5.44 -5.01
N GLU C 51 -7.01 4.71 -5.97
CA GLU C 51 -8.38 4.18 -5.87
C GLU C 51 -9.34 5.34 -5.58
N ARG C 52 -9.92 5.36 -4.38
CA ARG C 52 -10.87 6.43 -4.04
C ARG C 52 -10.21 7.77 -3.71
N TRP C 53 -8.91 7.80 -3.42
CA TRP C 53 -8.29 9.01 -2.86
C TRP C 53 -7.74 9.90 -3.95
N GLY C 54 -7.92 11.20 -3.78
CA GLY C 54 -7.31 12.14 -4.70
C GLY C 54 -7.33 13.56 -4.19
N TYR C 55 -7.01 14.46 -5.11
CA TYR C 55 -6.92 15.89 -4.84
C TYR C 55 -8.15 16.58 -5.40
N ILE C 56 -8.76 17.46 -4.61
CA ILE C 56 -9.86 18.28 -5.08
C ILE C 56 -9.24 19.55 -5.62
N LYS C 57 -9.44 19.82 -6.91
CA LYS C 57 -8.65 20.81 -7.62
C LYS C 57 -9.57 21.92 -8.06
N HIS C 58 -9.18 23.15 -7.75
CA HIS C 58 -9.85 24.36 -8.22
C HIS C 58 -9.61 24.57 -9.71
N ALA C 59 -10.69 24.58 -10.49
CA ALA C 59 -10.54 24.50 -11.94
C ALA C 59 -9.77 25.69 -12.52
N ALA C 60 -10.02 26.90 -12.02
CA ALA C 60 -9.42 28.05 -12.66
C ALA C 60 -7.91 28.16 -12.41
N SER C 61 -7.42 27.70 -11.26
CA SER C 61 -6.02 27.86 -10.89
C SER C 61 -5.20 26.59 -10.82
N GLY C 62 -5.84 25.42 -10.73
CA GLY C 62 -5.07 24.23 -10.48
C GLY C 62 -4.65 24.03 -9.04
N LYS C 63 -4.97 24.98 -8.16
CA LYS C 63 -4.68 24.83 -6.73
C LYS C 63 -5.66 23.80 -6.15
N ILE C 64 -5.22 23.07 -5.13
CA ILE C 64 -6.07 22.02 -4.55
C ILE C 64 -6.44 22.38 -3.12
N VAL C 65 -7.44 21.68 -2.60
CA VAL C 65 -7.98 21.89 -1.27
C VAL C 65 -7.01 21.27 -0.26
N HIS C 66 -6.67 22.04 0.78
CA HIS C 66 -5.84 21.55 1.87
C HIS C 66 -6.48 21.87 3.21
N PRO C 67 -6.28 21.01 4.20
CA PRO C 67 -6.47 21.43 5.59
C PRO C 67 -5.40 22.45 5.95
N LEU C 68 -5.82 23.54 6.58
CA LEU C 68 -4.87 24.58 6.94
C LEU C 68 -3.81 23.98 7.86
N GLY C 69 -2.55 24.17 7.49
CA GLY C 69 -1.44 23.58 8.18
C GLY C 69 -0.90 22.31 7.55
N GLY C 70 -1.66 21.64 6.68
CA GLY C 70 -1.05 20.54 5.97
C GLY C 70 -0.67 19.36 6.83
N LYS C 71 -1.40 19.13 7.92
CA LYS C 71 -1.07 18.02 8.80
C LYS C 71 -1.57 16.71 8.22
N ALA C 72 -0.87 15.62 8.56
CA ALA C 72 -1.26 14.32 8.03
C ALA C 72 -2.59 13.91 8.65
N ASP C 73 -2.77 14.29 9.92
CA ASP C 73 -3.90 13.90 10.75
C ASP C 73 -4.47 15.14 11.44
N PRO C 74 -5.08 16.05 10.69
CA PRO C 74 -5.53 17.33 11.27
C PRO C 74 -6.66 17.17 12.27
N PRO C 75 -6.63 17.94 13.35
CA PRO C 75 -7.70 17.91 14.35
C PRO C 75 -8.95 18.65 13.85
N ASN C 76 -10.08 18.42 14.54
CA ASN C 76 -11.30 19.17 14.25
C ASN C 76 -11.07 20.66 14.24
N GLU C 77 -11.77 21.34 13.34
CA GLU C 77 -11.79 22.77 13.12
C GLU C 77 -10.59 23.24 12.30
N THR C 78 -9.77 22.33 11.80
CA THR C 78 -8.70 22.71 10.89
C THR C 78 -9.37 23.32 9.66
N LYS C 79 -8.94 24.51 9.30
CA LYS C 79 -9.54 25.24 8.19
C LYS C 79 -9.22 24.60 6.86
N LEU C 80 -10.17 24.68 5.93
CA LEU C 80 -9.90 24.25 4.57
C LEU C 80 -9.54 25.46 3.70
N VAL C 81 -8.47 25.31 2.92
CA VAL C 81 -7.93 26.37 2.10
C VAL C 81 -7.58 25.80 0.74
N LEU C 82 -7.09 26.66 -0.15
CA LEU C 82 -6.41 26.21 -1.37
C LEU C 82 -4.91 26.37 -1.19
N HIS C 83 -4.14 25.58 -1.93
CA HIS C 83 -2.68 25.63 -1.86
C HIS C 83 -2.08 24.85 -3.04
N GLN C 84 -0.94 25.33 -3.52
CA GLN C 84 -0.32 24.68 -4.67
C GLN C 84 0.35 23.34 -4.40
N ASP C 85 0.75 23.07 -3.17
CA ASP C 85 1.47 21.79 -2.93
C ASP C 85 0.58 20.60 -3.28
N ARG C 86 1.13 19.59 -3.92
CA ARG C 86 0.38 18.33 -4.16
C ARG C 86 1.13 17.23 -3.40
N HIS C 87 0.49 16.67 -2.37
CA HIS C 87 1.17 15.66 -1.51
C HIS C 87 0.11 14.76 -0.88
N ASP C 88 0.52 13.62 -0.34
CA ASP C 88 -0.42 12.59 0.18
C ASP C 88 -1.18 13.05 1.43
N ARG C 89 -0.86 14.21 1.99
CA ARG C 89 -1.64 14.73 3.13
C ARG C 89 -2.87 15.56 2.72
N ALA C 90 -3.03 15.80 1.42
CA ALA C 90 -4.19 16.58 0.90
C ALA C 90 -5.13 15.65 0.15
N LEU C 91 -5.14 14.38 0.54
CA LEU C 91 -5.98 13.37 -0.13
C LEU C 91 -7.41 13.35 0.45
N PHE C 92 -8.39 13.36 -0.44
CA PHE C 92 -9.79 13.26 -0.05
C PHE C 92 -10.47 12.21 -0.92
N ALA C 93 -11.63 11.72 -0.47
CA ALA C 93 -12.53 10.92 -1.30
C ALA C 93 -13.86 11.62 -1.49
N MET C 94 -14.42 11.47 -2.69
CA MET C 94 -15.72 12.04 -3.03
C MET C 94 -16.72 10.91 -2.91
N ASP C 95 -17.43 10.87 -1.78
CA ASP C 95 -18.35 9.77 -1.48
C ASP C 95 -19.71 10.17 -2.03
N PHE C 96 -20.00 9.76 -3.27
CA PHE C 96 -21.26 10.12 -3.91
C PHE C 96 -22.38 9.15 -3.58
N PHE C 97 -22.15 8.18 -2.71
CA PHE C 97 -23.21 7.31 -2.23
C PHE C 97 -23.79 7.77 -0.91
N ASN C 98 -22.94 8.19 0.05
CA ASN C 98 -23.40 8.80 1.27
C ASN C 98 -23.41 10.32 1.19
N ASP C 99 -22.92 10.89 0.08
CA ASP C 99 -22.96 12.32 -0.20
C ASP C 99 -22.11 13.14 0.76
N ASN C 100 -20.82 12.85 0.85
CA ASN C 100 -19.93 13.68 1.66
C ASN C 100 -18.53 13.65 1.07
N ILE C 101 -17.66 14.50 1.62
CA ILE C 101 -16.26 14.61 1.22
C ILE C 101 -15.42 14.30 2.45
N ILE C 102 -14.66 13.22 2.40
CA ILE C 102 -13.92 12.71 3.54
C ILE C 102 -12.42 12.84 3.29
N HIS C 103 -11.71 13.31 4.31
CA HIS C 103 -10.26 13.37 4.23
C HIS C 103 -9.65 12.02 4.57
N LYS C 104 -8.41 11.82 4.09
CA LYS C 104 -7.68 10.56 4.29
C LYS C 104 -7.57 10.14 5.75
N ALA C 105 -7.50 11.08 6.69
CA ALA C 105 -7.37 10.77 8.11
C ALA C 105 -8.70 10.58 8.78
N GLY C 106 -9.80 10.63 8.04
CA GLY C 106 -11.09 10.17 8.50
C GLY C 106 -12.09 11.25 8.85
N LYS C 107 -11.68 12.51 8.88
CA LYS C 107 -12.65 13.58 9.09
C LYS C 107 -13.22 14.05 7.76
N TYR C 108 -14.30 14.81 7.87
CA TYR C 108 -15.08 15.26 6.73
C TYR C 108 -15.04 16.77 6.63
N ILE C 109 -15.35 17.27 5.44
CA ILE C 109 -15.53 18.70 5.26
C ILE C 109 -16.91 19.07 5.80
N HIS C 110 -16.95 20.07 6.68
CA HIS C 110 -18.15 20.63 7.27
C HIS C 110 -18.14 22.13 7.05
N PRO C 111 -19.31 22.76 7.02
CA PRO C 111 -19.35 24.20 7.32
C PRO C 111 -19.02 24.41 8.79
N LYS C 112 -18.21 25.44 9.06
CA LYS C 112 -17.87 25.76 10.44
C LYS C 112 -19.13 26.16 11.19
N GLY C 113 -19.41 25.46 12.29
CA GLY C 113 -20.61 25.71 13.07
C GLY C 113 -21.75 24.76 12.79
N GLY C 114 -21.69 24.01 11.70
CA GLY C 114 -22.65 22.94 11.48
C GLY C 114 -24.05 23.31 11.08
N SER C 115 -24.29 24.48 10.48
CA SER C 115 -25.65 24.87 10.14
C SER C 115 -26.06 24.19 8.85
N THR C 116 -27.32 23.74 8.77
CA THR C 116 -27.85 23.29 7.48
C THR C 116 -28.12 24.39 6.48
N ASN C 117 -28.19 25.66 6.86
CA ASN C 117 -28.42 26.73 5.89
C ASN C 117 -27.44 27.86 6.20
N PRO C 118 -26.14 27.61 6.04
CA PRO C 118 -25.17 28.64 6.36
C PRO C 118 -25.23 29.78 5.36
N PRO C 119 -25.10 31.02 5.82
CA PRO C 119 -25.08 32.16 4.90
C PRO C 119 -23.81 32.19 4.09
N ASN C 120 -23.89 32.94 2.99
CA ASN C 120 -22.73 33.17 2.14
C ASN C 120 -21.54 33.62 2.97
N GLU C 121 -20.36 33.14 2.56
CA GLU C 121 -19.03 33.36 3.12
C GLU C 121 -18.72 32.51 4.35
N THR C 122 -19.60 31.60 4.76
CA THR C 122 -19.28 30.71 5.86
C THR C 122 -18.05 29.86 5.57
N LEU C 123 -17.12 29.80 6.53
CA LEU C 123 -15.94 28.97 6.30
C LEU C 123 -16.29 27.49 6.37
N THR C 124 -15.40 26.68 5.79
CA THR C 124 -15.44 25.24 5.95
C THR C 124 -14.24 24.77 6.78
N VAL C 125 -14.43 23.68 7.50
CA VAL C 125 -13.43 23.15 8.42
C VAL C 125 -13.51 21.63 8.34
N MET C 126 -12.55 20.97 8.97
CA MET C 126 -12.58 19.53 9.13
CA MET C 126 -12.58 19.53 9.13
C MET C 126 -13.30 19.19 10.43
N HIS C 127 -14.36 18.40 10.33
CA HIS C 127 -15.00 17.90 11.53
C HIS C 127 -15.24 16.41 11.33
N GLY C 128 -15.06 15.62 12.41
CA GLY C 128 -15.16 14.18 12.31
C GLY C 128 -16.54 13.59 12.31
N ASP C 129 -17.54 14.35 12.73
CA ASP C 129 -18.91 13.88 12.87
C ASP C 129 -19.58 13.75 11.52
N LYS C 130 -20.60 12.90 11.51
CA LYS C 130 -21.43 12.68 10.30
C LYS C 130 -22.86 13.07 10.63
N HIS C 131 -23.44 13.92 9.81
CA HIS C 131 -24.80 14.42 9.97
C HIS C 131 -25.19 15.13 8.67
N LYS C 132 -26.39 15.71 8.65
CA LYS C 132 -26.90 16.25 7.39
C LYS C 132 -26.17 17.50 6.94
N ALA C 133 -25.84 18.41 7.87
CA ALA C 133 -25.31 19.71 7.49
C ALA C 133 -23.96 19.63 6.81
N MET C 134 -23.40 18.43 6.70
CA MET C 134 -22.09 18.24 6.04
C MET C 134 -22.25 17.48 4.71
N GLU C 135 -23.47 17.33 4.22
CA GLU C 135 -23.66 16.61 2.97
C GLU C 135 -23.42 17.52 1.78
N PHE C 136 -22.71 16.98 0.78
CA PHE C 136 -22.41 17.67 -0.46
C PHE C 136 -22.68 16.72 -1.61
N ILE C 137 -23.15 17.29 -2.73
CA ILE C 137 -23.35 16.54 -3.96
C ILE C 137 -22.57 17.22 -5.07
N PHE C 138 -22.28 16.46 -6.14
CA PHE C 138 -21.36 16.92 -7.18
C PHE C 138 -22.13 16.98 -8.49
N VAL C 139 -22.31 18.20 -9.00
CA VAL C 139 -23.29 18.50 -10.05
C VAL C 139 -22.66 19.24 -11.22
N SER C 140 -23.39 19.23 -12.34
CA SER C 140 -22.92 19.85 -13.57
C SER C 140 -22.92 21.36 -13.43
N PRO C 141 -21.86 22.05 -13.89
CA PRO C 141 -21.86 23.52 -13.87
C PRO C 141 -22.97 24.16 -14.69
N LYS C 142 -23.40 23.51 -15.76
CA LYS C 142 -24.44 24.03 -16.64
C LYS C 142 -25.83 23.53 -16.26
N ASP C 143 -25.92 22.63 -15.28
CA ASP C 143 -27.18 22.23 -14.66
C ASP C 143 -26.83 21.87 -13.22
N LYS C 144 -27.08 22.80 -12.31
CA LYS C 144 -26.75 22.62 -10.89
C LYS C 144 -27.60 21.58 -10.21
N ASP C 145 -28.59 20.97 -10.86
CA ASP C 145 -29.34 19.90 -10.23
C ASP C 145 -29.02 18.51 -10.78
N LYS C 146 -28.16 18.40 -11.75
CA LYS C 146 -27.81 17.13 -12.35
C LYS C 146 -26.48 16.64 -11.78
N ARG C 147 -26.50 15.52 -11.07
CA ARG C 147 -25.26 15.00 -10.52
C ARG C 147 -24.35 14.48 -11.64
N VAL C 148 -23.04 14.65 -11.46
CA VAL C 148 -22.07 14.13 -12.41
C VAL C 148 -21.05 13.24 -11.68
N LEU C 149 -20.49 12.28 -12.42
CA LEU C 149 -19.48 11.36 -11.90
C LEU C 149 -18.12 12.06 -11.83
N VAL C 150 -17.54 12.20 -10.65
CA VAL C 150 -16.27 12.93 -10.56
C VAL C 150 -15.01 12.10 -10.74
N TYR C 151 -15.11 10.77 -10.68
CA TYR C 151 -13.92 9.87 -10.79
C TYR C 151 -13.70 9.45 -12.24
N VAL C 152 -14.06 10.33 -13.10
CA VAL C 152 -14.02 10.03 -14.56
C VAL C 152 -13.95 11.36 -15.29
N MET D 3 -9.40 0.75 -19.30
CA MET D 3 -10.31 -0.41 -19.09
C MET D 3 -9.95 -1.07 -17.75
N THR D 4 -10.75 -0.88 -16.70
CA THR D 4 -10.41 -1.52 -15.43
C THR D 4 -11.11 -2.86 -15.29
N THR D 5 -10.36 -3.93 -15.43
CA THR D 5 -10.84 -5.26 -15.12
C THR D 5 -10.67 -5.54 -13.65
N PHE D 6 -11.72 -6.06 -13.01
CA PHE D 6 -11.69 -6.26 -11.57
C PHE D 6 -12.36 -7.58 -11.22
N LEU D 7 -12.15 -8.00 -9.97
CA LEU D 7 -12.86 -9.13 -9.38
C LEU D 7 -13.93 -8.60 -8.45
N ILE D 8 -15.09 -9.25 -8.42
CA ILE D 8 -16.15 -8.87 -7.48
C ILE D 8 -16.07 -9.86 -6.32
N LYS D 9 -15.54 -9.40 -5.20
CA LYS D 9 -15.24 -10.24 -4.05
C LYS D 9 -16.31 -10.06 -2.97
N HIS D 10 -16.91 -11.16 -2.56
CA HIS D 10 -17.83 -11.15 -1.42
C HIS D 10 -17.04 -10.91 -0.15
N LYS D 11 -17.28 -9.78 0.51
CA LYS D 11 -16.38 -9.35 1.58
C LYS D 11 -16.33 -10.36 2.73
N ALA D 12 -17.49 -10.89 3.12
CA ALA D 12 -17.55 -11.74 4.32
C ALA D 12 -16.88 -13.11 4.12
N SER D 13 -16.96 -13.69 2.92
CA SER D 13 -16.48 -15.05 2.69
C SER D 13 -15.19 -15.11 1.90
N GLY D 14 -14.86 -14.07 1.14
CA GLY D 14 -13.75 -14.09 0.20
C GLY D 14 -14.00 -14.83 -1.08
N LYS D 15 -15.19 -15.37 -1.31
CA LYS D 15 -15.56 -15.90 -2.62
C LYS D 15 -15.80 -14.77 -3.61
N PHE D 16 -15.99 -15.15 -4.89
CA PHE D 16 -16.10 -14.20 -5.98
C PHE D 16 -17.34 -14.47 -6.82
N LEU D 17 -17.81 -13.43 -7.48
CA LEU D 17 -18.86 -13.60 -8.47
C LEU D 17 -18.31 -14.30 -9.70
N HIS D 18 -18.97 -15.39 -10.11
CA HIS D 18 -18.67 -16.22 -11.27
C HIS D 18 -19.92 -16.39 -12.12
N PRO D 19 -19.79 -16.61 -13.42
CA PRO D 19 -20.88 -17.24 -14.15
C PRO D 19 -20.99 -18.70 -13.73
N LYS D 20 -22.22 -19.16 -13.52
CA LYS D 20 -22.46 -20.57 -13.27
C LYS D 20 -21.86 -21.40 -14.39
N GLY D 21 -20.80 -22.13 -14.10
CA GLY D 21 -20.11 -22.94 -15.08
C GLY D 21 -18.74 -22.43 -15.48
N GLY D 22 -18.45 -21.16 -15.25
CA GLY D 22 -17.11 -20.68 -15.52
C GLY D 22 -16.78 -20.56 -16.97
N SER D 23 -17.77 -20.47 -17.84
CA SER D 23 -17.52 -20.44 -19.27
C SER D 23 -17.04 -19.07 -19.69
N SER D 24 -16.34 -19.04 -20.81
CA SER D 24 -15.91 -17.76 -21.40
C SER D 24 -17.12 -17.21 -22.16
N ASN D 25 -18.13 -18.06 -22.38
CA ASN D 25 -19.31 -17.64 -23.10
C ASN D 25 -20.57 -18.25 -22.48
N PRO D 26 -20.86 -17.92 -21.23
CA PRO D 26 -22.09 -18.47 -20.63
C PRO D 26 -23.31 -18.09 -21.45
N ALA D 27 -24.24 -19.03 -21.55
CA ALA D 27 -25.46 -18.76 -22.28
C ALA D 27 -26.27 -17.67 -21.61
N ASN D 28 -27.10 -17.03 -22.41
CA ASN D 28 -28.07 -16.09 -21.90
C ASN D 28 -28.86 -16.70 -20.75
N ASP D 29 -29.05 -15.91 -19.70
CA ASP D 29 -29.81 -16.26 -18.49
C ASP D 29 -29.07 -17.25 -17.61
N THR D 30 -27.77 -17.43 -17.85
CA THR D 30 -26.92 -18.18 -16.94
C THR D 30 -26.86 -17.47 -15.60
N ASN D 31 -27.03 -18.25 -14.52
CA ASN D 31 -27.02 -17.71 -13.18
C ASN D 31 -25.65 -17.16 -12.81
N LEU D 32 -25.67 -16.15 -11.96
CA LEU D 32 -24.48 -15.60 -11.33
C LEU D 32 -24.36 -16.22 -9.96
N VAL D 33 -23.22 -16.83 -9.67
CA VAL D 33 -23.02 -17.54 -8.42
C VAL D 33 -21.76 -17.02 -7.72
N LEU D 34 -21.57 -17.50 -6.50
CA LEU D 34 -20.36 -17.25 -5.74
C LEU D 34 -19.49 -18.50 -5.80
N HIS D 35 -18.21 -18.31 -6.09
CA HIS D 35 -17.27 -19.43 -6.15
C HIS D 35 -15.93 -18.94 -5.64
N SER D 36 -15.22 -19.83 -4.97
CA SER D 36 -13.93 -19.47 -4.39
C SER D 36 -12.82 -19.31 -5.43
N ASP D 37 -12.95 -19.93 -6.61
CA ASP D 37 -11.88 -19.99 -7.59
C ASP D 37 -11.65 -18.63 -8.22
N ILE D 38 -10.44 -18.42 -8.74
CA ILE D 38 -10.07 -17.23 -9.50
C ILE D 38 -9.56 -17.68 -10.85
N HIS D 39 -10.05 -17.06 -11.91
CA HIS D 39 -9.61 -17.33 -13.27
C HIS D 39 -10.24 -16.28 -14.18
N GLU D 40 -9.63 -16.09 -15.35
CA GLU D 40 -10.04 -15.01 -16.24
CA GLU D 40 -10.03 -15.04 -16.29
C GLU D 40 -11.51 -15.07 -16.63
N ARG D 41 -12.18 -16.20 -16.43
CA ARG D 41 -13.59 -16.30 -16.77
C ARG D 41 -14.51 -15.75 -15.69
N MET D 42 -13.96 -15.30 -14.55
CA MET D 42 -14.73 -14.58 -13.54
C MET D 42 -14.32 -13.10 -13.44
N TYR D 43 -13.58 -12.59 -14.42
CA TYR D 43 -13.28 -11.16 -14.44
C TYR D 43 -14.48 -10.36 -14.90
N PHE D 44 -14.67 -9.19 -14.30
CA PHE D 44 -15.74 -8.26 -14.68
C PHE D 44 -15.19 -6.88 -15.01
N GLN D 45 -16.01 -6.11 -15.75
CA GLN D 45 -15.76 -4.70 -16.01
C GLN D 45 -17.04 -3.93 -15.73
N PHE D 46 -16.94 -2.61 -15.66
CA PHE D 46 -18.12 -1.78 -15.42
C PHE D 46 -18.15 -0.67 -16.46
N ASP D 47 -19.25 -0.58 -17.20
CA ASP D 47 -19.40 0.40 -18.27
C ASP D 47 -20.34 1.48 -17.77
N VAL D 48 -19.77 2.63 -17.40
CA VAL D 48 -20.59 3.70 -16.86
C VAL D 48 -21.58 4.14 -17.91
N VAL D 49 -22.82 4.36 -17.50
CA VAL D 49 -23.87 4.82 -18.39
C VAL D 49 -24.32 6.22 -18.03
N ASP D 50 -24.58 6.45 -16.75
CA ASP D 50 -25.14 7.72 -16.34
C ASP D 50 -24.72 7.91 -14.88
N GLU D 51 -23.65 8.69 -14.66
CA GLU D 51 -23.10 8.94 -13.33
C GLU D 51 -22.78 7.65 -12.58
N ARG D 52 -23.51 7.32 -11.51
CA ARG D 52 -23.20 6.10 -10.77
C ARG D 52 -23.70 4.83 -11.45
N TRP D 53 -24.61 4.94 -12.42
CA TRP D 53 -25.31 3.78 -12.96
C TRP D 53 -24.57 3.24 -14.16
N GLY D 54 -24.49 1.92 -14.24
CA GLY D 54 -23.89 1.32 -15.41
C GLY D 54 -24.18 -0.15 -15.47
N TYR D 55 -23.49 -0.82 -16.38
CA TYR D 55 -23.66 -2.26 -16.61
C TYR D 55 -22.49 -3.02 -16.01
N ILE D 56 -22.80 -4.10 -15.28
CA ILE D 56 -21.76 -4.97 -14.76
C ILE D 56 -21.51 -6.04 -15.82
N LYS D 57 -20.30 -6.10 -16.36
CA LYS D 57 -20.05 -6.83 -17.59
C LYS D 57 -19.08 -7.97 -17.31
N HIS D 58 -19.48 -9.17 -17.70
CA HIS D 58 -18.58 -10.30 -17.66
C HIS D 58 -17.53 -10.14 -18.75
N ALA D 59 -16.26 -10.04 -18.34
CA ALA D 59 -15.24 -9.61 -19.28
C ALA D 59 -15.12 -10.60 -20.44
N ALA D 60 -15.18 -11.90 -20.15
CA ALA D 60 -14.91 -12.90 -21.19
C ALA D 60 -16.00 -12.98 -22.25
N SER D 61 -17.28 -12.69 -21.91
CA SER D 61 -18.35 -12.86 -22.89
C SER D 61 -18.98 -11.56 -23.33
N GLY D 62 -18.77 -10.47 -22.59
CA GLY D 62 -19.46 -9.23 -22.87
C GLY D 62 -20.90 -9.21 -22.40
N LYS D 63 -21.40 -10.29 -21.83
CA LYS D 63 -22.75 -10.32 -21.29
C LYS D 63 -22.77 -9.50 -20.00
N ILE D 64 -23.90 -8.91 -19.68
CA ILE D 64 -23.98 -8.07 -18.50
C ILE D 64 -24.96 -8.68 -17.49
N VAL D 65 -24.87 -8.19 -16.25
CA VAL D 65 -25.69 -8.72 -15.17
C VAL D 65 -27.11 -8.16 -15.28
N HIS D 66 -28.12 -9.04 -15.21
CA HIS D 66 -29.52 -8.66 -15.22
C HIS D 66 -30.25 -9.36 -14.08
N PRO D 67 -31.30 -8.73 -13.53
CA PRO D 67 -32.23 -9.44 -12.66
C PRO D 67 -33.04 -10.28 -13.66
N LEU D 68 -33.28 -11.55 -13.36
CA LEU D 68 -34.03 -12.45 -14.25
C LEU D 68 -35.45 -11.90 -14.53
N GLY D 69 -35.84 -11.87 -15.80
CA GLY D 69 -37.16 -11.35 -16.18
C GLY D 69 -37.10 -9.90 -16.61
N GLY D 70 -38.22 -9.19 -16.56
CA GLY D 70 -38.24 -7.75 -16.89
C GLY D 70 -39.20 -6.94 -16.03
N LYS D 71 -39.11 -7.06 -14.70
CA LYS D 71 -40.00 -6.31 -13.77
C LYS D 71 -39.52 -4.86 -13.57
N ALA D 72 -38.26 -4.55 -13.89
CA ALA D 72 -37.68 -3.20 -13.77
C ALA D 72 -37.53 -2.90 -12.28
N ASP D 73 -38.56 -3.26 -11.51
CA ASP D 73 -38.52 -3.11 -10.03
C ASP D 73 -38.61 -4.53 -9.49
N PRO D 74 -37.54 -5.32 -9.60
CA PRO D 74 -37.58 -6.71 -9.20
C PRO D 74 -37.84 -6.95 -7.72
N PRO D 75 -38.69 -7.96 -7.41
CA PRO D 75 -38.96 -8.28 -6.00
C PRO D 75 -37.79 -9.00 -5.34
N ASN D 76 -37.85 -9.05 -4.01
CA ASN D 76 -36.87 -9.83 -3.25
C ASN D 76 -36.79 -11.25 -3.76
N GLU D 77 -35.58 -11.80 -3.80
CA GLU D 77 -35.24 -13.16 -4.22
C GLU D 77 -35.18 -13.34 -5.74
N THR D 78 -35.29 -12.25 -6.47
CA THR D 78 -35.15 -12.35 -7.94
C THR D 78 -33.72 -12.75 -8.27
N LYS D 79 -33.56 -13.85 -9.00
CA LYS D 79 -32.20 -14.35 -9.31
C LYS D 79 -31.44 -13.40 -10.25
N LEU D 80 -30.13 -13.30 -10.07
CA LEU D 80 -29.28 -12.50 -10.98
C LEU D 80 -28.64 -13.41 -12.04
N VAL D 81 -28.66 -12.99 -13.28
CA VAL D 81 -28.18 -13.77 -14.42
C VAL D 81 -27.35 -12.88 -15.33
N LEU D 82 -26.74 -13.50 -16.34
CA LEU D 82 -26.06 -12.77 -17.42
C LEU D 82 -26.91 -12.85 -18.69
N HIS D 83 -26.89 -11.77 -19.46
CA HIS D 83 -27.63 -11.68 -20.72
C HIS D 83 -26.94 -10.65 -21.59
N GLN D 84 -26.97 -10.88 -22.91
CA GLN D 84 -26.27 -9.97 -23.81
C GLN D 84 -26.99 -8.63 -23.95
N ASP D 85 -28.29 -8.58 -23.67
CA ASP D 85 -29.07 -7.37 -23.88
C ASP D 85 -28.56 -6.25 -22.99
N ARG D 86 -28.68 -5.02 -23.50
CA ARG D 86 -28.45 -3.79 -22.76
C ARG D 86 -29.82 -3.17 -22.61
N HIS D 87 -30.16 -2.82 -21.36
CA HIS D 87 -31.42 -2.17 -21.05
C HIS D 87 -31.30 -1.50 -19.70
N ASP D 88 -32.13 -0.48 -19.46
CA ASP D 88 -32.12 0.28 -18.19
C ASP D 88 -32.29 -0.65 -16.98
N ARG D 89 -33.09 -1.69 -17.12
CA ARG D 89 -33.38 -2.59 -15.97
C ARG D 89 -32.08 -3.32 -15.56
N ALA D 90 -31.03 -3.17 -16.37
CA ALA D 90 -29.73 -3.80 -16.06
C ALA D 90 -28.77 -2.76 -15.48
N LEU D 91 -29.30 -1.62 -15.02
CA LEU D 91 -28.44 -0.60 -14.45
C LEU D 91 -28.22 -0.87 -12.97
N PHE D 92 -26.96 -0.84 -12.55
CA PHE D 92 -26.51 -1.00 -11.19
C PHE D 92 -25.52 0.11 -10.89
N ALA D 93 -25.30 0.35 -9.61
CA ALA D 93 -24.20 1.17 -9.15
C ALA D 93 -23.28 0.31 -8.30
N MET D 94 -22.00 0.67 -8.29
CA MET D 94 -20.98 -0.08 -7.57
CA MET D 94 -21.00 -0.09 -7.55
C MET D 94 -20.56 0.79 -6.39
N ASP D 95 -21.13 0.54 -5.21
CA ASP D 95 -20.93 1.42 -4.06
C ASP D 95 -19.68 0.98 -3.32
N PHE D 96 -18.55 1.61 -3.65
CA PHE D 96 -17.29 1.25 -3.03
C PHE D 96 -17.05 1.99 -1.72
N PHE D 97 -18.02 2.80 -1.28
CA PHE D 97 -17.95 3.42 0.03
C PHE D 97 -18.70 2.64 1.08
N ASN D 98 -19.90 2.16 0.76
CA ASN D 98 -20.60 1.26 1.67
C ASN D 98 -20.34 -0.20 1.36
N ASP D 99 -19.64 -0.49 0.26
CA ASP D 99 -19.23 -1.83 -0.15
C ASP D 99 -20.42 -2.71 -0.49
N ASN D 100 -21.25 -2.26 -1.45
CA ASN D 100 -22.35 -3.08 -1.94
C ASN D 100 -22.62 -2.71 -3.38
N ILE D 101 -23.49 -3.49 -4.01
CA ILE D 101 -23.90 -3.31 -5.40
C ILE D 101 -25.40 -3.10 -5.40
N ILE D 102 -25.84 -1.94 -5.87
CA ILE D 102 -27.24 -1.52 -5.78
C ILE D 102 -27.84 -1.46 -7.18
N HIS D 103 -29.03 -2.01 -7.33
CA HIS D 103 -29.75 -1.93 -8.60
C HIS D 103 -30.46 -0.58 -8.67
N LYS D 104 -30.74 -0.13 -9.90
CA LYS D 104 -31.40 1.15 -10.12
C LYS D 104 -32.69 1.32 -9.34
N ALA D 105 -33.44 0.24 -9.11
CA ALA D 105 -34.69 0.36 -8.37
C ALA D 105 -34.49 0.21 -6.86
N GLY D 106 -33.23 0.10 -6.41
CA GLY D 106 -32.89 0.27 -5.00
C GLY D 106 -32.57 -0.96 -4.19
N LYS D 107 -32.74 -2.16 -4.71
CA LYS D 107 -32.32 -3.36 -4.02
C LYS D 107 -30.86 -3.71 -4.35
N TYR D 108 -30.29 -4.63 -3.55
CA TYR D 108 -28.88 -4.99 -3.64
C TYR D 108 -28.69 -6.44 -4.06
N ILE D 109 -27.49 -6.73 -4.55
CA ILE D 109 -27.10 -8.11 -4.83
C ILE D 109 -26.72 -8.79 -3.53
N HIS D 110 -27.30 -9.95 -3.27
CA HIS D 110 -27.04 -10.78 -2.10
C HIS D 110 -26.68 -12.19 -2.54
N PRO D 111 -25.93 -12.93 -1.73
CA PRO D 111 -25.99 -14.39 -1.84
C PRO D 111 -27.36 -14.82 -1.35
N LYS D 112 -27.98 -15.74 -2.08
CA LYS D 112 -29.29 -16.24 -1.69
C LYS D 112 -29.19 -16.92 -0.33
N GLY D 113 -29.99 -16.45 0.63
CA GLY D 113 -29.96 -16.98 1.99
C GLY D 113 -29.16 -16.17 2.97
N GLY D 114 -28.33 -15.24 2.51
CA GLY D 114 -27.70 -14.31 3.44
C GLY D 114 -26.58 -14.83 4.29
N SER D 115 -25.89 -15.90 3.88
CA SER D 115 -24.85 -16.49 4.71
C SER D 115 -23.57 -15.65 4.60
N THR D 116 -22.88 -15.49 5.72
CA THR D 116 -21.54 -14.93 5.68
C THR D 116 -20.54 -15.89 5.06
N ASN D 117 -20.88 -17.16 4.94
CA ASN D 117 -20.03 -18.19 4.35
C ASN D 117 -20.85 -19.01 3.37
N PRO D 118 -21.32 -18.41 2.28
CA PRO D 118 -22.13 -19.19 1.33
C PRO D 118 -21.22 -20.19 0.63
N PRO D 119 -21.68 -21.42 0.41
CA PRO D 119 -20.87 -22.39 -0.32
C PRO D 119 -20.76 -22.06 -1.79
N ASN D 120 -19.74 -22.66 -2.40
CA ASN D 120 -19.56 -22.55 -3.84
C ASN D 120 -20.85 -22.93 -4.55
N GLU D 121 -21.13 -22.17 -5.61
CA GLU D 121 -22.28 -22.25 -6.51
C GLU D 121 -23.52 -21.63 -5.90
N THR D 122 -23.45 -20.99 -4.73
CA THR D 122 -24.63 -20.30 -4.20
C THR D 122 -25.06 -19.24 -5.18
N LEU D 123 -26.37 -19.22 -5.48
CA LEU D 123 -26.87 -18.21 -6.41
C LEU D 123 -26.85 -16.83 -5.75
N THR D 124 -26.92 -15.82 -6.60
CA THR D 124 -27.12 -14.48 -6.08
C THR D 124 -28.52 -14.04 -6.47
N VAL D 125 -29.09 -13.19 -5.62
CA VAL D 125 -30.45 -12.71 -5.76
C VAL D 125 -30.51 -11.26 -5.32
N MET D 126 -31.57 -10.58 -5.74
CA MET D 126 -31.84 -9.23 -5.28
CA MET D 126 -31.82 -9.24 -5.27
C MET D 126 -32.53 -9.26 -3.92
N HIS D 127 -32.21 -8.28 -3.08
CA HIS D 127 -32.93 -8.20 -1.82
C HIS D 127 -32.64 -6.83 -1.23
N GLY D 128 -33.64 -6.27 -0.57
CA GLY D 128 -33.52 -4.92 -0.05
C GLY D 128 -32.71 -4.77 1.22
N ASP D 129 -32.41 -5.87 1.91
CA ASP D 129 -31.73 -5.76 3.20
C ASP D 129 -30.27 -5.37 3.04
N LYS D 130 -29.75 -4.74 4.08
CA LYS D 130 -28.34 -4.34 4.16
C LYS D 130 -27.67 -5.08 5.34
N HIS D 131 -26.52 -5.73 5.12
CA HIS D 131 -25.84 -6.46 6.21
C HIS D 131 -24.45 -6.90 5.73
N LYS D 132 -23.68 -7.44 6.65
CA LYS D 132 -22.30 -7.77 6.28
C LYS D 132 -22.28 -8.86 5.22
N ALA D 133 -23.36 -9.63 5.08
CA ALA D 133 -23.29 -10.73 4.14
C ALA D 133 -23.65 -10.34 2.71
N MET D 134 -24.10 -9.12 2.47
CA MET D 134 -24.36 -8.69 1.09
C MET D 134 -23.31 -7.67 0.63
N GLU D 135 -22.24 -7.52 1.42
CA GLU D 135 -21.15 -6.57 1.06
C GLU D 135 -20.17 -7.20 0.06
N PHE D 136 -19.78 -6.43 -0.93
CA PHE D 136 -18.82 -6.83 -1.94
C PHE D 136 -17.80 -5.72 -2.10
N ILE D 137 -16.56 -6.11 -2.40
CA ILE D 137 -15.48 -5.18 -2.69
C ILE D 137 -14.91 -5.53 -4.05
N PHE D 138 -14.24 -4.57 -4.67
CA PHE D 138 -13.83 -4.68 -6.07
C PHE D 138 -12.33 -4.56 -6.08
N VAL D 139 -11.65 -5.65 -6.47
CA VAL D 139 -10.22 -5.83 -6.24
C VAL D 139 -9.49 -6.15 -7.53
N SER D 140 -8.17 -5.99 -7.48
CA SER D 140 -7.32 -6.19 -8.64
C SER D 140 -7.22 -7.68 -8.99
N PRO D 141 -7.28 -8.02 -10.28
CA PRO D 141 -7.06 -9.42 -10.66
C PRO D 141 -5.69 -9.94 -10.27
N LYS D 142 -4.67 -9.08 -10.21
CA LYS D 142 -3.33 -9.51 -9.85
C LYS D 142 -3.05 -9.33 -8.37
N ASP D 143 -4.03 -8.84 -7.61
CA ASP D 143 -3.89 -8.74 -6.16
C ASP D 143 -5.31 -8.65 -5.59
N LYS D 144 -5.79 -9.75 -5.04
CA LYS D 144 -7.13 -9.86 -4.49
C LYS D 144 -7.33 -9.02 -3.23
N ASP D 145 -6.29 -8.35 -2.73
CA ASP D 145 -6.42 -7.43 -1.61
C ASP D 145 -6.32 -5.97 -2.03
N LYS D 146 -6.10 -5.69 -3.30
CA LYS D 146 -5.99 -4.32 -3.77
C LYS D 146 -7.30 -3.89 -4.37
N ARG D 147 -7.95 -2.92 -3.73
CA ARG D 147 -9.18 -2.41 -4.30
C ARG D 147 -8.81 -1.61 -5.54
N VAL D 148 -9.64 -1.68 -6.57
CA VAL D 148 -9.39 -0.88 -7.76
C VAL D 148 -10.64 -0.08 -8.04
N LEU D 149 -10.46 1.06 -8.69
CA LEU D 149 -11.55 1.94 -9.06
C LEU D 149 -12.22 1.34 -10.29
N VAL D 150 -13.51 1.01 -10.15
CA VAL D 150 -14.28 0.36 -11.21
C VAL D 150 -14.91 1.37 -12.14
N TYR D 151 -14.90 2.65 -11.77
CA TYR D 151 -15.52 3.64 -12.64
C TYR D 151 -14.61 4.14 -13.76
N VAL D 152 -13.34 3.73 -13.82
CA VAL D 152 -12.39 4.40 -14.72
C VAL D 152 -12.12 3.27 -15.72
N GLY E 1 17.68 -20.11 15.52
CA GLY E 1 18.75 -20.69 14.73
C GLY E 1 18.60 -20.34 13.27
N HIS E 2 17.36 -20.23 12.81
CA HIS E 2 17.11 -19.66 11.44
C HIS E 2 16.17 -18.48 11.65
N MET E 3 15.06 -18.69 12.36
CA MET E 3 14.17 -17.54 12.70
C MET E 3 14.15 -17.34 14.23
N THR E 4 14.43 -16.13 14.69
CA THR E 4 14.55 -15.84 16.13
C THR E 4 13.39 -16.39 16.93
N THR E 5 13.67 -17.31 17.84
CA THR E 5 12.62 -17.78 18.77
C THR E 5 12.73 -16.90 20.00
N PHE E 6 11.62 -16.72 20.69
CA PHE E 6 11.64 -15.84 21.88
C PHE E 6 10.46 -16.12 22.80
N LEU E 7 10.57 -15.59 24.02
CA LEU E 7 9.48 -15.67 24.96
C LEU E 7 8.79 -14.32 24.97
N ILE E 8 7.47 -14.33 25.06
CA ILE E 8 6.68 -13.11 25.15
C ILE E 8 6.38 -12.92 26.64
N LYS E 9 7.09 -11.99 27.26
CA LYS E 9 7.07 -11.76 28.70
C LYS E 9 6.20 -10.56 29.04
N HIS E 10 5.20 -10.76 29.88
CA HIS E 10 4.39 -9.67 30.42
C HIS E 10 5.25 -8.84 31.37
N LYS E 11 5.51 -7.58 31.00
CA LYS E 11 6.56 -6.82 31.68
C LYS E 11 6.22 -6.61 33.16
N ALA E 12 4.97 -6.28 33.49
CA ALA E 12 4.67 -5.91 34.87
C ALA E 12 4.72 -7.10 35.81
N SER E 13 4.34 -8.31 35.34
CA SER E 13 4.23 -9.48 36.19
C SER E 13 5.33 -10.51 35.98
N GLY E 14 5.98 -10.50 34.83
CA GLY E 14 6.91 -11.56 34.46
C GLY E 14 6.30 -12.87 34.01
N LYS E 15 4.98 -13.00 33.93
CA LYS E 15 4.43 -14.19 33.29
C LYS E 15 4.61 -14.10 31.77
N PHE E 16 4.29 -15.20 31.09
CA PHE E 16 4.53 -15.31 29.66
C PHE E 16 3.26 -15.71 28.94
N LEU E 17 3.30 -15.57 27.62
CA LEU E 17 2.19 -16.00 26.79
C LEU E 17 2.28 -17.50 26.61
N HIS E 18 1.22 -18.22 27.00
CA HIS E 18 1.12 -19.65 26.74
C HIS E 18 -0.15 -19.95 25.96
N PRO E 19 -0.17 -21.02 25.16
CA PRO E 19 -1.45 -21.63 24.78
C PRO E 19 -2.06 -22.34 25.98
N LYS E 20 -3.31 -22.02 26.30
CA LYS E 20 -4.00 -22.72 27.38
C LYS E 20 -3.93 -24.22 27.14
N GLY E 21 -3.36 -24.93 28.11
CA GLY E 21 -3.14 -26.38 27.96
C GLY E 21 -1.69 -26.71 27.65
N GLY E 22 -0.92 -25.78 27.11
CA GLY E 22 0.49 -26.04 26.87
C GLY E 22 0.85 -26.99 25.75
N SER E 23 -0.03 -27.19 24.77
CA SER E 23 0.22 -28.17 23.72
C SER E 23 1.19 -27.68 22.66
N SER E 24 1.85 -28.65 22.02
CA SER E 24 2.72 -28.41 20.89
C SER E 24 1.97 -28.31 19.56
N ASN E 25 0.67 -28.54 19.59
CA ASN E 25 -0.12 -28.49 18.33
C ASN E 25 -1.54 -28.16 18.76
N PRO E 26 -1.74 -27.01 19.44
CA PRO E 26 -3.08 -26.64 19.91
C PRO E 26 -4.08 -26.54 18.77
N ALA E 27 -5.31 -26.97 19.07
CA ALA E 27 -6.35 -26.87 18.07
C ALA E 27 -6.64 -25.41 17.74
N ASN E 28 -7.18 -25.22 16.55
CA ASN E 28 -7.67 -23.92 16.11
C ASN E 28 -8.57 -23.30 17.16
N ASP E 29 -8.38 -21.99 17.36
CA ASP E 29 -9.14 -21.14 18.28
C ASP E 29 -8.81 -21.43 19.74
N THR E 30 -7.70 -22.11 20.01
CA THR E 30 -7.19 -22.23 21.38
C THR E 30 -6.78 -20.86 21.92
N ASN E 31 -7.25 -20.56 23.14
CA ASN E 31 -6.94 -19.31 23.79
C ASN E 31 -5.47 -19.19 24.19
N LEU E 32 -4.95 -17.98 24.10
CA LEU E 32 -3.63 -17.65 24.64
C LEU E 32 -3.78 -17.05 26.03
N VAL E 33 -3.05 -17.60 26.99
CA VAL E 33 -3.22 -17.22 28.38
C VAL E 33 -1.88 -16.73 28.91
N LEU E 34 -1.81 -16.47 30.20
CA LEU E 34 -0.57 -16.13 30.87
C LEU E 34 -0.18 -17.24 31.83
N HIS E 35 1.13 -17.46 31.98
CA HIS E 35 1.61 -18.48 32.90
C HIS E 35 3.07 -18.24 33.25
N SER E 36 3.42 -18.58 34.48
CA SER E 36 4.79 -18.37 34.94
C SER E 36 5.74 -19.38 34.31
N ASP E 37 5.23 -20.52 33.86
CA ASP E 37 6.10 -21.61 33.43
C ASP E 37 6.83 -21.28 32.15
N ILE E 38 7.95 -21.97 32.00
CA ILE E 38 8.76 -21.90 30.80
C ILE E 38 8.92 -23.32 30.28
N HIS E 39 8.72 -23.48 28.98
CA HIS E 39 8.89 -24.74 28.26
C HIS E 39 8.78 -24.39 26.79
N GLU E 40 9.22 -25.30 25.93
CA GLU E 40 9.32 -24.92 24.52
C GLU E 40 7.97 -24.84 23.81
N ARG E 41 7.01 -25.08 24.54
CA ARG E 41 5.65 -24.95 23.95
C ARG E 41 5.12 -23.52 24.13
N MET E 42 5.76 -22.61 24.81
CA MET E 42 5.44 -21.20 24.84
C MET E 42 6.44 -20.37 24.06
N TYR E 43 7.29 -20.98 23.23
CA TYR E 43 8.15 -20.20 22.36
C TYR E 43 7.34 -19.64 21.20
N PHE E 44 7.65 -18.42 20.80
CA PHE E 44 7.03 -17.76 19.67
C PHE E 44 8.07 -17.31 18.65
N GLN E 45 7.61 -17.07 17.44
CA GLN E 45 8.38 -16.45 16.38
C GLN E 45 7.53 -15.36 15.77
N PHE E 46 8.15 -14.49 14.99
CA PHE E 46 7.42 -13.43 14.31
C PHE E 46 7.83 -13.46 12.84
N ASP E 47 6.83 -13.64 11.96
CA ASP E 47 7.05 -13.77 10.53
CA ASP E 47 7.04 -13.77 10.53
C ASP E 47 6.67 -12.46 9.86
N VAL E 48 7.68 -11.70 9.41
CA VAL E 48 7.44 -10.37 8.88
C VAL E 48 6.77 -10.46 7.53
N VAL E 49 5.77 -9.63 7.34
CA VAL E 49 5.01 -9.56 6.10
C VAL E 49 5.23 -8.23 5.39
N ASP E 50 5.13 -7.13 6.14
CA ASP E 50 5.16 -5.81 5.52
C ASP E 50 5.70 -4.82 6.56
N GLU E 51 6.99 -4.51 6.48
CA GLU E 51 7.67 -3.59 7.38
C GLU E 51 7.46 -4.02 8.83
N ARG E 52 6.72 -3.22 9.62
CA ARG E 52 6.50 -3.58 11.01
C ARG E 52 5.46 -4.69 11.20
N TRP E 53 4.65 -4.97 10.19
CA TRP E 53 3.50 -5.85 10.37
C TRP E 53 3.89 -7.28 10.05
N GLY E 54 3.42 -8.20 10.85
CA GLY E 54 3.65 -9.59 10.54
C GLY E 54 2.78 -10.49 11.39
N TYR E 55 3.10 -11.79 11.32
CA TYR E 55 2.38 -12.81 12.05
C TYR E 55 3.17 -13.26 13.26
N ILE E 56 2.49 -13.33 14.39
CA ILE E 56 3.06 -13.85 15.63
C ILE E 56 2.78 -15.35 15.63
N LYS E 57 3.84 -16.16 15.66
CA LYS E 57 3.72 -17.57 15.36
C LYS E 57 4.10 -18.35 16.60
N HIS E 58 3.23 -19.28 16.98
CA HIS E 58 3.55 -20.24 18.03
C HIS E 58 4.59 -21.17 17.44
N ALA E 59 5.78 -21.19 18.03
CA ALA E 59 6.90 -21.83 17.36
C ALA E 59 6.67 -23.32 17.14
N ALA E 60 6.20 -24.05 18.13
CA ALA E 60 6.07 -25.52 18.02
C ALA E 60 4.99 -25.92 17.04
N SER E 61 3.85 -25.23 17.06
CA SER E 61 2.66 -25.60 16.24
C SER E 61 2.71 -25.00 14.86
N GLY E 62 3.26 -23.81 14.78
CA GLY E 62 3.23 -23.13 13.50
C GLY E 62 1.93 -22.36 13.28
N LYS E 63 0.98 -22.49 14.19
CA LYS E 63 -0.27 -21.70 14.12
C LYS E 63 0.04 -20.21 14.47
N ILE E 64 -0.79 -19.24 14.06
CA ILE E 64 -0.49 -17.78 14.32
C ILE E 64 -1.54 -17.12 15.24
N VAL E 65 -1.18 -15.96 15.81
CA VAL E 65 -2.09 -15.24 16.75
C VAL E 65 -3.18 -14.50 15.96
N HIS E 66 -4.43 -14.68 16.38
CA HIS E 66 -5.58 -14.02 15.79
C HIS E 66 -6.43 -13.42 16.89
N PRO E 67 -7.11 -12.30 16.62
CA PRO E 67 -8.27 -11.96 17.44
C PRO E 67 -9.31 -13.03 17.18
N LEU E 68 -9.91 -13.56 18.25
CA LEU E 68 -10.88 -14.64 18.11
C LEU E 68 -12.03 -14.21 17.21
N GLY E 69 -12.25 -14.97 16.14
CA GLY E 69 -13.31 -14.65 15.17
C GLY E 69 -12.75 -14.12 13.88
N GLY E 70 -11.59 -13.50 13.93
CA GLY E 70 -10.91 -12.99 12.72
C GLY E 70 -11.39 -11.62 12.30
N LYS E 71 -12.03 -10.87 13.21
CA LYS E 71 -12.53 -9.52 12.89
C LYS E 71 -11.37 -8.52 12.73
N ALA E 72 -11.47 -7.65 11.74
CA ALA E 72 -10.40 -6.65 11.47
C ALA E 72 -10.31 -5.64 12.61
N ASP E 73 -11.44 -5.27 13.20
CA ASP E 73 -11.48 -4.26 14.27
C ASP E 73 -12.14 -4.92 15.47
N PRO E 74 -11.44 -5.82 16.18
CA PRO E 74 -12.05 -6.55 17.27
C PRO E 74 -12.42 -5.60 18.37
N PRO E 75 -13.60 -5.82 18.99
CA PRO E 75 -13.99 -4.98 20.09
C PRO E 75 -13.05 -5.25 21.22
N ASN E 76 -13.02 -4.28 22.11
CA ASN E 76 -12.24 -4.52 23.32
C ASN E 76 -12.78 -5.78 24.02
N GLU E 77 -11.89 -6.52 24.67
CA GLU E 77 -12.24 -7.76 25.42
C GLU E 77 -12.33 -8.98 24.53
N THR E 78 -11.92 -8.84 23.30
CA THR E 78 -11.86 -10.00 22.43
C THR E 78 -10.67 -10.82 22.88
N LYS E 79 -10.89 -12.10 23.13
CA LYS E 79 -9.78 -12.98 23.54
C LYS E 79 -8.86 -13.23 22.35
N LEU E 80 -7.61 -13.53 22.64
CA LEU E 80 -6.63 -13.87 21.59
C LEU E 80 -6.50 -15.39 21.50
N VAL E 81 -6.50 -15.90 20.29
CA VAL E 81 -6.45 -17.35 20.09
C VAL E 81 -5.42 -17.68 19.03
N LEU E 82 -4.98 -18.94 19.05
CA LEU E 82 -4.09 -19.50 18.04
C LEU E 82 -4.92 -20.19 16.97
N HIS E 83 -4.67 -19.82 15.72
CA HIS E 83 -5.34 -20.46 14.55
C HIS E 83 -4.31 -20.71 13.45
N GLN E 84 -4.46 -21.80 12.70
CA GLN E 84 -3.49 -22.14 11.62
C GLN E 84 -3.66 -21.17 10.44
N ASP E 85 -4.84 -20.61 10.30
CA ASP E 85 -5.17 -19.70 9.17
C ASP E 85 -4.30 -18.44 9.16
N ARG E 86 -3.96 -17.98 7.98
CA ARG E 86 -3.20 -16.70 7.85
C ARG E 86 -4.01 -15.74 7.00
N HIS E 87 -4.22 -14.52 7.49
CA HIS E 87 -4.91 -13.45 6.70
C HIS E 87 -4.57 -12.08 7.27
N ASP E 88 -5.18 -11.03 6.72
CA ASP E 88 -4.87 -9.62 7.09
C ASP E 88 -5.37 -9.23 8.49
N ARG E 89 -6.32 -9.97 9.03
CA ARG E 89 -6.85 -9.60 10.36
C ARG E 89 -5.96 -10.19 11.46
N ALA E 90 -4.93 -10.94 11.11
CA ALA E 90 -3.98 -11.44 12.09
C ALA E 90 -2.62 -10.74 12.03
N LEU E 91 -2.55 -9.54 11.48
CA LEU E 91 -1.29 -8.80 11.40
C LEU E 91 -1.10 -7.99 12.68
N PHE E 92 0.09 -8.11 13.27
CA PHE E 92 0.45 -7.36 14.47
C PHE E 92 1.81 -6.73 14.26
N ALA E 93 2.12 -5.71 15.06
CA ALA E 93 3.47 -5.17 15.17
C ALA E 93 4.01 -5.33 16.59
N MET E 94 5.30 -5.63 16.68
CA MET E 94 5.96 -5.96 17.93
C MET E 94 6.77 -4.73 18.37
N ASP E 95 6.08 -3.84 19.09
CA ASP E 95 6.70 -2.56 19.49
C ASP E 95 7.74 -2.78 20.60
N PHE E 96 9.01 -3.01 20.24
CA PHE E 96 9.97 -3.25 21.30
C PHE E 96 10.54 -1.96 21.85
N PHE E 97 10.06 -0.81 21.38
CA PHE E 97 10.45 0.48 21.96
C PHE E 97 9.45 1.00 22.97
N ASN E 98 8.15 0.90 22.70
CA ASN E 98 7.15 1.25 23.70
C ASN E 98 6.72 0.04 24.52
N ASP E 99 7.20 -1.14 24.14
CA ASP E 99 7.01 -2.42 24.83
C ASP E 99 5.55 -2.85 24.80
N ASN E 100 4.97 -2.99 23.62
CA ASN E 100 3.61 -3.51 23.51
C ASN E 100 3.46 -4.25 22.19
N ILE E 101 2.31 -4.91 22.03
CA ILE E 101 1.96 -5.66 20.83
C ILE E 101 0.69 -5.03 20.28
N ILE E 102 0.76 -4.47 19.08
CA ILE E 102 -0.31 -3.69 18.51
C ILE E 102 -0.88 -4.40 17.29
N HIS E 103 -2.20 -4.38 17.20
CA HIS E 103 -2.94 -4.97 16.07
C HIS E 103 -3.01 -3.96 14.94
N LYS E 104 -3.21 -4.44 13.73
CA LYS E 104 -3.27 -3.54 12.57
C LYS E 104 -4.29 -2.43 12.78
N ALA E 105 -5.38 -2.70 13.51
CA ALA E 105 -6.42 -1.72 13.78
C ALA E 105 -6.17 -0.91 15.04
N GLY E 106 -5.02 -1.11 15.73
CA GLY E 106 -4.60 -0.15 16.74
C GLY E 106 -4.80 -0.53 18.19
N LYS E 107 -5.47 -1.64 18.49
CA LYS E 107 -5.62 -2.07 19.87
C LYS E 107 -4.46 -2.97 20.29
N TYR E 108 -4.35 -3.19 21.61
CA TYR E 108 -3.22 -3.88 22.18
C TYR E 108 -3.63 -5.19 22.85
N ILE E 109 -2.64 -6.07 23.01
CA ILE E 109 -2.81 -7.29 23.79
C ILE E 109 -2.72 -6.95 25.26
N HIS E 110 -3.72 -7.39 26.04
CA HIS E 110 -3.77 -7.17 27.48
C HIS E 110 -3.95 -8.48 28.22
N PRO E 111 -3.52 -8.55 29.47
CA PRO E 111 -4.10 -9.52 30.39
C PRO E 111 -5.54 -9.12 30.65
N LYS E 112 -6.44 -10.10 30.66
CA LYS E 112 -7.83 -9.80 30.97
C LYS E 112 -7.91 -9.26 32.40
N GLY E 113 -8.45 -8.06 32.55
CA GLY E 113 -8.53 -7.42 33.84
C GLY E 113 -7.46 -6.39 34.13
N GLY E 114 -6.38 -6.38 33.36
CA GLY E 114 -5.44 -5.28 33.46
C GLY E 114 -4.56 -5.28 34.69
N SER E 115 -4.36 -6.43 35.34
CA SER E 115 -3.58 -6.46 36.56
C SER E 115 -2.09 -6.49 36.25
N THR E 116 -1.31 -5.79 37.07
CA THR E 116 0.13 -5.95 37.01
C THR E 116 0.55 -7.31 37.52
N ASN E 117 -0.34 -8.03 38.18
CA ASN E 117 -0.04 -9.36 38.70
C ASN E 117 -1.19 -10.32 38.33
N PRO E 118 -1.36 -10.60 37.04
CA PRO E 118 -2.45 -11.48 36.60
C PRO E 118 -2.17 -12.90 37.04
N PRO E 119 -3.18 -13.64 37.49
CA PRO E 119 -2.95 -15.05 37.84
C PRO E 119 -2.73 -15.92 36.63
N ASN E 120 -2.11 -17.07 36.90
CA ASN E 120 -1.95 -18.12 35.90
C ASN E 120 -3.28 -18.42 35.24
N GLU E 121 -3.25 -18.67 33.94
CA GLU E 121 -4.39 -19.01 33.10
C GLU E 121 -5.22 -17.78 32.78
N THR E 122 -4.79 -16.59 33.18
CA THR E 122 -5.50 -15.38 32.79
C THR E 122 -5.52 -15.31 31.28
N LEU E 123 -6.69 -15.05 30.73
CA LEU E 123 -6.78 -14.94 29.29
C LEU E 123 -6.09 -13.67 28.85
N THR E 124 -5.76 -13.60 27.57
CA THR E 124 -5.34 -12.33 27.04
C THR E 124 -6.42 -11.85 26.11
N VAL E 125 -6.57 -10.53 26.04
CA VAL E 125 -7.63 -9.89 25.28
C VAL E 125 -7.13 -8.61 24.64
N MET E 126 -7.74 -8.27 23.51
CA MET E 126 -7.51 -7.00 22.84
C MET E 126 -8.22 -5.87 23.58
N HIS E 127 -7.63 -4.68 23.46
CA HIS E 127 -8.18 -3.47 24.13
C HIS E 127 -7.40 -2.23 23.73
N GLY E 128 -8.07 -1.10 23.73
CA GLY E 128 -7.45 0.13 23.34
C GLY E 128 -6.63 0.84 24.41
N ASP E 129 -6.73 0.47 25.67
CA ASP E 129 -6.01 1.21 26.74
C ASP E 129 -4.51 0.94 26.72
N LYS E 130 -3.72 1.95 27.07
CA LYS E 130 -2.28 1.82 27.23
C LYS E 130 -1.95 2.09 28.70
N HIS E 131 -1.27 1.14 29.33
CA HIS E 131 -0.84 1.28 30.74
C HIS E 131 0.27 0.26 31.04
N LYS E 132 0.83 0.35 32.23
CA LYS E 132 1.93 -0.52 32.60
C LYS E 132 1.58 -2.01 32.55
N ALA E 133 0.28 -2.35 32.56
CA ALA E 133 -0.14 -3.75 32.58
C ALA E 133 -0.35 -4.34 31.20
N MET E 134 -0.25 -3.56 30.13
CA MET E 134 -0.35 -4.11 28.79
C MET E 134 1.00 -4.11 28.09
N GLU E 135 2.07 -3.89 28.84
CA GLU E 135 3.42 -3.89 28.31
C GLU E 135 4.00 -5.30 28.26
N PHE E 136 4.69 -5.59 27.14
CA PHE E 136 5.35 -6.86 26.92
C PHE E 136 6.76 -6.64 26.39
N ILE E 137 7.66 -7.52 26.79
CA ILE E 137 9.03 -7.53 26.27
C ILE E 137 9.27 -8.92 25.70
N PHE E 138 10.25 -9.02 24.81
CA PHE E 138 10.48 -10.21 24.00
C PHE E 138 11.88 -10.72 24.33
N VAL E 139 11.97 -11.90 24.92
CA VAL E 139 13.23 -12.28 25.54
C VAL E 139 13.71 -13.63 25.01
N SER E 140 14.98 -13.87 25.24
CA SER E 140 15.67 -15.05 24.79
C SER E 140 15.22 -16.29 25.56
N PRO E 141 15.04 -17.42 24.89
CA PRO E 141 14.73 -18.65 25.61
C PRO E 141 15.78 -19.00 26.66
N LYS E 142 16.99 -18.53 26.47
CA LYS E 142 18.10 -18.88 27.40
C LYS E 142 18.30 -17.82 28.50
N ASP E 143 17.58 -16.72 28.48
CA ASP E 143 17.75 -15.68 29.50
C ASP E 143 16.52 -14.78 29.45
N LYS E 144 15.58 -14.98 30.37
CA LYS E 144 14.32 -14.25 30.37
C LYS E 144 14.48 -12.77 30.62
N ASP E 145 15.71 -12.30 30.87
CA ASP E 145 16.01 -10.88 31.00
C ASP E 145 16.75 -10.32 29.81
N LYS E 146 17.06 -11.13 28.81
CA LYS E 146 17.78 -10.65 27.64
C LYS E 146 16.78 -10.37 26.53
N ARG E 147 16.63 -9.11 26.15
CA ARG E 147 15.74 -8.82 25.05
C ARG E 147 16.35 -9.35 23.76
N VAL E 148 15.52 -9.82 22.84
CA VAL E 148 16.05 -10.24 21.55
C VAL E 148 15.28 -9.54 20.44
N LEU E 149 15.96 -9.36 19.31
CA LEU E 149 15.32 -8.71 18.17
C LEU E 149 14.41 -9.72 17.48
N VAL E 150 13.11 -9.42 17.47
CA VAL E 150 12.10 -10.32 16.90
C VAL E 150 11.88 -10.09 15.42
N TYR E 151 12.47 -9.03 14.86
CA TYR E 151 12.26 -8.68 13.42
C TYR E 151 13.27 -9.33 12.46
N VAL E 152 14.47 -9.63 12.92
CA VAL E 152 15.42 -10.24 11.95
C VAL E 152 14.91 -11.65 11.60
N MET F 3 23.22 -4.87 3.13
CA MET F 3 21.93 -5.47 3.39
C MET F 3 20.76 -4.69 2.81
N THR F 4 19.97 -4.09 3.69
CA THR F 4 18.84 -3.31 3.22
C THR F 4 19.18 -1.85 3.33
N THR F 5 18.68 -1.11 2.36
CA THR F 5 19.11 0.24 2.06
C THR F 5 17.90 1.14 2.21
N PHE F 6 18.14 2.34 2.71
CA PHE F 6 17.04 3.24 2.98
C PHE F 6 17.54 4.68 3.03
N LEU F 7 16.59 5.60 2.96
CA LEU F 7 16.84 7.02 3.18
C LEU F 7 16.35 7.38 4.56
N ILE F 8 17.09 8.26 5.24
CA ILE F 8 16.70 8.74 6.56
C ILE F 8 16.04 10.09 6.34
N LYS F 9 14.71 10.13 6.41
CA LYS F 9 13.93 11.29 6.05
C LYS F 9 13.50 12.03 7.31
N HIS F 10 13.84 13.31 7.37
CA HIS F 10 13.35 14.16 8.44
C HIS F 10 11.86 14.31 8.23
N LYS F 11 11.07 13.77 9.16
CA LYS F 11 9.65 13.57 8.93
C LYS F 11 8.94 14.90 8.71
N ALA F 12 9.28 15.92 9.49
CA ALA F 12 8.53 17.19 9.44
C ALA F 12 8.79 17.97 8.15
N SER F 13 10.00 17.89 7.57
CA SER F 13 10.36 18.70 6.42
C SER F 13 10.42 17.90 5.13
N GLY F 14 10.58 16.58 5.20
CA GLY F 14 10.85 15.74 4.06
C GLY F 14 12.26 15.78 3.51
N LYS F 15 13.16 16.54 4.12
CA LYS F 15 14.57 16.45 3.78
C LYS F 15 15.16 15.15 4.33
N PHE F 16 16.40 14.85 3.94
CA PHE F 16 17.07 13.60 4.28
C PHE F 16 18.44 13.85 4.89
N LEU F 17 18.93 12.87 5.66
CA LEU F 17 20.30 12.90 6.16
C LEU F 17 21.29 12.65 5.03
N HIS F 18 22.40 13.39 5.04
CA HIS F 18 23.48 13.35 4.06
C HIS F 18 24.82 13.52 4.76
N PRO F 19 25.91 12.99 4.20
CA PRO F 19 27.23 13.53 4.56
C PRO F 19 27.35 14.92 3.96
N LYS F 20 27.89 15.86 4.72
CA LYS F 20 28.07 17.19 4.18
C LYS F 20 28.98 17.12 2.96
N GLY F 21 28.55 17.72 1.86
CA GLY F 21 29.31 17.68 0.62
C GLY F 21 28.92 16.58 -0.35
N GLY F 22 28.24 15.54 0.11
CA GLY F 22 27.75 14.51 -0.80
C GLY F 22 28.77 13.57 -1.39
N SER F 23 29.94 13.41 -0.77
CA SER F 23 31.00 12.58 -1.34
C SER F 23 30.72 11.09 -1.15
N SER F 24 31.07 10.28 -2.14
CA SER F 24 30.93 8.85 -1.95
C SER F 24 32.00 8.28 -1.04
N ASN F 25 32.88 9.12 -0.55
CA ASN F 25 33.90 8.70 0.41
C ASN F 25 34.16 9.89 1.32
N PRO F 26 33.18 10.35 2.09
CA PRO F 26 33.44 11.49 2.97
C PRO F 26 34.59 11.14 3.91
N ALA F 27 35.42 12.13 4.16
CA ALA F 27 36.51 11.89 5.08
C ALA F 27 35.99 11.63 6.48
N ASN F 28 36.81 10.96 7.27
CA ASN F 28 36.52 10.82 8.70
C ASN F 28 36.21 12.18 9.31
N ASP F 29 35.20 12.18 10.18
CA ASP F 29 34.71 13.33 10.95
C ASP F 29 33.94 14.35 10.12
N THR F 30 33.51 13.98 8.91
CA THR F 30 32.57 14.79 8.14
C THR F 30 31.22 14.89 8.84
N ASN F 31 30.68 16.11 8.93
CA ASN F 31 29.40 16.32 9.58
C ASN F 31 28.27 15.67 8.80
N LEU F 32 27.25 15.25 9.55
CA LEU F 32 26.01 14.75 8.99
C LEU F 32 25.00 15.89 8.99
N VAL F 33 24.44 16.17 7.82
CA VAL F 33 23.62 17.35 7.63
C VAL F 33 22.31 16.93 7.00
N LEU F 34 21.40 17.89 6.91
CA LEU F 34 20.14 17.76 6.20
C LEU F 34 20.24 18.41 4.83
N HIS F 35 19.50 17.86 3.86
CA HIS F 35 19.50 18.30 2.47
C HIS F 35 18.35 17.63 1.73
N SER F 36 17.76 18.36 0.78
CA SER F 36 16.61 17.86 0.02
C SER F 36 16.95 16.78 -1.01
N ASP F 37 18.19 16.69 -1.49
CA ASP F 37 18.47 15.83 -2.63
C ASP F 37 18.34 14.36 -2.26
N ILE F 38 18.07 13.54 -3.28
CA ILE F 38 18.05 12.09 -3.15
C ILE F 38 19.03 11.56 -4.18
N HIS F 39 19.91 10.66 -3.78
CA HIS F 39 20.85 10.01 -4.68
C HIS F 39 21.57 8.93 -3.91
N GLU F 40 22.55 8.29 -4.56
CA GLU F 40 23.18 7.10 -4.04
C GLU F 40 24.08 7.39 -2.83
N ARG F 41 24.62 8.60 -2.70
CA ARG F 41 25.55 8.92 -1.62
C ARG F 41 24.84 9.51 -0.40
N MET F 42 23.54 9.29 -0.29
CA MET F 42 22.80 9.53 0.94
C MET F 42 21.94 8.32 1.30
N TYR F 43 22.19 7.17 0.67
CA TYR F 43 21.55 5.92 1.05
C TYR F 43 22.23 5.45 2.32
N PHE F 44 21.47 4.87 3.24
CA PHE F 44 22.00 4.32 4.48
C PHE F 44 21.63 2.85 4.62
N GLN F 45 22.37 2.17 5.48
CA GLN F 45 22.11 0.80 5.90
C GLN F 45 22.20 0.78 7.42
N PHE F 46 21.73 -0.30 8.03
CA PHE F 46 21.82 -0.44 9.49
C PHE F 46 22.38 -1.79 9.86
N ASP F 47 23.56 -1.80 10.49
CA ASP F 47 24.24 -3.04 10.90
C ASP F 47 23.88 -3.32 12.36
N VAL F 48 23.09 -4.37 12.60
CA VAL F 48 22.66 -4.66 13.96
C VAL F 48 23.80 -5.29 14.74
N VAL F 49 23.99 -4.82 15.97
CA VAL F 49 25.02 -5.32 16.87
C VAL F 49 24.43 -6.03 18.09
N ASP F 50 23.42 -5.44 18.72
CA ASP F 50 22.90 -5.98 19.99
C ASP F 50 21.43 -5.60 20.13
N GLU F 51 20.54 -6.56 19.80
CA GLU F 51 19.09 -6.36 19.87
C GLU F 51 18.75 -5.10 19.07
N ARG F 52 18.31 -4.04 19.76
CA ARG F 52 17.96 -2.82 19.05
C ARG F 52 19.18 -2.01 18.60
N TRP F 53 20.37 -2.27 19.15
CA TRP F 53 21.51 -1.38 18.95
C TRP F 53 22.32 -1.80 17.73
N GLY F 54 22.76 -0.82 16.96
CA GLY F 54 23.63 -1.14 15.85
C GLY F 54 24.29 0.10 15.29
N TYR F 55 24.90 -0.08 14.13
CA TYR F 55 25.63 1.00 13.46
C TYR F 55 24.79 1.53 12.31
N ILE F 56 24.69 2.84 12.22
CA ILE F 56 24.01 3.47 11.10
C ILE F 56 25.11 3.70 10.07
N LYS F 57 24.99 3.08 8.91
CA LYS F 57 26.16 2.99 8.04
C LYS F 57 25.86 3.73 6.76
N HIS F 58 26.79 4.62 6.38
CA HIS F 58 26.73 5.27 5.09
C HIS F 58 27.06 4.24 4.02
N ALA F 59 26.10 3.97 3.15
CA ALA F 59 26.22 2.82 2.26
C ALA F 59 27.41 2.94 1.31
N ALA F 60 27.62 4.13 0.75
CA ALA F 60 28.63 4.26 -0.31
C ALA F 60 30.04 4.13 0.22
N SER F 61 30.28 4.53 1.47
CA SER F 61 31.63 4.54 2.01
C SER F 61 31.83 3.51 3.10
N GLY F 62 30.76 3.00 3.69
CA GLY F 62 30.87 2.13 4.83
C GLY F 62 31.17 2.80 6.15
N LYS F 63 31.36 4.10 6.16
CA LYS F 63 31.61 4.83 7.39
C LYS F 63 30.29 4.89 8.18
N ILE F 64 30.41 4.93 9.50
CA ILE F 64 29.22 4.93 10.35
C ILE F 64 29.09 6.23 11.13
N VAL F 65 27.90 6.44 11.68
CA VAL F 65 27.59 7.66 12.42
C VAL F 65 28.19 7.61 13.83
N HIS F 66 28.88 8.68 14.23
CA HIS F 66 29.46 8.87 15.56
C HIS F 66 29.06 10.22 16.12
N PRO F 67 28.93 10.33 17.45
CA PRO F 67 29.01 11.67 18.07
C PRO F 67 30.43 12.20 17.92
N LEU F 68 30.54 13.44 17.47
CA LEU F 68 31.84 14.10 17.30
C LEU F 68 32.62 14.21 18.61
N GLY F 69 33.89 13.78 18.61
CA GLY F 69 34.71 13.77 19.82
C GLY F 69 34.78 12.44 20.51
N GLY F 70 35.43 12.43 21.67
CA GLY F 70 35.36 11.17 22.37
C GLY F 70 34.68 10.95 23.70
N LYS F 71 33.66 11.72 24.09
CA LYS F 71 33.06 11.36 25.36
C LYS F 71 32.07 10.21 25.19
N ALA F 72 31.94 9.41 26.25
CA ALA F 72 31.08 8.22 26.30
C ALA F 72 29.61 8.60 26.29
N ASP F 73 29.33 9.76 26.89
CA ASP F 73 28.00 10.29 27.18
C ASP F 73 27.95 11.72 26.67
N PRO F 74 27.90 11.89 25.36
CA PRO F 74 28.02 13.23 24.77
C PRO F 74 26.88 14.14 25.14
N PRO F 75 27.21 15.42 25.37
CA PRO F 75 26.20 16.43 25.76
C PRO F 75 25.33 16.87 24.60
N ASN F 76 24.25 17.56 24.96
CA ASN F 76 23.40 18.19 23.97
C ASN F 76 24.27 19.05 23.07
N GLU F 77 23.95 19.09 21.78
CA GLU F 77 24.62 19.87 20.73
C GLU F 77 25.92 19.21 20.25
N THR F 78 26.24 18.01 20.70
CA THR F 78 27.38 17.29 20.14
C THR F 78 27.10 17.01 18.67
N LYS F 79 28.04 17.39 17.80
CA LYS F 79 27.81 17.18 16.37
C LYS F 79 27.86 15.70 16.01
N LEU F 80 27.05 15.31 15.04
CA LEU F 80 27.11 13.98 14.49
C LEU F 80 27.94 14.00 13.22
N VAL F 81 28.85 13.02 13.10
CA VAL F 81 29.79 12.94 12.01
C VAL F 81 29.83 11.49 11.52
N LEU F 82 30.50 11.29 10.38
CA LEU F 82 30.79 9.95 9.88
C LEU F 82 32.24 9.59 10.20
N HIS F 83 32.49 8.31 10.42
CA HIS F 83 33.84 7.84 10.73
C HIS F 83 33.89 6.35 10.46
N GLN F 84 35.06 5.87 9.99
CA GLN F 84 35.18 4.46 9.64
C GLN F 84 35.24 3.54 10.85
N ASP F 85 35.63 4.06 12.01
CA ASP F 85 35.81 3.23 13.18
C ASP F 85 34.48 2.61 13.62
N ARG F 86 34.59 1.43 14.19
CA ARG F 86 33.48 0.74 14.84
C ARG F 86 33.82 0.80 16.32
N HIS F 87 32.88 1.32 17.08
CA HIS F 87 33.07 1.49 18.55
C HIS F 87 31.68 1.49 19.21
N ASP F 88 31.65 1.16 20.48
CA ASP F 88 30.37 1.15 21.18
C ASP F 88 29.77 2.53 21.30
N ARG F 89 30.56 3.59 21.07
CA ARG F 89 30.02 4.95 21.11
C ARG F 89 29.27 5.28 19.85
N ALA F 90 29.29 4.41 18.85
CA ALA F 90 28.53 4.61 17.63
C ALA F 90 27.30 3.72 17.55
N LEU F 91 26.80 3.23 18.68
CA LEU F 91 25.61 2.41 18.66
C LEU F 91 24.37 3.28 18.76
N PHE F 92 23.43 3.05 17.86
CA PHE F 92 22.14 3.73 17.82
C PHE F 92 21.07 2.67 17.65
N ALA F 93 19.83 3.05 17.99
CA ALA F 93 18.64 2.30 17.67
C ALA F 93 17.73 3.12 16.77
N MET F 94 17.04 2.44 15.86
CA MET F 94 16.23 3.04 14.81
C MET F 94 14.77 2.86 15.20
N ASP F 95 14.22 3.81 15.95
CA ASP F 95 12.93 3.61 16.59
C ASP F 95 11.84 3.96 15.58
N PHE F 96 11.36 2.95 14.86
CA PHE F 96 10.35 3.17 13.83
C PHE F 96 8.92 3.16 14.36
N PHE F 97 8.73 3.06 15.67
CA PHE F 97 7.42 3.20 16.29
C PHE F 97 7.19 4.61 16.80
N ASN F 98 8.19 5.21 17.45
CA ASN F 98 8.12 6.61 17.82
C ASN F 98 8.77 7.53 16.81
N ASP F 99 9.40 6.99 15.78
CA ASP F 99 9.97 7.76 14.69
C ASP F 99 11.12 8.63 15.15
N ASN F 100 12.16 8.06 15.75
CA ASN F 100 13.33 8.84 16.10
C ASN F 100 14.56 7.95 16.06
N ILE F 101 15.72 8.56 16.21
CA ILE F 101 16.99 7.85 16.21
C ILE F 101 17.64 8.16 17.55
N ILE F 102 17.84 7.13 18.36
CA ILE F 102 18.32 7.28 19.73
C ILE F 102 19.70 6.66 19.84
N HIS F 103 20.60 7.38 20.48
CA HIS F 103 21.95 6.92 20.78
C HIS F 103 21.95 6.07 22.05
N LYS F 104 22.97 5.22 22.16
CA LYS F 104 23.08 4.32 23.31
C LYS F 104 23.02 5.03 24.67
N ALA F 105 23.52 6.26 24.76
CA ALA F 105 23.54 6.99 26.01
C ALA F 105 22.28 7.81 26.26
N GLY F 106 21.28 7.71 25.37
CA GLY F 106 19.92 8.17 25.63
C GLY F 106 19.45 9.44 24.95
N LYS F 107 20.33 10.20 24.29
CA LYS F 107 19.89 11.35 23.52
C LYS F 107 19.57 10.96 22.08
N TYR F 108 18.92 11.88 21.36
CA TYR F 108 18.39 11.63 20.02
C TYR F 108 19.12 12.50 19.00
N ILE F 109 19.05 12.11 17.72
CA ILE F 109 19.54 12.93 16.64
C ILE F 109 18.52 14.01 16.34
N HIS F 110 18.97 15.27 16.31
CA HIS F 110 18.20 16.48 16.02
C HIS F 110 18.82 17.28 14.90
N PRO F 111 18.03 18.09 14.19
CA PRO F 111 18.60 19.22 13.46
C PRO F 111 19.10 20.28 14.41
N LYS F 112 20.26 20.83 14.12
CA LYS F 112 20.77 21.92 14.94
C LYS F 112 19.81 23.10 14.88
N GLY F 113 19.31 23.54 16.02
CA GLY F 113 18.35 24.62 16.07
C GLY F 113 16.90 24.20 16.18
N GLY F 114 16.60 22.95 15.94
CA GLY F 114 15.28 22.46 16.26
C GLY F 114 14.14 22.91 15.37
N SER F 115 14.41 23.32 14.13
CA SER F 115 13.35 23.81 13.25
C SER F 115 12.62 22.62 12.63
N THR F 116 11.30 22.73 12.49
CA THR F 116 10.59 21.73 11.68
C THR F 116 10.89 21.83 10.19
N ASN F 117 11.49 22.90 9.71
CA ASN F 117 11.83 23.07 8.30
C ASN F 117 13.27 23.56 8.20
N PRO F 118 14.24 22.73 8.59
CA PRO F 118 15.65 23.17 8.55
C PRO F 118 16.12 23.32 7.12
N PRO F 119 16.94 24.37 6.84
CA PRO F 119 17.46 24.56 5.49
C PRO F 119 18.52 23.54 5.12
N ASN F 120 18.74 23.38 3.82
CA ASN F 120 19.83 22.48 3.34
C ASN F 120 21.14 22.86 4.04
N GLU F 121 21.93 21.86 4.42
CA GLU F 121 23.26 22.05 5.07
C GLU F 121 23.13 22.20 6.60
N THR F 122 21.91 22.12 7.12
CA THR F 122 21.72 22.24 8.57
C THR F 122 22.44 21.06 9.25
N LEU F 123 23.27 21.36 10.25
CA LEU F 123 23.99 20.31 10.95
C LEU F 123 23.03 19.47 11.76
N THR F 124 23.45 18.26 12.12
CA THR F 124 22.73 17.46 13.08
C THR F 124 23.54 17.36 14.36
N VAL F 125 22.83 17.25 15.48
CA VAL F 125 23.42 17.25 16.81
C VAL F 125 22.64 16.27 17.69
N MET F 126 23.27 15.84 18.77
CA MET F 126 22.58 15.07 19.78
CA MET F 126 22.55 15.08 19.76
C MET F 126 21.79 16.02 20.68
N HIS F 127 20.59 15.59 21.07
CA HIS F 127 19.86 16.40 22.04
C HIS F 127 18.85 15.51 22.76
N GLY F 128 18.63 15.78 24.04
CA GLY F 128 17.76 14.91 24.81
C GLY F 128 16.28 15.13 24.60
N ASP F 129 15.85 16.25 23.99
CA ASP F 129 14.42 16.54 23.89
C ASP F 129 13.74 15.67 22.84
N LYS F 130 12.43 15.44 23.05
CA LYS F 130 11.60 14.73 22.08
C LYS F 130 10.50 15.68 21.62
N HIS F 131 10.35 15.83 20.33
CA HIS F 131 9.36 16.72 19.74
C HIS F 131 9.31 16.40 18.24
N LYS F 132 8.47 17.14 17.51
CA LYS F 132 8.23 16.83 16.12
C LYS F 132 9.47 17.05 15.27
N ALA F 133 10.27 18.06 15.62
CA ALA F 133 11.39 18.39 14.75
C ALA F 133 12.53 17.39 14.85
N MET F 134 12.48 16.40 15.74
CA MET F 134 13.52 15.38 15.78
C MET F 134 13.00 14.04 15.28
N GLU F 135 11.84 14.02 14.61
CA GLU F 135 11.27 12.78 14.09
C GLU F 135 11.85 12.42 12.72
N PHE F 136 12.17 11.13 12.56
CA PHE F 136 12.70 10.57 11.32
C PHE F 136 11.99 9.29 10.98
N ILE F 137 11.78 9.05 9.68
CA ILE F 137 11.24 7.81 9.18
C ILE F 137 12.23 7.29 8.15
N PHE F 138 12.18 6.00 7.88
CA PHE F 138 13.19 5.31 7.10
C PHE F 138 12.49 4.72 5.88
N VAL F 139 12.84 5.21 4.70
CA VAL F 139 12.07 4.99 3.49
C VAL F 139 12.93 4.42 2.37
N SER F 140 12.24 3.88 1.37
CA SER F 140 12.88 3.23 0.24
C SER F 140 13.59 4.27 -0.63
N PRO F 141 14.78 3.97 -1.12
CA PRO F 141 15.48 4.88 -2.05
C PRO F 141 14.66 5.20 -3.28
N LYS F 142 13.74 4.31 -3.65
CA LYS F 142 12.92 4.53 -4.83
C LYS F 142 11.61 5.24 -4.53
N ASP F 143 11.17 5.30 -3.26
CA ASP F 143 9.87 5.89 -2.90
C ASP F 143 9.98 6.54 -1.53
N LYS F 144 10.35 7.83 -1.51
CA LYS F 144 10.58 8.59 -0.25
C LYS F 144 9.38 8.56 0.70
N ASP F 145 8.23 8.07 0.27
CA ASP F 145 7.11 7.97 1.20
C ASP F 145 6.81 6.57 1.69
N LYS F 146 7.54 5.56 1.22
CA LYS F 146 7.29 4.19 1.64
C LYS F 146 8.26 3.79 2.72
N ARG F 147 7.75 3.52 3.92
CA ARG F 147 8.62 3.08 5.00
C ARG F 147 9.12 1.67 4.73
N VAL F 148 10.36 1.38 5.11
CA VAL F 148 10.92 0.04 4.98
C VAL F 148 11.47 -0.40 6.34
N LEU F 149 11.51 -1.71 6.55
CA LEU F 149 12.04 -2.26 7.80
C LEU F 149 13.57 -2.23 7.79
N VAL F 150 14.16 -1.49 8.72
CA VAL F 150 15.63 -1.37 8.75
C VAL F 150 16.32 -2.46 9.55
N TYR F 151 15.61 -3.23 10.36
CA TYR F 151 16.23 -4.29 11.15
C TYR F 151 16.42 -5.64 10.47
N VAL F 152 16.83 -5.70 9.19
CA VAL F 152 16.79 -6.89 8.31
C VAL F 152 17.55 -6.50 7.04
N MET G 3 -0.21 -39.68 20.19
CA MET G 3 1.24 -39.48 19.99
C MET G 3 1.79 -40.61 19.10
N THR G 4 1.05 -41.03 18.07
CA THR G 4 1.43 -42.17 17.20
C THR G 4 2.80 -42.01 16.58
N THR G 5 3.71 -42.89 16.94
CA THR G 5 5.08 -42.87 16.39
C THR G 5 5.17 -43.99 15.38
N PHE G 6 5.90 -43.76 14.29
CA PHE G 6 5.96 -44.76 13.21
C PHE G 6 7.27 -44.71 12.45
N LEU G 7 7.50 -45.76 11.68
CA LEU G 7 8.66 -45.82 10.80
C LEU G 7 8.19 -45.53 9.39
N ILE G 8 8.99 -44.79 8.63
CA ILE G 8 8.70 -44.52 7.22
C ILE G 8 9.55 -45.48 6.41
N LYS G 9 8.89 -46.52 5.89
CA LYS G 9 9.52 -47.65 5.22
C LYS G 9 9.37 -47.50 3.71
N HIS G 10 10.50 -47.55 3.00
CA HIS G 10 10.48 -47.57 1.54
C HIS G 10 9.92 -48.90 1.06
N LYS G 11 8.77 -48.83 0.39
CA LYS G 11 8.01 -50.04 0.15
C LYS G 11 8.80 -51.05 -0.70
N ALA G 12 9.48 -50.59 -1.77
CA ALA G 12 10.11 -51.52 -2.69
C ALA G 12 11.32 -52.21 -2.07
N SER G 13 12.08 -51.52 -1.20
CA SER G 13 13.32 -52.06 -0.70
C SER G 13 13.24 -52.51 0.74
N GLY G 14 12.28 -52.00 1.51
CA GLY G 14 12.21 -52.20 2.94
C GLY G 14 13.16 -51.40 3.80
N LYS G 15 14.00 -50.52 3.23
CA LYS G 15 14.75 -49.58 4.06
C LYS G 15 13.84 -48.49 4.61
N PHE G 16 14.39 -47.68 5.51
CA PHE G 16 13.61 -46.68 6.23
C PHE G 16 14.25 -45.31 6.10
N LEU G 17 13.45 -44.29 6.33
CA LEU G 17 13.92 -42.91 6.36
C LEU G 17 14.66 -42.66 7.67
N HIS G 18 15.90 -42.15 7.57
CA HIS G 18 16.75 -41.80 8.70
C HIS G 18 17.23 -40.37 8.59
N PRO G 19 17.51 -39.71 9.70
CA PRO G 19 18.40 -38.54 9.66
C PRO G 19 19.81 -39.02 9.37
N LYS G 20 20.49 -38.33 8.47
CA LYS G 20 21.88 -38.67 8.19
C LYS G 20 22.70 -38.61 9.46
N GLY G 21 23.41 -39.68 9.77
CA GLY G 21 24.16 -39.76 11.00
C GLY G 21 23.44 -40.49 12.12
N GLY G 22 22.12 -40.64 12.04
CA GLY G 22 21.36 -41.35 13.07
C GLY G 22 21.39 -40.60 14.38
N SER G 23 21.55 -39.29 14.30
CA SER G 23 21.62 -38.46 15.52
C SER G 23 20.26 -38.26 16.17
N SER G 24 20.24 -38.35 17.48
CA SER G 24 19.11 -37.98 18.30
C SER G 24 18.82 -36.49 18.25
N ASN G 25 19.77 -35.75 17.74
CA ASN G 25 19.59 -34.29 17.65
C ASN G 25 20.28 -33.82 16.39
N PRO G 26 19.79 -34.20 15.21
CA PRO G 26 20.35 -33.74 13.94
C PRO G 26 20.25 -32.24 13.77
N ALA G 27 21.31 -31.66 13.18
CA ALA G 27 21.32 -30.24 12.89
C ALA G 27 20.29 -29.87 11.84
N ASN G 28 19.98 -28.59 11.85
CA ASN G 28 19.11 -28.06 10.79
C ASN G 28 19.82 -28.36 9.48
N ASP G 29 19.04 -28.75 8.48
CA ASP G 29 19.49 -29.06 7.13
C ASP G 29 20.23 -30.39 7.05
N THR G 30 20.12 -31.23 8.08
CA THR G 30 20.60 -32.60 7.97
C THR G 30 19.78 -33.31 6.93
N ASN G 31 20.46 -34.01 6.04
CA ASN G 31 19.76 -34.74 4.97
C ASN G 31 18.98 -35.92 5.56
N LEU G 32 17.94 -36.31 4.86
CA LEU G 32 17.20 -37.51 5.19
C LEU G 32 17.58 -38.58 4.18
N VAL G 33 18.09 -39.70 4.68
CA VAL G 33 18.57 -40.78 3.84
C VAL G 33 17.72 -42.02 4.04
N LEU G 34 18.01 -43.06 3.29
CA LEU G 34 17.45 -44.38 3.53
C LEU G 34 18.53 -45.25 4.16
N HIS G 35 18.09 -46.10 5.10
CA HIS G 35 19.01 -46.98 5.83
C HIS G 35 18.24 -48.18 6.40
N SER G 36 18.92 -49.32 6.42
CA SER G 36 18.37 -50.63 6.87
C SER G 36 18.08 -50.67 8.36
N ASP G 37 18.83 -49.94 9.16
CA ASP G 37 18.70 -50.00 10.64
C ASP G 37 17.32 -49.55 11.15
N ILE G 38 16.95 -50.04 12.33
CA ILE G 38 15.76 -49.59 13.05
C ILE G 38 16.21 -49.19 14.44
N HIS G 39 15.78 -48.02 14.91
CA HIS G 39 16.10 -47.59 16.27
C HIS G 39 15.30 -46.32 16.56
N GLU G 40 15.29 -45.92 17.83
CA GLU G 40 14.50 -44.76 18.27
C GLU G 40 14.80 -43.49 17.51
N ARG G 41 15.98 -43.39 16.89
CA ARG G 41 16.39 -42.13 16.21
C ARG G 41 15.86 -42.03 14.79
N MET G 42 15.21 -43.07 14.30
CA MET G 42 14.53 -43.00 13.02
C MET G 42 13.02 -43.12 13.16
N TYR G 43 12.50 -42.98 14.39
CA TYR G 43 11.06 -42.92 14.58
C TYR G 43 10.56 -41.54 14.17
N PHE G 44 9.37 -41.52 13.56
CA PHE G 44 8.70 -40.29 13.15
C PHE G 44 7.31 -40.17 13.75
N GLN G 45 6.80 -38.94 13.74
CA GLN G 45 5.42 -38.63 14.07
C GLN G 45 4.90 -37.70 12.98
N PHE G 46 3.58 -37.51 12.92
CA PHE G 46 2.97 -36.60 11.95
C PHE G 46 2.02 -35.70 12.73
N ASP G 47 2.20 -34.39 12.62
CA ASP G 47 1.40 -33.41 13.36
C ASP G 47 0.41 -32.77 12.40
N VAL G 48 -0.89 -33.02 12.59
CA VAL G 48 -1.87 -32.57 11.60
C VAL G 48 -2.11 -31.07 11.77
N VAL G 49 -2.12 -30.35 10.66
CA VAL G 49 -2.37 -28.86 10.65
C VAL G 49 -3.65 -28.54 9.85
N ASP G 50 -3.84 -29.21 8.71
CA ASP G 50 -5.02 -28.91 7.85
C ASP G 50 -5.51 -30.15 7.10
N GLU G 51 -6.48 -30.85 7.68
CA GLU G 51 -7.09 -32.03 7.04
C GLU G 51 -5.93 -32.97 6.75
N ARG G 52 -5.68 -33.25 5.50
CA ARG G 52 -4.55 -34.15 5.11
C ARG G 52 -3.16 -33.55 5.42
N TRP G 53 -3.07 -32.23 5.51
CA TRP G 53 -1.75 -31.55 5.62
C TRP G 53 -1.20 -31.47 7.03
N GLY G 54 0.10 -31.76 7.15
CA GLY G 54 0.73 -31.59 8.43
C GLY G 54 2.23 -31.65 8.32
N TYR G 55 2.88 -31.74 9.47
CA TYR G 55 4.33 -31.79 9.58
C TYR G 55 4.80 -33.20 9.89
N ILE G 56 5.80 -33.66 9.16
CA ILE G 56 6.44 -34.95 9.43
C ILE G 56 7.55 -34.71 10.42
N LYS G 57 7.46 -35.31 11.60
CA LYS G 57 8.29 -34.89 12.71
C LYS G 57 9.19 -36.04 13.09
N HIS G 58 10.48 -35.73 13.17
CA HIS G 58 11.46 -36.65 13.69
C HIS G 58 11.26 -36.77 15.20
N ALA G 59 10.93 -37.99 15.65
CA ALA G 59 10.45 -38.15 17.02
C ALA G 59 11.52 -37.74 18.04
N ALA G 60 12.78 -38.10 17.79
CA ALA G 60 13.78 -37.87 18.83
C ALA G 60 14.12 -36.39 19.02
N SER G 61 14.03 -35.58 17.97
CA SER G 61 14.46 -34.19 18.05
C SER G 61 13.36 -33.15 17.95
N GLY G 62 12.18 -33.49 17.46
CA GLY G 62 11.16 -32.50 17.19
C GLY G 62 11.36 -31.71 15.91
N LYS G 63 12.44 -31.93 15.18
CA LYS G 63 12.64 -31.27 13.90
C LYS G 63 11.70 -31.91 12.89
N ILE G 64 11.26 -31.13 11.90
CA ILE G 64 10.31 -31.64 10.90
C ILE G 64 10.97 -31.66 9.52
N VAL G 65 10.34 -32.39 8.60
CA VAL G 65 10.86 -32.56 7.25
C VAL G 65 10.59 -31.32 6.42
N HIS G 66 11.64 -30.83 5.74
CA HIS G 66 11.63 -29.71 4.83
C HIS G 66 12.31 -30.08 3.52
N PRO G 67 11.86 -29.50 2.41
CA PRO G 67 12.72 -29.41 1.23
C PRO G 67 13.86 -28.46 1.59
N LEU G 68 15.09 -28.83 1.25
CA LEU G 68 16.20 -27.98 1.63
C LEU G 68 15.98 -26.59 1.08
N GLY G 69 16.02 -25.62 1.98
CA GLY G 69 15.74 -24.26 1.64
C GLY G 69 14.30 -23.86 1.91
N GLY G 70 13.40 -24.84 2.08
CA GLY G 70 12.04 -24.50 2.48
C GLY G 70 11.25 -23.74 1.43
N LYS G 71 11.51 -23.98 0.13
CA LYS G 71 10.79 -23.25 -0.91
C LYS G 71 9.40 -23.82 -1.13
N ALA G 72 8.48 -22.96 -1.59
CA ALA G 72 7.07 -23.33 -1.75
C ALA G 72 6.89 -24.34 -2.87
N ASP G 73 7.68 -24.23 -3.92
CA ASP G 73 7.55 -25.05 -5.13
C ASP G 73 8.93 -25.55 -5.44
N PRO G 74 9.46 -26.44 -4.61
CA PRO G 74 10.84 -26.85 -4.78
C PRO G 74 10.97 -27.59 -6.09
N PRO G 75 12.06 -27.39 -6.81
CA PRO G 75 12.23 -28.09 -8.07
C PRO G 75 12.56 -29.55 -7.84
N ASN G 76 12.40 -30.32 -8.91
CA ASN G 76 12.81 -31.70 -8.89
C ASN G 76 14.26 -31.79 -8.45
N GLU G 77 14.56 -32.83 -7.69
CA GLU G 77 15.88 -33.15 -7.17
C GLU G 77 16.22 -32.33 -5.94
N THR G 78 15.29 -31.53 -5.41
CA THR G 78 15.51 -30.82 -4.16
C THR G 78 15.68 -31.81 -3.01
N LYS G 79 16.76 -31.65 -2.26
CA LYS G 79 17.03 -32.56 -1.15
C LYS G 79 16.02 -32.33 -0.04
N LEU G 80 15.68 -33.42 0.65
CA LEU G 80 14.86 -33.32 1.86
C LEU G 80 15.76 -33.34 3.07
N VAL G 81 15.49 -32.43 4.00
CA VAL G 81 16.31 -32.22 5.18
C VAL G 81 15.39 -32.07 6.38
N LEU G 82 15.97 -32.10 7.57
CA LEU G 82 15.26 -31.76 8.80
C LEU G 82 15.48 -30.29 9.16
N HIS G 83 14.50 -29.71 9.82
CA HIS G 83 14.59 -28.29 10.27
C HIS G 83 13.57 -28.10 11.39
N GLN G 84 13.87 -27.20 12.33
CA GLN G 84 12.98 -27.02 13.49
C GLN G 84 11.76 -26.16 13.15
N ASP G 85 11.88 -25.32 12.13
CA ASP G 85 10.82 -24.31 11.86
C ASP G 85 9.56 -24.90 11.22
N ARG G 86 8.42 -24.38 11.65
CA ARG G 86 7.11 -24.81 11.13
C ARG G 86 6.53 -23.72 10.21
N HIS G 87 6.28 -24.04 8.94
CA HIS G 87 5.61 -23.11 8.05
C HIS G 87 5.05 -23.89 6.87
N ASP G 88 4.38 -23.15 5.97
CA ASP G 88 3.56 -23.78 4.95
C ASP G 88 4.34 -24.57 3.91
N ARG G 89 5.62 -24.27 3.74
CA ARG G 89 6.37 -24.98 2.72
C ARG G 89 6.92 -26.31 3.22
N ALA G 90 6.73 -26.61 4.50
CA ALA G 90 7.10 -27.90 5.08
C ALA G 90 5.86 -28.76 5.34
N LEU G 91 4.74 -28.49 4.66
CA LEU G 91 3.51 -29.25 4.81
C LEU G 91 3.53 -30.43 3.86
N PHE G 92 3.22 -31.63 4.38
CA PHE G 92 3.14 -32.85 3.59
C PHE G 92 1.84 -33.58 3.93
N ALA G 93 1.42 -34.47 3.04
CA ALA G 93 0.36 -35.44 3.34
C ALA G 93 0.88 -36.87 3.21
N MET G 94 0.43 -37.73 4.11
CA MET G 94 0.84 -39.13 4.17
C MET G 94 -0.23 -39.97 3.46
N ASP G 95 -0.02 -40.23 2.17
CA ASP G 95 -1.04 -40.92 1.38
C ASP G 95 -0.87 -42.40 1.63
N PHE G 96 -1.62 -42.92 2.60
CA PHE G 96 -1.50 -44.33 2.94
C PHE G 96 -2.39 -45.20 2.07
N PHE G 97 -3.08 -44.63 1.10
CA PHE G 97 -3.85 -45.37 0.12
C PHE G 97 -3.09 -45.61 -1.18
N ASN G 98 -2.39 -44.60 -1.69
CA ASN G 98 -1.51 -44.78 -2.83
C ASN G 98 -0.08 -45.06 -2.41
N ASP G 99 0.20 -44.99 -1.10
CA ASP G 99 1.52 -45.33 -0.53
C ASP G 99 2.60 -44.36 -1.00
N ASN G 100 2.42 -43.08 -0.75
CA ASN G 100 3.47 -42.11 -1.05
C ASN G 100 3.37 -40.94 -0.08
N ILE G 101 4.38 -40.07 -0.13
CA ILE G 101 4.44 -38.87 0.71
C ILE G 101 4.48 -37.70 -0.25
N ILE G 102 3.45 -36.85 -0.20
CA ILE G 102 3.27 -35.78 -1.17
C ILE G 102 3.42 -34.44 -0.46
N HIS G 103 4.17 -33.54 -1.09
CA HIS G 103 4.34 -32.19 -0.61
C HIS G 103 3.17 -31.31 -1.05
N LYS G 104 2.94 -30.22 -0.32
CA LYS G 104 1.84 -29.30 -0.62
C LYS G 104 1.84 -28.84 -2.08
N ALA G 105 3.01 -28.70 -2.70
CA ALA G 105 3.08 -28.27 -4.09
C ALA G 105 3.02 -29.41 -5.09
N GLY G 106 2.84 -30.66 -4.64
CA GLY G 106 2.46 -31.73 -5.54
C GLY G 106 3.55 -32.72 -5.90
N LYS G 107 4.80 -32.48 -5.53
CA LYS G 107 5.84 -33.46 -5.81
C LYS G 107 5.95 -34.45 -4.67
N TYR G 108 6.67 -35.56 -4.92
CA TYR G 108 6.72 -36.64 -3.96
C TYR G 108 8.13 -36.83 -3.45
N ILE G 109 8.24 -37.48 -2.30
CA ILE G 109 9.54 -37.88 -1.78
C ILE G 109 9.99 -39.13 -2.52
N HIS G 110 11.21 -39.10 -3.06
CA HIS G 110 11.82 -40.22 -3.79
C HIS G 110 13.17 -40.56 -3.17
N PRO G 111 13.64 -41.81 -3.33
CA PRO G 111 15.08 -42.03 -3.21
C PRO G 111 15.74 -41.36 -4.40
N LYS G 112 16.85 -40.68 -4.14
CA LYS G 112 17.59 -40.02 -5.21
C LYS G 112 18.06 -41.09 -6.19
N GLY G 113 17.69 -40.98 -7.47
CA GLY G 113 18.07 -42.00 -8.44
C GLY G 113 16.99 -43.03 -8.74
N GLY G 114 15.95 -43.13 -7.93
CA GLY G 114 14.85 -43.95 -8.35
C GLY G 114 15.04 -45.44 -8.29
N SER G 115 15.94 -45.95 -7.45
CA SER G 115 16.18 -47.40 -7.41
C SER G 115 15.10 -48.07 -6.59
N THR G 116 14.65 -49.26 -7.03
CA THR G 116 13.80 -50.03 -6.12
C THR G 116 14.59 -50.57 -4.95
N ASN G 117 15.92 -50.60 -5.03
CA ASN G 117 16.76 -51.08 -3.95
C ASN G 117 17.91 -50.11 -3.71
N PRO G 118 17.64 -48.90 -3.23
CA PRO G 118 18.73 -47.98 -3.04
C PRO G 118 19.58 -48.50 -1.89
N PRO G 119 20.89 -48.40 -2.03
CA PRO G 119 21.78 -48.84 -0.95
C PRO G 119 21.69 -47.90 0.23
N ASN G 120 22.13 -48.43 1.36
CA ASN G 120 22.22 -47.61 2.55
C ASN G 120 22.92 -46.31 2.22
N GLU G 121 22.44 -45.26 2.84
CA GLU G 121 22.88 -43.88 2.79
C GLU G 121 22.38 -43.12 1.56
N THR G 122 21.54 -43.70 0.70
CA THR G 122 20.95 -42.96 -0.41
C THR G 122 20.14 -41.77 0.08
N LEU G 123 20.38 -40.60 -0.50
CA LEU G 123 19.63 -39.41 -0.13
C LEU G 123 18.20 -39.50 -0.67
N THR G 124 17.30 -38.70 -0.09
CA THR G 124 15.97 -38.52 -0.63
C THR G 124 15.78 -37.11 -1.16
N VAL G 125 14.95 -36.98 -2.19
CA VAL G 125 14.73 -35.72 -2.89
C VAL G 125 13.26 -35.62 -3.26
N MET G 126 12.84 -34.41 -3.61
CA MET G 126 11.52 -34.19 -4.19
C MET G 126 11.57 -34.48 -5.68
N HIS G 127 10.52 -35.13 -6.19
CA HIS G 127 10.44 -35.36 -7.62
C HIS G 127 8.99 -35.63 -7.96
N GLY G 128 8.57 -35.18 -9.13
CA GLY G 128 7.19 -35.26 -9.54
C GLY G 128 6.71 -36.61 -10.04
N ASP G 129 7.62 -37.51 -10.37
CA ASP G 129 7.24 -38.82 -10.96
C ASP G 129 6.56 -39.74 -9.94
N LYS G 130 5.65 -40.57 -10.42
CA LYS G 130 5.00 -41.60 -9.64
C LYS G 130 5.44 -42.92 -10.24
N HIS G 131 5.95 -43.80 -9.39
CA HIS G 131 6.45 -45.12 -9.78
C HIS G 131 6.69 -45.92 -8.50
N LYS G 132 7.08 -47.17 -8.66
CA LYS G 132 7.14 -48.06 -7.50
C LYS G 132 8.24 -47.67 -6.54
N ALA G 133 9.31 -47.04 -7.03
CA ALA G 133 10.44 -46.76 -6.15
C ALA G 133 10.22 -45.56 -5.23
N MET G 134 9.12 -44.82 -5.39
CA MET G 134 8.81 -43.72 -4.50
C MET G 134 7.66 -44.06 -3.55
N GLU G 135 7.29 -45.34 -3.45
CA GLU G 135 6.21 -45.75 -2.56
C GLU G 135 6.77 -45.97 -1.16
N PHE G 136 6.03 -45.49 -0.18
CA PHE G 136 6.38 -45.63 1.22
C PHE G 136 5.16 -46.08 2.00
N ILE G 137 5.39 -46.89 3.02
CA ILE G 137 4.33 -47.29 3.92
C ILE G 137 4.78 -46.92 5.33
N PHE G 138 3.79 -46.80 6.22
CA PHE G 138 4.00 -46.24 7.56
C PHE G 138 3.63 -47.33 8.54
N VAL G 139 4.63 -47.81 9.27
CA VAL G 139 4.54 -49.06 10.00
C VAL G 139 4.90 -48.89 11.48
N SER G 140 4.51 -49.88 12.25
CA SER G 140 4.72 -49.85 13.68
C SER G 140 6.21 -50.01 14.03
N PRO G 141 6.73 -49.27 15.02
CA PRO G 141 8.11 -49.49 15.44
C PRO G 141 8.32 -50.92 15.95
N LYS G 142 7.25 -51.59 16.38
CA LYS G 142 7.31 -52.96 16.95
C LYS G 142 6.92 -54.03 15.92
N ASP G 143 6.68 -53.64 14.66
CA ASP G 143 6.38 -54.60 13.56
C ASP G 143 6.48 -53.86 12.22
N LYS G 144 7.60 -53.99 11.53
CA LYS G 144 7.86 -53.26 10.27
C LYS G 144 6.90 -53.68 9.16
N ASP G 145 6.09 -54.71 9.39
CA ASP G 145 5.07 -55.05 8.42
C ASP G 145 3.69 -54.62 8.86
N LYS G 146 3.55 -54.02 10.04
CA LYS G 146 2.23 -53.64 10.52
C LYS G 146 2.02 -52.18 10.19
N ARG G 147 1.06 -51.89 9.30
CA ARG G 147 0.76 -50.50 8.99
C ARG G 147 0.07 -49.86 10.18
N VAL G 148 0.37 -48.59 10.43
CA VAL G 148 -0.31 -47.87 11.50
C VAL G 148 -0.87 -46.58 10.92
N LEU G 149 -1.94 -46.10 11.52
CA LEU G 149 -2.57 -44.86 11.11
C LEU G 149 -1.75 -43.70 11.63
N VAL G 150 -1.23 -42.89 10.72
CA VAL G 150 -0.36 -41.77 11.09
C VAL G 150 -1.13 -40.51 11.40
N TYR G 151 -2.41 -40.44 11.06
CA TYR G 151 -3.18 -39.26 11.33
C TYR G 151 -3.72 -39.23 12.76
N VAL G 152 -3.86 -40.37 13.42
CA VAL G 152 -4.61 -40.34 14.67
C VAL G 152 -3.48 -40.16 15.71
N HIS H 2 -14.60 -35.80 19.65
CA HIS H 2 -13.86 -37.02 19.96
C HIS H 2 -14.00 -37.99 18.79
N MET H 3 -15.19 -38.00 18.19
CA MET H 3 -15.36 -38.51 16.84
C MET H 3 -15.92 -37.32 16.06
N THR H 4 -15.22 -36.93 14.99
CA THR H 4 -15.64 -35.84 14.11
C THR H 4 -16.92 -36.20 13.35
N THR H 5 -17.68 -35.16 13.02
CA THR H 5 -18.94 -35.27 12.27
C THR H 5 -18.74 -34.65 10.89
N PHE H 6 -19.32 -35.27 9.87
CA PHE H 6 -19.06 -34.83 8.50
C PHE H 6 -20.22 -35.21 7.59
N LEU H 7 -20.21 -34.61 6.40
CA LEU H 7 -21.13 -34.98 5.34
C LEU H 7 -20.37 -35.81 4.31
N ILE H 8 -21.04 -36.82 3.77
CA ILE H 8 -20.46 -37.65 2.72
C ILE H 8 -21.04 -37.11 1.42
N LYS H 9 -20.25 -36.36 0.68
CA LYS H 9 -20.76 -35.67 -0.49
C LYS H 9 -20.33 -36.41 -1.75
N HIS H 10 -21.30 -36.76 -2.58
CA HIS H 10 -21.02 -37.35 -3.88
C HIS H 10 -20.36 -36.26 -4.73
N LYS H 11 -19.10 -36.49 -5.09
CA LYS H 11 -18.28 -35.42 -5.61
C LYS H 11 -18.83 -34.84 -6.91
N ALA H 12 -19.30 -35.70 -7.82
CA ALA H 12 -19.71 -35.24 -9.15
C ALA H 12 -21.00 -34.43 -9.09
N SER H 13 -21.90 -34.76 -8.17
CA SER H 13 -23.22 -34.14 -8.14
C SER H 13 -23.38 -33.16 -6.99
N GLY H 14 -22.57 -33.26 -5.94
CA GLY H 14 -22.83 -32.48 -4.76
C GLY H 14 -23.97 -32.96 -3.90
N LYS H 15 -24.62 -34.06 -4.26
CA LYS H 15 -25.57 -34.68 -3.36
C LYS H 15 -24.83 -35.38 -2.23
N PHE H 16 -25.60 -35.84 -1.26
CA PHE H 16 -25.08 -36.43 -0.03
C PHE H 16 -25.69 -37.79 0.23
N LEU H 17 -24.94 -38.65 0.90
CA LEU H 17 -25.49 -39.90 1.42
C LEU H 17 -26.48 -39.60 2.54
N HIS H 18 -27.67 -40.21 2.47
CA HIS H 18 -28.77 -40.13 3.43
C HIS H 18 -29.27 -41.52 3.76
N PRO H 19 -29.83 -41.73 4.94
CA PRO H 19 -30.75 -42.86 5.12
C PRO H 19 -32.03 -42.58 4.34
N LYS H 20 -32.53 -43.60 3.66
CA LYS H 20 -33.78 -43.43 2.92
C LYS H 20 -34.91 -43.13 3.89
N GLY H 21 -35.53 -41.97 3.75
CA GLY H 21 -36.56 -41.48 4.65
C GLY H 21 -36.10 -40.35 5.54
N GLY H 22 -34.79 -40.18 5.72
CA GLY H 22 -34.25 -39.07 6.46
C GLY H 22 -34.49 -39.16 7.95
N SER H 23 -34.76 -40.36 8.46
CA SER H 23 -35.11 -40.53 9.86
C SER H 23 -33.88 -40.49 10.74
N SER H 24 -34.08 -40.07 11.98
CA SER H 24 -32.99 -40.08 12.94
C SER H 24 -32.87 -41.42 13.64
N ASN H 25 -33.77 -42.36 13.37
CA ASN H 25 -33.65 -43.75 13.83
C ASN H 25 -34.11 -44.72 12.76
N PRO H 26 -33.45 -44.73 11.60
CA PRO H 26 -33.85 -45.69 10.57
C PRO H 26 -33.74 -47.12 11.08
N ALA H 27 -34.70 -47.93 10.68
CA ALA H 27 -34.67 -49.32 11.04
C ALA H 27 -33.49 -50.03 10.38
N ASN H 28 -33.10 -51.14 10.98
CA ASN H 28 -32.13 -52.02 10.36
C ASN H 28 -32.49 -52.29 8.92
N ASP H 29 -31.48 -52.30 8.06
CA ASP H 29 -31.58 -52.60 6.64
C ASP H 29 -32.23 -51.49 5.83
N THR H 30 -32.33 -50.28 6.37
CA THR H 30 -32.73 -49.12 5.59
C THR H 30 -31.71 -48.81 4.50
N ASN H 31 -32.18 -48.61 3.27
CA ASN H 31 -31.26 -48.28 2.19
C ASN H 31 -30.63 -46.91 2.38
N LEU H 32 -29.38 -46.82 1.93
CA LEU H 32 -28.64 -45.57 1.90
C LEU H 32 -28.73 -45.00 0.49
N VAL H 33 -29.24 -43.78 0.37
CA VAL H 33 -29.53 -43.17 -0.92
C VAL H 33 -28.81 -41.84 -0.98
N LEU H 34 -28.86 -41.22 -2.16
CA LEU H 34 -28.31 -39.89 -2.39
C LEU H 34 -29.43 -38.87 -2.37
N HIS H 35 -29.15 -37.69 -1.84
CA HIS H 35 -30.16 -36.64 -1.76
C HIS H 35 -29.46 -35.31 -1.56
N SER H 36 -30.05 -34.26 -2.12
CA SER H 36 -29.45 -32.93 -2.03
C SER H 36 -29.58 -32.30 -0.65
N ASP H 37 -30.52 -32.73 0.20
CA ASP H 37 -30.79 -31.99 1.43
C ASP H 37 -29.62 -32.12 2.40
N ILE H 38 -29.50 -31.12 3.28
CA ILE H 38 -28.53 -31.15 4.36
C ILE H 38 -29.29 -30.94 5.66
N HIS H 39 -29.03 -31.78 6.65
CA HIS H 39 -29.62 -31.68 7.98
C HIS H 39 -28.91 -32.70 8.85
N GLU H 40 -29.18 -32.64 10.16
CA GLU H 40 -28.40 -33.49 11.07
C GLU H 40 -28.75 -34.98 10.93
N ARG H 41 -29.79 -35.34 10.19
CA ARG H 41 -30.08 -36.75 9.97
C ARG H 41 -29.34 -37.32 8.76
N MET H 42 -28.43 -36.56 8.16
CA MET H 42 -27.53 -37.11 7.15
C MET H 42 -26.07 -36.90 7.53
N TYR H 43 -25.80 -36.55 8.79
CA TYR H 43 -24.43 -36.47 9.31
C TYR H 43 -23.90 -37.87 9.57
N PHE H 44 -22.61 -38.06 9.31
CA PHE H 44 -21.93 -39.32 9.56
C PHE H 44 -20.73 -39.12 10.46
N GLN H 45 -20.28 -40.23 11.07
CA GLN H 45 -19.06 -40.31 11.84
C GLN H 45 -18.29 -41.53 11.37
N PHE H 46 -17.02 -41.63 11.76
CA PHE H 46 -16.22 -42.79 11.37
C PHE H 46 -15.52 -43.36 12.60
N ASP H 47 -15.81 -44.63 12.90
CA ASP H 47 -15.21 -45.30 14.08
C ASP H 47 -14.06 -46.17 13.61
N VAL H 48 -12.85 -45.70 13.86
CA VAL H 48 -11.69 -46.44 13.39
C VAL H 48 -11.54 -47.73 14.18
N VAL H 49 -11.26 -48.82 13.48
CA VAL H 49 -11.08 -50.16 14.12
C VAL H 49 -9.66 -50.69 13.87
N ASP H 50 -9.14 -50.58 12.65
CA ASP H 50 -7.83 -51.19 12.32
C ASP H 50 -7.11 -50.35 11.24
N GLU H 51 -6.20 -49.47 11.66
CA GLU H 51 -5.50 -48.55 10.73
C GLU H 51 -6.57 -47.85 9.87
N ARG H 52 -6.58 -48.13 8.57
CA ARG H 52 -7.56 -47.48 7.68
C ARG H 52 -9.01 -47.99 7.84
N TRP H 53 -9.21 -49.15 8.47
CA TRP H 53 -10.55 -49.77 8.51
C TRP H 53 -11.39 -49.30 9.69
N GLY H 54 -12.65 -49.02 9.42
CA GLY H 54 -13.51 -48.69 10.53
C GLY H 54 -14.96 -48.74 10.13
N TYR H 55 -15.82 -48.24 11.02
CA TYR H 55 -17.27 -48.23 10.80
C TYR H 55 -17.71 -46.84 10.42
N ILE H 56 -18.52 -46.75 9.38
CA ILE H 56 -19.13 -45.48 8.98
C ILE H 56 -20.44 -45.37 9.71
N LYS H 57 -20.60 -44.36 10.55
CA LYS H 57 -21.70 -44.38 11.51
C LYS H 57 -22.63 -43.23 11.22
N HIS H 58 -23.91 -43.55 11.09
CA HIS H 58 -24.95 -42.54 11.00
C HIS H 58 -25.09 -41.87 12.35
N ALA H 59 -24.83 -40.55 12.40
CA ALA H 59 -24.69 -39.90 13.70
C ALA H 59 -25.98 -39.96 14.49
N ALA H 60 -27.13 -39.77 13.83
CA ALA H 60 -28.37 -39.64 14.57
C ALA H 60 -28.83 -40.95 15.19
N SER H 61 -28.51 -42.10 14.57
CA SER H 61 -29.01 -43.36 15.09
C SER H 61 -27.90 -44.26 15.64
N GLY H 62 -26.66 -44.03 15.30
CA GLY H 62 -25.62 -44.95 15.69
C GLY H 62 -25.52 -46.23 14.88
N LYS H 63 -26.39 -46.43 13.91
CA LYS H 63 -26.35 -47.57 13.03
C LYS H 63 -25.20 -47.36 12.04
N ILE H 64 -24.60 -48.46 11.57
CA ILE H 64 -23.47 -48.31 10.67
C ILE H 64 -23.82 -48.86 9.30
N VAL H 65 -23.00 -48.51 8.31
CA VAL H 65 -23.22 -48.91 6.93
C VAL H 65 -22.79 -50.37 6.76
N HIS H 66 -23.64 -51.16 6.13
CA HIS H 66 -23.39 -52.56 5.82
C HIS H 66 -23.69 -52.85 4.35
N PRO H 67 -22.98 -53.80 3.74
CA PRO H 67 -23.53 -54.42 2.54
C PRO H 67 -24.77 -55.20 2.95
N LEU H 68 -25.86 -55.02 2.20
CA LEU H 68 -27.10 -55.71 2.53
C LEU H 68 -26.89 -57.22 2.50
N GLY H 69 -27.25 -57.91 3.57
CA GLY H 69 -27.01 -59.33 3.69
C GLY H 69 -25.78 -59.68 4.49
N GLY H 70 -24.88 -58.71 4.67
CA GLY H 70 -23.74 -58.87 5.56
C GLY H 70 -22.69 -59.88 5.16
N LYS H 71 -22.52 -60.15 3.87
CA LYS H 71 -21.51 -61.12 3.48
C LYS H 71 -20.14 -60.45 3.49
N ALA H 72 -19.11 -61.27 3.71
CA ALA H 72 -17.75 -60.76 3.82
C ALA H 72 -17.30 -60.20 2.49
N ASP H 73 -17.76 -60.80 1.39
CA ASP H 73 -17.31 -60.50 0.03
C ASP H 73 -18.52 -60.26 -0.87
N PRO H 74 -19.24 -59.14 -0.67
CA PRO H 74 -20.49 -58.90 -1.41
C PRO H 74 -20.24 -58.67 -2.88
N PRO H 75 -21.13 -59.17 -3.75
CA PRO H 75 -21.00 -58.97 -5.19
C PRO H 75 -21.37 -57.56 -5.65
N ASN H 76 -20.97 -57.24 -6.89
CA ASN H 76 -21.39 -55.99 -7.50
C ASN H 76 -22.91 -55.85 -7.44
N GLU H 77 -23.36 -54.61 -7.20
CA GLU H 77 -24.76 -54.20 -7.12
C GLU H 77 -25.39 -54.55 -5.77
N THR H 78 -24.64 -55.07 -4.81
CA THR H 78 -25.17 -55.27 -3.47
C THR H 78 -25.54 -53.93 -2.85
N LYS H 79 -26.78 -53.82 -2.38
CA LYS H 79 -27.25 -52.54 -1.83
C LYS H 79 -26.57 -52.25 -0.51
N LEU H 80 -26.35 -50.96 -0.26
CA LEU H 80 -25.80 -50.53 1.04
C LEU H 80 -26.96 -50.11 1.95
N VAL H 81 -26.86 -50.50 3.20
CA VAL H 81 -27.91 -50.27 4.18
C VAL H 81 -27.28 -49.80 5.50
N LEU H 82 -28.13 -49.30 6.39
CA LEU H 82 -27.80 -49.06 7.78
C LEU H 82 -28.23 -50.24 8.64
N HIS H 83 -27.37 -50.65 9.57
CA HIS H 83 -27.70 -51.72 10.49
C HIS H 83 -26.96 -51.50 11.80
N GLN H 84 -27.59 -51.87 12.92
CA GLN H 84 -26.93 -51.61 14.20
C GLN H 84 -25.76 -52.55 14.50
N ASP H 85 -25.70 -53.74 13.91
CA ASP H 85 -24.65 -54.67 14.29
C ASP H 85 -23.27 -54.11 13.96
N ARG H 86 -22.30 -54.46 14.79
CA ARG H 86 -20.90 -54.19 14.51
C ARG H 86 -20.22 -55.52 14.27
N HIS H 87 -19.54 -55.65 13.12
CA HIS H 87 -18.75 -56.85 12.86
C HIS H 87 -17.79 -56.56 11.72
N ASP H 88 -16.88 -57.50 11.49
CA ASP H 88 -15.78 -57.24 10.57
C ASP H 88 -16.17 -57.31 9.11
N ARG H 89 -17.44 -57.53 8.79
CA ARG H 89 -17.86 -57.48 7.39
C ARG H 89 -18.43 -56.12 7.02
N ALA H 90 -18.54 -55.22 7.99
CA ALA H 90 -18.97 -53.83 7.83
C ALA H 90 -17.79 -52.87 7.92
N LEU H 91 -16.57 -53.33 7.64
CA LEU H 91 -15.40 -52.48 7.69
C LEU H 91 -15.20 -51.77 6.35
N PHE H 92 -14.98 -50.46 6.41
CA PHE H 92 -14.70 -49.64 5.24
C PHE H 92 -13.49 -48.78 5.57
N ALA H 93 -12.85 -48.28 4.54
CA ALA H 93 -11.84 -47.22 4.65
C ALA H 93 -12.29 -46.00 3.86
N MET H 94 -11.97 -44.82 4.39
CA MET H 94 -12.38 -43.54 3.82
C MET H 94 -11.16 -42.96 3.12
N ASP H 95 -11.09 -43.20 1.80
CA ASP H 95 -9.90 -42.86 1.03
C ASP H 95 -10.04 -41.41 0.57
N PHE H 96 -9.47 -40.50 1.37
CA PHE H 96 -9.57 -39.09 1.07
C PHE H 96 -8.48 -38.61 0.12
N PHE H 97 -7.65 -39.52 -0.39
CA PHE H 97 -6.68 -39.17 -1.42
C PHE H 97 -7.19 -39.50 -2.82
N ASN H 98 -7.80 -40.67 -2.99
CA ASN H 98 -8.44 -40.98 -4.26
C ASN H 98 -9.92 -40.62 -4.26
N ASP H 99 -10.47 -40.19 -3.12
CA ASP H 99 -11.86 -39.74 -2.99
C ASP H 99 -12.83 -40.86 -3.26
N ASN H 100 -12.75 -41.95 -2.50
CA ASN H 100 -13.74 -43.00 -2.62
C ASN H 100 -13.90 -43.67 -1.27
N ILE H 101 -14.89 -44.54 -1.18
CA ILE H 101 -15.18 -45.30 0.03
C ILE H 101 -15.08 -46.76 -0.35
N ILE H 102 -14.12 -47.47 0.25
CA ILE H 102 -13.78 -48.84 -0.11
C ILE H 102 -14.13 -49.79 1.03
N HIS H 103 -14.77 -50.90 0.68
CA HIS H 103 -15.12 -51.96 1.61
C HIS H 103 -13.91 -52.87 1.83
N LYS H 104 -13.92 -53.57 2.97
CA LYS H 104 -12.79 -54.44 3.31
C LYS H 104 -12.45 -55.43 2.20
N ALA H 105 -13.45 -55.89 1.43
CA ALA H 105 -13.22 -56.84 0.36
C ALA H 105 -12.90 -56.20 -0.98
N GLY H 106 -12.79 -54.87 -1.06
CA GLY H 106 -12.20 -54.21 -2.21
C GLY H 106 -13.15 -53.52 -3.17
N LYS H 107 -14.45 -53.68 -3.03
CA LYS H 107 -15.35 -52.92 -3.88
C LYS H 107 -15.69 -51.59 -3.24
N TYR H 108 -16.27 -50.69 -4.03
CA TYR H 108 -16.50 -49.32 -3.61
C TYR H 108 -17.98 -49.03 -3.55
N ILE H 109 -18.33 -48.00 -2.80
CA ILE H 109 -19.69 -47.50 -2.81
C ILE H 109 -19.91 -46.69 -4.08
N HIS H 110 -20.97 -47.01 -4.82
CA HIS H 110 -21.36 -46.33 -6.05
C HIS H 110 -22.80 -45.86 -5.93
N PRO H 111 -23.20 -44.81 -6.64
CA PRO H 111 -24.63 -44.65 -6.91
C PRO H 111 -25.05 -45.75 -7.86
N LYS H 112 -26.19 -46.36 -7.61
CA LYS H 112 -26.68 -47.38 -8.51
C LYS H 112 -26.96 -46.71 -9.86
N GLY H 113 -26.35 -47.22 -10.93
CA GLY H 113 -26.46 -46.65 -12.25
C GLY H 113 -25.30 -45.79 -12.67
N GLY H 114 -24.44 -45.36 -11.75
CA GLY H 114 -23.18 -44.74 -12.14
C GLY H 114 -23.24 -43.35 -12.73
N SER H 115 -24.28 -42.59 -12.44
CA SER H 115 -24.39 -41.26 -13.04
C SER H 115 -23.57 -40.22 -12.29
N THR H 116 -22.97 -39.29 -13.04
CA THR H 116 -22.40 -38.13 -12.36
C THR H 116 -23.49 -37.23 -11.82
N ASN H 117 -24.73 -37.43 -12.21
CA ASN H 117 -25.87 -36.63 -11.73
C ASN H 117 -27.03 -37.52 -11.32
N PRO H 118 -26.88 -38.33 -10.28
CA PRO H 118 -27.98 -39.20 -9.87
C PRO H 118 -29.10 -38.38 -9.27
N PRO H 119 -30.36 -38.68 -9.58
CA PRO H 119 -31.46 -37.94 -8.96
C PRO H 119 -31.59 -38.31 -7.49
N ASN H 120 -32.28 -37.43 -6.75
CA ASN H 120 -32.60 -37.70 -5.36
C ASN H 120 -33.24 -39.08 -5.28
N GLU H 121 -32.90 -39.82 -4.23
CA GLU H 121 -33.36 -41.19 -3.93
C GLU H 121 -32.62 -42.28 -4.71
N THR H 122 -31.59 -41.97 -5.48
CA THR H 122 -30.83 -43.04 -6.11
C THR H 122 -30.25 -43.93 -5.02
N LEU H 123 -30.41 -45.24 -5.17
CA LEU H 123 -29.87 -46.16 -4.19
C LEU H 123 -28.35 -46.21 -4.30
N THR H 124 -27.69 -46.68 -3.24
CA THR H 124 -26.27 -46.96 -3.36
C THR H 124 -26.03 -48.46 -3.32
N VAL H 125 -24.98 -48.88 -4.02
CA VAL H 125 -24.60 -50.27 -4.20
C VAL H 125 -23.08 -50.38 -4.20
N MET H 126 -22.59 -51.60 -3.93
CA MET H 126 -21.18 -51.90 -4.10
C MET H 126 -20.88 -52.16 -5.57
N HIS H 127 -19.75 -51.62 -6.04
CA HIS H 127 -19.31 -52.01 -7.37
C HIS H 127 -17.79 -51.85 -7.42
N GLY H 128 -17.13 -52.74 -8.14
CA GLY H 128 -15.69 -52.77 -8.18
C GLY H 128 -15.07 -51.72 -9.08
N ASP H 129 -15.86 -51.09 -9.95
CA ASP H 129 -15.28 -50.17 -10.90
C ASP H 129 -14.85 -48.88 -10.23
N LYS H 130 -13.85 -48.24 -10.83
CA LYS H 130 -13.36 -46.94 -10.39
C LYS H 130 -13.55 -45.94 -11.52
N HIS H 131 -14.24 -44.85 -11.20
CA HIS H 131 -14.52 -43.76 -12.15
C HIS H 131 -15.04 -42.53 -11.39
N LYS H 132 -15.38 -41.50 -12.12
CA LYS H 132 -15.70 -40.26 -11.41
C LYS H 132 -17.06 -40.31 -10.72
N ALA H 133 -17.94 -41.22 -11.12
CA ALA H 133 -19.25 -41.26 -10.49
C ALA H 133 -19.26 -41.98 -9.16
N MET H 134 -18.16 -42.60 -8.74
CA MET H 134 -18.09 -43.23 -7.42
C MET H 134 -17.19 -42.45 -6.46
N GLU H 135 -16.85 -41.22 -6.79
CA GLU H 135 -16.01 -40.39 -5.93
C GLU H 135 -16.84 -39.66 -4.89
N PHE H 136 -16.32 -39.64 -3.65
CA PHE H 136 -16.94 -38.98 -2.52
C PHE H 136 -15.89 -38.18 -1.76
N ILE H 137 -16.32 -37.05 -1.21
CA ILE H 137 -15.45 -36.26 -0.33
C ILE H 137 -16.18 -36.07 1.00
N PHE H 138 -15.41 -35.77 2.04
CA PHE H 138 -15.93 -35.79 3.41
C PHE H 138 -15.76 -34.37 3.95
N VAL H 139 -16.88 -33.71 4.21
CA VAL H 139 -16.92 -32.27 4.43
C VAL H 139 -17.63 -31.87 5.73
N SER H 140 -17.37 -30.64 6.12
CA SER H 140 -17.93 -30.10 7.36
C SER H 140 -19.43 -29.90 7.26
N PRO H 141 -20.18 -30.24 8.30
CA PRO H 141 -21.60 -29.93 8.27
C PRO H 141 -21.90 -28.44 8.12
N LYS H 142 -21.04 -27.55 8.61
CA LYS H 142 -21.28 -26.11 8.46
C LYS H 142 -20.59 -25.49 7.25
N ASP H 143 -19.91 -26.29 6.42
CA ASP H 143 -19.22 -25.76 5.25
C ASP H 143 -19.05 -26.96 4.31
N LYS H 144 -19.97 -27.08 3.37
CA LYS H 144 -19.98 -28.21 2.45
C LYS H 144 -18.84 -28.17 1.44
N ASP H 145 -17.99 -27.13 1.45
CA ASP H 145 -16.83 -27.13 0.58
C ASP H 145 -15.54 -27.39 1.34
N LYS H 146 -15.62 -27.54 2.65
CA LYS H 146 -14.43 -27.75 3.47
C LYS H 146 -14.26 -29.22 3.77
N ARG H 147 -13.19 -29.81 3.25
CA ARG H 147 -12.92 -31.21 3.55
C ARG H 147 -12.51 -31.31 5.00
N VAL H 148 -12.89 -32.38 5.68
CA VAL H 148 -12.47 -32.57 7.06
C VAL H 148 -11.83 -33.94 7.20
N LEU H 149 -10.93 -34.05 8.17
CA LEU H 149 -10.26 -35.31 8.44
C LEU H 149 -11.21 -36.22 9.21
N VAL H 150 -11.54 -37.37 8.62
CA VAL H 150 -12.48 -38.30 9.22
C VAL H 150 -11.81 -39.30 10.15
N TYR H 151 -10.48 -39.41 10.14
CA TYR H 151 -9.86 -40.37 11.04
C TYR H 151 -9.66 -39.85 12.46
N VAL H 152 -9.60 -38.55 12.69
CA VAL H 152 -9.15 -38.12 13.99
C VAL H 152 -10.46 -37.89 14.74
C1 GLC I . -7.60 30.73 -43.44
C2 GLC I . -7.98 30.23 -42.06
C3 GLC I . -7.90 31.37 -41.06
C4 GLC I . -6.59 32.09 -41.18
C5 GLC I . -6.30 32.46 -42.63
C6 GLC I . -4.98 33.20 -42.85
O1 GLC I . -8.50 31.77 -43.83
O2 GLC I . -9.32 29.73 -42.04
O3 GLC I . -8.05 30.86 -39.74
O4 GLC I . -6.80 33.24 -40.43
O5 GLC I . -6.28 31.26 -43.39
O6 GLC I . -5.13 34.61 -42.65
C1 GAL I . -5.71 33.55 -39.60
C2 GAL I . -6.13 34.81 -38.89
C3 GAL I . -4.90 35.29 -38.17
C4 GAL I . -4.39 34.18 -37.25
C5 GAL I . -4.23 32.86 -38.00
C6 GAL I . -3.81 31.75 -37.07
O2 GAL I . -6.57 35.76 -39.86
O3 GAL I . -5.28 36.42 -37.42
O4 GAL I . -5.29 33.99 -36.15
O5 GAL I . -5.46 32.54 -38.65
O6 GAL I . -3.59 30.59 -37.85
C1 GLC J . 26.58 61.76 -1.49
C2 GLC J . 25.72 62.85 -2.11
C3 GLC J . 25.36 62.52 -3.55
C4 GLC J . 26.60 62.10 -4.34
C5 GLC J . 27.43 61.08 -3.57
C6 GLC J . 28.73 60.84 -4.31
O1 GLC J . 25.89 60.52 -1.41
O2 GLC J . 24.51 62.97 -1.37
O3 GLC J . 24.76 63.67 -4.16
O4 GLC J . 26.22 61.52 -5.59
O5 GLC J . 27.74 61.57 -2.29
O6 GLC J . 29.14 62.07 -4.90
C1 GAL J . 25.18 60.59 -5.35
C2 GAL J . 24.02 60.76 -6.30
C3 GAL J . 22.94 60.07 -5.52
C4 GAL J . 23.31 58.62 -5.28
C5 GAL J . 24.71 58.51 -4.70
C6 GAL J . 25.27 57.10 -4.58
O2 GAL J . 23.71 62.13 -6.56
O3 GAL J . 21.73 60.17 -6.27
O4 GAL J . 23.26 57.97 -6.53
O5 GAL J . 25.57 59.25 -5.54
O6 GAL J . 26.60 57.23 -4.05
C1 GLC K . 42.83 42.19 -11.49
C2 GLC K . 42.51 42.20 -10.02
C3 GLC K . 41.26 41.36 -9.76
C4 GLC K . 40.10 41.70 -10.67
C5 GLC K . 40.53 42.01 -12.12
C6 GLC K . 39.48 42.81 -12.89
O1 GLC K . 42.98 40.83 -11.90
O2 GLC K . 43.61 41.63 -9.32
O3 GLC K . 40.75 41.52 -8.43
O4 GLC K . 39.34 40.50 -10.55
O5 GLC K . 41.73 42.78 -12.17
O6 GLC K . 38.85 43.81 -12.06
C1 GAL K . 37.98 40.63 -10.92
C2 GAL K . 37.76 39.47 -11.85
C3 GAL K . 36.31 39.40 -12.31
C4 GAL K . 35.29 39.87 -11.26
C5 GAL K . 35.84 40.89 -10.26
C6 GAL K . 34.95 41.14 -9.05
O2 GAL K . 38.66 39.62 -12.96
O3 GAL K . 36.10 38.02 -12.64
O4 GAL K . 34.77 38.75 -10.51
O5 GAL K . 37.12 40.48 -9.81
O6 GAL K . 35.44 42.35 -8.45
C1 GLC L . -19.71 25.48 19.03
C2 GLC L . -19.91 26.24 17.72
C3 GLC L . -19.26 25.53 16.54
C4 GLC L . -19.28 24.00 16.61
C5 GLC L . -18.91 23.47 18.01
C6 GLC L . -17.72 22.51 17.97
O1 GLC L . -20.90 24.76 19.36
O2 GLC L . -21.32 26.39 17.45
O3 GLC L . -17.92 26.04 16.41
O4 GLC L . -20.55 23.45 16.16
O5 GLC L . -18.62 24.56 18.90
O6 GLC L . -17.72 21.63 16.85
C1 GAL L . -20.27 22.36 15.28
C2 GAL L . -21.44 21.42 14.94
C3 GAL L . -20.81 20.21 14.24
C4 GAL L . -19.86 20.61 13.08
C5 GAL L . -18.97 21.81 13.49
C6 GAL L . -18.16 22.45 12.38
O2 GAL L . -22.14 21.06 16.12
O3 GAL L . -21.81 19.28 13.77
O4 GAL L . -20.59 20.84 11.87
O5 GAL L . -19.76 22.86 14.06
O6 GAL L . -17.79 23.76 12.83
C1 GLC M . -36.67 -15.35 4.92
C2 GLC M . -36.05 -16.53 4.18
C3 GLC M . -34.60 -16.21 3.90
C4 GLC M . -34.42 -14.83 3.29
C5 GLC M . -35.70 -13.99 3.12
C6 GLC M . -36.26 -14.13 1.70
O1 GLC M . -35.82 -14.99 6.02
O2 GLC M . -36.11 -17.69 5.01
O3 GLC M . -34.01 -17.20 3.05
O4 GLC M . -33.54 -14.18 4.20
O5 GLC M . -36.79 -14.25 4.02
O6 GLC M . -36.53 -12.85 1.11
C1 GAL M . -32.90 -13.09 3.59
C2 GAL M . -31.91 -12.52 4.57
C3 GAL M . -31.64 -11.17 3.99
C4 GAL M . -31.00 -11.33 2.61
C5 GAL M . -31.71 -12.38 1.75
C6 GAL M . -30.85 -12.94 0.63
O2 GAL M . -32.49 -12.45 5.87
O3 GAL M . -30.84 -10.45 4.93
O4 GAL M . -29.62 -11.70 2.74
O5 GAL M . -32.10 -13.51 2.50
O6 GAL M . -31.47 -14.17 0.23
C1 GLC N . -16.49 -19.86 12.85
C2 GLC N . -16.60 -18.41 13.35
C3 GLC N . -15.26 -17.83 13.85
C4 GLC N . -14.01 -18.44 13.22
C5 GLC N . -14.10 -19.94 12.94
C6 GLC N . -12.92 -20.66 13.60
O1 GLC N . -16.41 -19.94 11.43
O2 GLC N . -17.12 -17.57 12.31
O3 GLC N . -15.17 -17.92 15.29
O4 GLC N . -13.68 -17.73 12.01
O5 GLC N . -15.33 -20.49 13.42
O6 GLC N . -12.14 -21.39 12.64
C1 GAL N . -12.27 -17.74 11.83
C2 GAL N . -11.80 -17.01 10.60
C3 GAL N . -10.42 -17.59 10.36
C4 GAL N . -9.54 -17.56 11.61
C5 GAL N . -10.25 -17.58 12.96
C6 GAL N . -9.52 -16.76 14.01
O2 GAL N . -12.70 -17.24 9.50
O3 GAL N . -9.74 -16.80 9.40
O4 GAL N . -8.77 -16.37 11.47
O5 GAL N . -11.59 -17.07 12.89
O6 GAL N . -10.27 -16.79 15.23
C1 GLC O . -14.21 -4.30 30.20
C2 GLC O . -14.59 -3.31 31.30
C3 GLC O . -13.33 -2.88 32.02
C4 GLC O . -12.49 -4.07 32.47
C5 GLC O . -12.42 -5.18 31.41
C6 GLC O . -11.86 -6.48 31.99
O1 GLC O . -13.20 -3.74 29.36
O2 GLC O . -15.23 -2.17 30.71
O3 GLC O . -13.69 -2.13 33.18
O4 GLC O . -11.20 -3.58 32.78
O5 GLC O . -13.69 -5.44 30.85
O6 GLC O . -12.13 -7.58 31.12
C1 GAL O . -10.41 -3.26 31.65
C2 GAL O . -9.75 -1.90 31.82
C3 GAL O . -8.75 -1.61 30.69
C4 GAL O . -7.87 -2.81 30.39
C5 GAL O . -8.75 -4.03 30.25
C6 GAL O . -7.99 -5.29 29.87
O2 GAL O . -10.75 -0.89 31.86
O3 GAL O . -7.91 -0.53 31.05
O4 GAL O . -6.91 -3.01 31.43
O5 GAL O . -9.40 -4.24 31.49
O6 GAL O . -8.97 -6.22 29.40
C1 GLC P . -2.92 -29.73 33.90
C2 GLC P . -3.67 -29.01 32.80
C3 GLC P . -3.50 -27.50 32.86
C4 GLC P . -2.14 -27.09 33.38
C5 GLC P . -1.69 -27.81 34.63
C6 GLC P . -1.64 -26.87 35.82
O1 GLC P . -1.80 -30.43 33.40
O2 GLC P . -3.33 -29.44 31.50
O3 GLC P . -4.51 -27.02 33.72
O4 GLC P . -1.20 -27.41 32.39
O5 GLC P . -2.57 -28.83 34.95
O6 GLC P . -0.37 -26.25 35.88
C1 GAL P . -0.48 -26.25 32.16
C2 GAL P . 0.75 -26.53 31.36
C3 GAL P . 1.52 -25.25 31.50
C4 GAL P . 0.75 -24.16 30.79
C5 GAL P . -0.75 -24.13 31.15
C6 GAL P . -1.59 -23.54 30.05
O2 GAL P . 1.49 -27.59 31.93
O3 GAL P . 2.82 -25.40 31.03
O4 GAL P . 1.01 -24.17 29.40
O5 GAL P . -1.34 -25.37 31.49
O6 GAL P . -2.91 -23.51 30.49
C1 GLC Q . 17.99 -37.90 -15.09
C2 GLC Q . 18.87 -38.39 -13.94
C3 GLC Q . 18.29 -38.07 -12.56
C4 GLC Q . 16.77 -38.25 -12.48
C5 GLC Q . 16.05 -37.70 -13.72
C6 GLC Q . 14.92 -36.72 -13.35
O1 GLC Q . 17.37 -39.04 -15.69
O2 GLC Q . 18.98 -39.82 -14.10
O3 GLC Q . 18.66 -36.75 -12.13
O4 GLC Q . 16.48 -39.63 -12.30
O5 GLC Q . 16.97 -37.02 -14.59
O6 GLC Q . 13.86 -36.78 -14.33
C1 GAL Q . 15.23 -39.74 -11.64
C2 GAL Q . 14.51 -41.02 -12.02
C3 GAL Q . 13.08 -40.78 -11.56
C4 GAL Q . 13.03 -40.46 -10.06
C5 GAL Q . 14.11 -39.45 -9.62
C6 GAL Q . 14.35 -39.49 -8.12
O2 GAL Q . 14.62 -41.21 -13.44
O3 GAL Q . 12.26 -41.91 -11.89
O4 GAL Q . 13.13 -41.65 -9.26
O5 GAL Q . 15.38 -39.70 -10.22
O6 GAL Q . 15.67 -38.95 -7.89
C1 GLC R . -27.46 -50.74 -15.90
C2 GLC R . -27.27 -49.30 -15.43
C3 GLC R . -25.86 -48.89 -15.80
C4 GLC R . -24.97 -49.80 -14.98
C5 GLC R . -25.16 -51.22 -15.53
C6 GLC R . -24.24 -52.33 -15.01
O1 GLC R . -27.11 -50.85 -17.27
O2 GLC R . -28.21 -48.37 -15.97
O3 GLC R . -25.52 -47.54 -15.51
O4 GLC R . -23.71 -49.19 -15.14
O5 GLC R . -26.52 -51.58 -15.25
O6 GLC R . -24.31 -52.45 -13.58
C1 GAL R . -22.95 -49.40 -13.98
C2 GAL R . -21.67 -48.67 -14.20
C3 GAL R . -20.75 -49.22 -13.13
C4 GAL R . -21.36 -48.87 -11.76
C5 GAL R . -22.79 -49.41 -11.69
C6 GAL R . -23.52 -49.03 -10.42
O2 GAL R . -21.24 -48.98 -15.52
O3 GAL R . -19.42 -48.74 -13.36
O4 GAL R . -21.39 -47.45 -11.50
O5 GAL R . -23.57 -48.95 -12.78
O6 GAL R . -24.80 -49.63 -10.60
C1 GLC S . -36.94 -32.51 0.81
C2 GLC S . -37.16 -33.83 0.03
C3 GLC S . -38.30 -34.60 0.68
C4 GLC S . -37.88 -34.38 2.14
C5 GLC S . -38.68 -33.13 2.45
C6 GLC S . -38.76 -32.71 3.91
O1 GLC S . -36.51 -31.43 -0.05
O2 GLC S . -37.35 -33.65 -1.38
O3 GLC S . -38.51 -35.93 0.19
O4 GLC S . -37.82 -35.48 3.07
O5 GLC S . -38.05 -32.10 1.65
O6 GLC S . -40.15 -32.70 4.31
C1 GAL S . -36.75 -36.33 2.59
C2 GAL S . -35.44 -36.45 3.36
C3 GAL S . -34.48 -37.24 2.44
C4 GAL S . -35.10 -38.36 1.60
C5 GAL S . -36.63 -38.39 1.51
C6 GAL S . -37.26 -39.75 1.64
O2 GAL S . -34.83 -35.18 3.70
O3 GAL S . -33.41 -37.90 3.16
O4 GAL S . -34.50 -39.62 1.95
O5 GAL S . -37.29 -37.63 2.52
O6 GAL S . -38.65 -39.46 1.90
C1 GAL T . 15.59 21.81 -36.22
C2 GAL T . 16.67 22.50 -35.40
C3 GAL T . 16.37 22.39 -33.91
C4 GAL T . 14.93 22.79 -33.58
C5 GAL T . 13.94 22.19 -34.58
C6 GAL T . 12.51 22.66 -34.39
O1 GAL T . 15.92 21.93 -37.60
O2 GAL T . 17.92 21.87 -35.69
O3 GAL T . 17.32 23.20 -33.20
O4 GAL T . 14.77 24.22 -33.52
O5 GAL T . 14.34 22.43 -35.93
O6 GAL T . 11.63 21.77 -35.13
C1 GAL U . -5.17 15.26 -22.12
C2 GAL U . -5.10 15.44 -20.60
C3 GAL U . -5.24 16.92 -20.35
C4 GAL U . -4.01 17.61 -20.93
C5 GAL U . -4.07 17.40 -22.44
C6 GAL U . -2.88 18.02 -23.16
O1 GAL U . -5.02 13.92 -22.44
O2 GAL U . -6.16 14.74 -20.00
O3 GAL U . -5.46 17.08 -18.97
O4 GAL U . -2.89 16.99 -20.34
O5 GAL U . -4.16 16.01 -22.76
O6 GAL U . -3.10 18.02 -24.56
C1 GAL V . 27.08 43.27 12.20
C2 GAL V . 25.92 42.30 12.34
C3 GAL V . 25.94 41.31 11.20
C4 GAL V . 26.00 42.05 9.89
C5 GAL V . 27.18 43.00 9.87
C6 GAL V . 27.34 43.69 8.51
O1 GAL V . 27.02 44.21 13.26
O2 GAL V . 26.01 41.57 13.56
O3 GAL V . 24.74 40.53 11.23
O4 GAL V . 24.78 42.80 9.82
O5 GAL V . 27.03 43.93 10.93
O6 GAL V . 28.59 44.37 8.42
C1 GAL W . -16.82 37.25 -4.09
C2 GAL W . -17.95 37.27 -5.11
C3 GAL W . -18.86 36.04 -5.11
C4 GAL W . -18.18 34.78 -4.61
C5 GAL W . -17.29 35.15 -3.45
C6 GAL W . -16.82 33.96 -2.65
O1 GAL W . -15.83 38.13 -4.49
O2 GAL W . -18.70 38.44 -4.77
O3 GAL W . -19.43 35.75 -6.38
O4 GAL W . -17.51 34.11 -5.65
O5 GAL W . -16.26 35.96 -3.90
O6 GAL W . -16.40 34.35 -1.35
C1 GAL X . 1.03 24.60 4.67
C2 GAL X . 1.34 23.16 4.28
C3 GAL X . 0.98 23.10 2.81
C4 GAL X . -0.54 23.29 2.68
C5 GAL X . -0.92 24.62 3.36
C6 GAL X . -2.41 24.74 3.53
O1 GAL X . 1.45 24.84 5.96
O2 GAL X . 2.71 22.89 4.51
O3 GAL X . 1.51 21.93 2.25
O4 GAL X . -1.25 22.20 3.26
O5 GAL X . -0.37 24.75 4.65
O6 GAL X . -2.66 25.43 4.72
C1 GAL Y . -16.54 -24.51 -13.33
C2 GAL Y . -15.21 -23.77 -13.18
C3 GAL Y . -15.19 -23.23 -11.75
C4 GAL Y . -16.34 -22.25 -11.64
C5 GAL Y . -17.64 -23.00 -11.81
C6 GAL Y . -18.79 -22.02 -11.68
O1 GAL Y . -16.59 -24.92 -14.64
O2 GAL Y . -14.16 -24.67 -13.43
O3 GAL Y . -13.91 -22.71 -11.49
O4 GAL Y . -16.29 -21.31 -12.69
O5 GAL Y . -17.64 -23.65 -13.06
O6 GAL Y . -19.98 -22.73 -11.42
C1 GAL Z . -33.53 -9.15 -21.64
C2 GAL Z . -34.68 -8.22 -21.36
C3 GAL Z . -35.62 -8.97 -20.46
C4 GAL Z . -34.98 -10.09 -19.61
C5 GAL Z . -33.55 -9.77 -19.30
C6 GAL Z . -32.83 -10.71 -18.36
O1 GAL Z . -34.11 -10.17 -22.44
O2 GAL Z . -34.31 -6.93 -20.95
O3 GAL Z . -36.44 -9.51 -21.44
O4 GAL Z . -34.94 -11.32 -20.30
O5 GAL Z . -32.86 -9.70 -20.51
O6 GAL Z . -33.37 -12.00 -18.23
C1 GAL AA . 25.43 19.11 -1.91
C2 GAL AA . 25.24 17.97 -2.87
C3 GAL AA . 23.97 17.21 -2.47
C4 GAL AA . 23.83 16.96 -0.95
C5 GAL AA . 24.60 17.96 -0.08
C6 GAL AA . 25.04 17.39 1.25
O1 GAL AA . 26.50 19.87 -2.30
O2 GAL AA . 25.18 18.51 -4.17
O3 GAL AA . 23.92 16.02 -3.22
O4 GAL AA . 24.21 15.63 -0.66
O5 GAL AA . 25.74 18.47 -0.71
O6 GAL AA . 25.71 18.43 1.92
C1 GAL BA . 16.76 23.89 19.80
C2 GAL BA . 15.60 23.32 20.62
C3 GAL BA . 15.90 21.94 21.22
C4 GAL BA . 16.71 21.05 20.28
C5 GAL BA . 17.84 21.83 19.64
C6 GAL BA . 18.70 20.99 18.69
O1 GAL BA . 16.27 25.00 19.06
O2 GAL BA . 15.36 24.24 21.70
O3 GAL BA . 14.66 21.29 21.52
O4 GAL BA . 15.86 20.57 19.24
O5 GAL BA . 17.26 22.91 18.91
O6 GAL BA . 19.83 21.79 18.32
C1 GAL CA . 36.60 8.53 16.99
C2 GAL CA . 37.97 8.84 17.57
C3 GAL CA . 37.76 9.87 18.66
C4 GAL CA . 37.37 11.14 17.91
C5 GAL CA . 35.98 10.87 17.37
C6 GAL CA . 35.48 12.02 16.50
O1 GAL CA . 36.78 7.74 15.83
O2 GAL CA . 38.57 7.64 18.09
O3 GAL CA . 38.93 10.07 19.45
O4 GAL CA . 38.29 11.42 16.87
O5 GAL CA . 35.92 9.71 16.55
O6 GAL CA . 34.37 11.51 15.76
C1 GAL DA . 24.49 -44.11 12.41
C2 GAL DA . 23.24 -44.82 12.88
C3 GAL DA . 22.98 -45.79 11.79
C4 GAL DA . 22.65 -45.00 10.52
C5 GAL DA . 23.44 -43.71 10.29
C6 GAL DA . 22.58 -42.58 9.76
O1 GAL DA . 25.11 -43.39 13.45
O2 GAL DA . 23.52 -45.55 14.03
O3 GAL DA . 22.01 -46.75 12.14
O4 GAL DA . 21.29 -44.73 10.56
O5 GAL DA . 24.19 -43.21 11.38
O6 GAL DA . 23.20 -41.98 8.65
CA CA EA . 20.24 -27.18 19.24
C1 GAL FA . -27.93 -59.39 8.01
C2 GAL FA . -26.77 -59.84 8.90
C3 GAL FA . -26.49 -58.62 9.78
C4 GAL FA . -26.04 -57.45 8.91
C5 GAL FA . -27.09 -57.24 7.82
C6 GAL FA . -26.76 -56.19 6.79
O1 GAL FA . -28.49 -60.41 7.27
O2 GAL FA . -27.11 -60.97 9.66
O3 GAL FA . -25.59 -59.01 10.79
O4 GAL FA . -24.81 -57.80 8.37
O5 GAL FA . -27.35 -58.44 7.14
O6 GAL FA . -27.87 -56.13 5.93
#